data_5UGS
#
_entry.id   5UGS
#
_cell.length_a   91.920
_cell.length_b   130.359
_cell.length_c   176.360
_cell.angle_alpha   90.00
_cell.angle_beta   90.00
_cell.angle_gamma   90.00
#
_symmetry.space_group_name_H-M   'P 21 2 21'
#
loop_
_entity.id
_entity.type
_entity.pdbx_description
1 polymer 'Enoyl-[acyl-carrier-protein] reductase [NADH]'
2 non-polymer NICOTINAMIDE-ADENINE-DINUCLEOTIDE
3 non-polymer 5-[(4-cyclopropyl-1,2,3-triazol-1-yl)methyl]-2-(2-methylphenoxy)phenol
4 non-polymer 'CHLORIDE ION'
5 non-polymer 'SODIUM ION'
6 water water
#
_entity_poly.entity_id   1
_entity_poly.type   'polypeptide(L)'
_entity_poly.pdbx_seq_one_letter_code
;MGSSHHHHHHSSGLVPRGSHMTGLLDGKRILVSGIITDSSIAFHIARVAQEQGAQLVLTGFDRLRLIQRITDRLPAKAPL
LELDVQNEEHLASLAGRVTEAIGAGNKLDGVVHSIGFMPQTGMGINPFFDAPYADVSKGIHISAYSYASMAKALLPIMNP
GGSIVGMDFDPSRAMPAYNWMTVAKSALESVNRFVAREAGKYGVRSNLVAAGPIRTLAMSAIVGGALGEEAGAQIQLLEE
GWDQRAPIGWNMKDATPVAKTVCALLSDWLPATTGDIIYADGGAHTQLL
;
_entity_poly.pdbx_strand_id   A,B,E,G,C,D
#
loop_
_chem_comp.id
_chem_comp.type
_chem_comp.name
_chem_comp.formula
CL non-polymer 'CHLORIDE ION' 'Cl -1'
NA non-polymer 'SODIUM ION' 'Na 1'
NAD non-polymer NICOTINAMIDE-ADENINE-DINUCLEOTIDE 'C21 H27 N7 O14 P2'
XT5 non-polymer 5-[(4-cyclopropyl-1,2,3-triazol-1-yl)methyl]-2-(2-methylphenoxy)phenol 'C19 H19 N3 O2'
#
# COMPACT_ATOMS: atom_id res chain seq x y z
N THR A 22 -14.03 -13.37 53.41
CA THR A 22 -13.05 -12.41 52.78
C THR A 22 -12.10 -13.15 51.76
N GLY A 23 -11.24 -14.06 52.26
CA GLY A 23 -10.24 -14.66 51.42
C GLY A 23 -10.76 -15.28 50.13
N LEU A 24 -10.21 -14.85 49.01
CA LEU A 24 -10.42 -15.49 47.73
C LEU A 24 -9.94 -16.94 47.75
N LEU A 25 -8.96 -17.25 48.60
CA LEU A 25 -8.40 -18.58 48.69
C LEU A 25 -8.56 -19.22 50.07
N ASP A 26 -9.64 -18.87 50.78
CA ASP A 26 -9.86 -19.37 52.15
C ASP A 26 -9.78 -20.86 52.26
N GLY A 27 -8.98 -21.31 53.23
CA GLY A 27 -8.73 -22.75 53.45
C GLY A 27 -8.32 -23.54 52.22
N LYS A 28 -7.59 -22.92 51.31
CA LYS A 28 -6.97 -23.65 50.22
C LYS A 28 -5.54 -23.91 50.64
N ARG A 29 -5.08 -25.13 50.42
CA ARG A 29 -3.67 -25.45 50.67
C ARG A 29 -2.93 -25.37 49.34
N ILE A 30 -1.94 -24.49 49.25
CA ILE A 30 -1.27 -24.22 48.00
C ILE A 30 0.25 -24.32 48.10
N LEU A 31 0.88 -24.96 47.11
CA LEU A 31 2.34 -25.07 47.04
C LEU A 31 2.93 -24.00 46.16
N VAL A 32 3.88 -23.22 46.66
CA VAL A 32 4.52 -22.19 45.86
C VAL A 32 6.02 -22.40 45.75
N SER A 33 6.46 -22.67 44.53
CA SER A 33 7.88 -22.83 44.26
C SER A 33 8.46 -21.54 43.75
N GLY A 34 9.78 -21.41 43.76
CA GLY A 34 10.48 -20.38 42.96
C GLY A 34 10.77 -19.05 43.61
N ILE A 35 10.77 -19.03 44.95
CA ILE A 35 11.22 -17.85 45.70
C ILE A 35 12.75 -17.90 45.82
N ILE A 36 13.39 -16.75 45.57
CA ILE A 36 14.82 -16.59 45.81
C ILE A 36 15.15 -15.21 46.41
N THR A 37 14.46 -14.16 45.95
CA THR A 37 14.48 -12.86 46.61
C THR A 37 13.06 -12.42 46.88
N ASP A 38 12.92 -11.29 47.58
CA ASP A 38 11.59 -10.71 47.75
C ASP A 38 11.08 -9.89 46.52
N SER A 39 11.88 -9.82 45.46
CA SER A 39 11.44 -9.32 44.15
C SER A 39 10.84 -10.40 43.25
N SER A 40 11.20 -11.67 43.51
CA SER A 40 10.69 -12.84 42.79
C SER A 40 9.17 -12.79 42.63
N ILE A 41 8.69 -13.24 41.47
CA ILE A 41 7.26 -13.28 41.23
C ILE A 41 6.62 -14.20 42.27
N ALA A 42 7.24 -15.35 42.49
CA ALA A 42 6.78 -16.30 43.49
C ALA A 42 6.57 -15.69 44.86
N PHE A 43 7.45 -14.79 45.27
CA PHE A 43 7.31 -14.19 46.61
C PHE A 43 5.99 -13.43 46.71
N HIS A 44 5.66 -12.71 45.64
CA HIS A 44 4.47 -11.88 45.59
C HIS A 44 3.21 -12.71 45.38
N ILE A 45 3.31 -13.79 44.60
CA ILE A 45 2.24 -14.78 44.54
C ILE A 45 1.87 -15.26 45.94
N ALA A 46 2.91 -15.72 46.65
CA ALA A 46 2.77 -16.20 48.02
C ALA A 46 2.20 -15.16 48.97
N ARG A 47 2.69 -13.92 48.86
CA ARG A 47 2.21 -12.88 49.74
C ARG A 47 0.70 -12.67 49.54
N VAL A 48 0.29 -12.59 48.28
CA VAL A 48 -1.09 -12.24 47.99
C VAL A 48 -2.01 -13.41 48.38
N ALA A 49 -1.54 -14.63 48.08
CA ALA A 49 -2.25 -15.82 48.44
C ALA A 49 -2.52 -15.89 49.94
N GLN A 50 -1.53 -15.53 50.74
CA GLN A 50 -1.68 -15.55 52.19
C GLN A 50 -2.66 -14.50 52.66
N GLU A 51 -2.58 -13.28 52.09
CA GLU A 51 -3.54 -12.20 52.37
C GLU A 51 -4.94 -12.67 52.07
N GLN A 52 -5.08 -13.57 51.11
CA GLN A 52 -6.37 -14.12 50.73
C GLN A 52 -6.73 -15.46 51.41
N GLY A 53 -6.10 -15.78 52.54
CA GLY A 53 -6.53 -16.88 53.40
C GLY A 53 -6.02 -18.27 53.07
N ALA A 54 -4.94 -18.36 52.31
CA ALA A 54 -4.42 -19.66 51.91
C ALA A 54 -3.38 -20.14 52.89
N GLN A 55 -3.35 -21.45 53.15
CA GLN A 55 -2.23 -22.07 53.86
C GLN A 55 -1.22 -22.50 52.80
N LEU A 56 0.02 -22.10 52.97
CA LEU A 56 1.05 -22.35 51.98
C LEU A 56 2.05 -23.40 52.39
N VAL A 57 2.59 -24.05 51.38
CA VAL A 57 3.84 -24.84 51.49
C VAL A 57 4.80 -24.30 50.43
N LEU A 58 6.02 -23.99 50.81
CA LEU A 58 6.98 -23.39 49.89
C LEU A 58 8.06 -24.34 49.52
N THR A 59 8.60 -24.20 48.32
CA THR A 59 9.79 -24.93 47.91
C THR A 59 10.83 -23.94 47.44
N GLY A 60 12.09 -24.33 47.59
CA GLY A 60 13.26 -23.52 47.24
C GLY A 60 14.40 -24.36 46.70
N PHE A 61 15.29 -23.74 45.93
CA PHE A 61 16.44 -24.41 45.30
C PHE A 61 17.76 -23.88 45.88
N ASP A 62 18.61 -24.81 46.33
CA ASP A 62 20.06 -24.54 46.60
C ASP A 62 20.36 -23.68 47.85
N ARG A 63 19.94 -22.41 47.88
CA ARG A 63 20.20 -21.51 49.01
C ARG A 63 19.08 -21.49 50.03
N LEU A 64 18.93 -22.60 50.74
CA LEU A 64 17.82 -22.75 51.71
C LEU A 64 17.85 -21.83 52.94
N ARG A 65 19.02 -21.55 53.48
CA ARG A 65 19.05 -20.65 54.64
C ARG A 65 18.67 -19.24 54.20
N LEU A 66 19.16 -18.85 53.02
CA LEU A 66 18.83 -17.53 52.47
C LEU A 66 17.33 -17.43 52.15
N ILE A 67 16.79 -18.45 51.51
CA ILE A 67 15.37 -18.45 51.17
C ILE A 67 14.53 -18.38 52.44
N GLN A 68 14.93 -19.14 53.45
CA GLN A 68 14.24 -19.16 54.74
C GLN A 68 14.11 -17.76 55.36
N ARG A 69 15.20 -17.00 55.29
CA ARG A 69 15.23 -15.64 55.86
C ARG A 69 14.34 -14.70 55.06
N ILE A 70 14.21 -14.97 53.75
CA ILE A 70 13.35 -14.20 52.85
C ILE A 70 11.88 -14.53 53.13
N THR A 71 11.55 -15.81 53.26
CA THR A 71 10.17 -16.21 53.48
C THR A 71 9.63 -15.81 54.85
N ASP A 72 10.48 -15.58 55.85
CA ASP A 72 10.00 -15.07 57.16
C ASP A 72 9.37 -13.69 57.03
N ARG A 73 9.77 -12.95 55.98
CA ARG A 73 9.16 -11.66 55.66
C ARG A 73 7.75 -11.73 55.06
N LEU A 74 7.28 -12.93 54.68
CA LEU A 74 5.89 -13.08 54.24
C LEU A 74 4.95 -12.82 55.42
N PRO A 75 3.68 -12.49 55.16
CA PRO A 75 2.76 -12.15 56.25
C PRO A 75 2.55 -13.26 57.28
N ALA A 76 2.70 -14.52 56.86
CA ALA A 76 2.51 -15.68 57.75
C ALA A 76 3.58 -16.77 57.55
N LYS A 77 3.85 -17.47 58.64
CA LYS A 77 4.76 -18.63 58.64
C LYS A 77 4.27 -19.68 57.64
N ALA A 78 5.20 -20.35 56.96
CA ALA A 78 4.86 -21.43 56.05
C ALA A 78 6.00 -22.41 55.95
N PRO A 79 5.72 -23.71 55.90
CA PRO A 79 6.82 -24.65 55.75
C PRO A 79 7.59 -24.52 54.45
N LEU A 80 8.90 -24.78 54.51
CA LEU A 80 9.80 -24.65 53.37
C LEU A 80 10.51 -25.94 53.08
N LEU A 81 10.37 -26.45 51.86
CA LEU A 81 10.97 -27.74 51.46
C LEU A 81 12.00 -27.51 50.39
N GLU A 82 12.97 -28.41 50.30
CA GLU A 82 13.97 -28.32 49.27
C GLU A 82 13.42 -29.04 48.03
N LEU A 83 13.52 -28.34 46.87
CA LEU A 83 13.20 -28.94 45.58
C LEU A 83 14.08 -28.37 44.47
N ASP A 84 14.99 -29.22 44.00
CA ASP A 84 15.79 -29.00 42.82
C ASP A 84 15.09 -29.88 41.80
N VAL A 85 14.47 -29.29 40.79
CA VAL A 85 13.67 -30.06 39.81
C VAL A 85 14.46 -30.97 38.87
N GLN A 86 15.81 -30.88 38.89
CA GLN A 86 16.64 -31.83 38.13
C GLN A 86 16.98 -33.14 38.90
N ASN A 87 16.65 -33.14 40.19
CA ASN A 87 16.95 -34.19 41.11
C ASN A 87 15.79 -35.19 41.25
N GLU A 88 15.95 -36.37 40.66
CA GLU A 88 14.86 -37.36 40.72
C GLU A 88 14.43 -37.71 42.15
N GLU A 89 15.37 -37.74 43.08
CA GLU A 89 15.05 -38.12 44.47
C GLU A 89 14.15 -37.10 45.15
N HIS A 90 14.39 -35.81 44.88
CA HIS A 90 13.51 -34.79 45.43
C HIS A 90 12.08 -34.94 44.89
N LEU A 91 11.97 -35.14 43.58
CA LEU A 91 10.69 -35.32 42.98
C LEU A 91 9.97 -36.56 43.50
N ALA A 92 10.69 -37.68 43.63
CA ALA A 92 10.08 -38.91 44.14
C ALA A 92 9.57 -38.74 45.58
N SER A 93 10.28 -37.94 46.40
CA SER A 93 9.95 -37.79 47.80
C SER A 93 9.05 -36.61 48.12
N LEU A 94 8.77 -35.78 47.10
CA LEU A 94 8.12 -34.50 47.34
C LEU A 94 6.73 -34.67 47.91
N ALA A 95 5.93 -35.49 47.24
CA ALA A 95 4.55 -35.71 47.66
C ALA A 95 4.51 -36.09 49.16
N GLY A 96 5.37 -37.03 49.55
CA GLY A 96 5.47 -37.45 50.95
C GLY A 96 5.81 -36.33 51.92
N ARG A 97 6.83 -35.55 51.56
CA ARG A 97 7.28 -34.45 52.41
C ARG A 97 6.20 -33.37 52.54
N VAL A 98 5.40 -33.20 51.49
CA VAL A 98 4.32 -32.21 51.50
C VAL A 98 3.21 -32.71 52.41
N THR A 99 2.82 -33.98 52.20
CA THR A 99 1.82 -34.63 53.04
C THR A 99 2.17 -34.46 54.53
N GLU A 100 3.46 -34.58 54.84
CA GLU A 100 3.95 -34.43 56.22
C GLU A 100 3.74 -33.03 56.73
N ALA A 101 4.00 -32.05 55.87
CA ALA A 101 3.92 -30.63 56.23
C ALA A 101 2.48 -30.16 56.47
N ILE A 102 1.54 -30.66 55.66
CA ILE A 102 0.12 -30.25 55.74
C ILE A 102 -0.77 -31.21 56.54
N GLY A 103 -0.18 -32.35 56.96
CA GLY A 103 -0.92 -33.33 57.79
C GLY A 103 -1.61 -34.40 56.95
N ALA A 104 -1.55 -35.65 57.41
CA ALA A 104 -2.07 -36.81 56.64
C ALA A 104 -3.57 -36.66 56.40
N GLY A 105 -4.03 -37.17 55.24
CA GLY A 105 -5.42 -37.02 54.84
C GLY A 105 -5.84 -35.61 54.43
N ASN A 106 -4.87 -34.70 54.30
CA ASN A 106 -5.09 -33.42 53.67
C ASN A 106 -4.33 -33.34 52.33
N LYS A 107 -4.83 -32.46 51.47
CA LYS A 107 -4.28 -32.36 50.15
C LYS A 107 -4.17 -30.93 49.70
N LEU A 108 -3.43 -30.76 48.61
CA LEU A 108 -3.26 -29.49 47.96
C LEU A 108 -4.48 -29.21 47.09
N ASP A 109 -4.84 -27.93 47.07
CA ASP A 109 -5.79 -27.38 46.09
C ASP A 109 -5.09 -26.59 44.98
N GLY A 110 -3.85 -26.17 45.22
CA GLY A 110 -3.10 -25.39 44.27
C GLY A 110 -1.64 -25.71 44.24
N VAL A 111 -1.03 -25.57 43.06
CA VAL A 111 0.42 -25.71 42.84
C VAL A 111 0.89 -24.60 41.90
N VAL A 112 1.96 -23.91 42.26
CA VAL A 112 2.50 -22.81 41.45
C VAL A 112 3.92 -23.11 41.06
N HIS A 113 4.15 -23.18 39.76
CA HIS A 113 5.46 -23.37 39.17
C HIS A 113 5.96 -22.00 38.75
N SER A 114 6.92 -21.46 39.49
CA SER A 114 7.52 -20.17 39.17
C SER A 114 9.04 -20.35 39.09
N ILE A 115 9.47 -21.13 38.10
CA ILE A 115 10.85 -21.59 38.04
C ILE A 115 11.39 -21.44 36.63
N GLY A 116 12.67 -21.10 36.55
CA GLY A 116 13.35 -21.02 35.28
C GLY A 116 14.85 -20.89 35.41
N PHE A 117 15.54 -21.30 34.35
CA PHE A 117 16.98 -21.20 34.27
C PHE A 117 17.44 -21.38 32.83
N MET A 118 18.47 -20.63 32.46
CA MET A 118 19.16 -20.84 31.18
C MET A 118 20.60 -20.37 31.35
N PRO A 119 21.58 -21.21 31.01
CA PRO A 119 22.98 -20.79 31.05
C PRO A 119 23.23 -19.53 30.28
N GLN A 120 24.22 -18.75 30.72
CA GLN A 120 24.60 -17.48 30.06
C GLN A 120 24.75 -17.57 28.54
N THR A 121 25.16 -18.74 28.07
CA THR A 121 25.38 -18.96 26.64
C THR A 121 24.11 -18.87 25.80
N GLY A 122 22.97 -19.11 26.41
CA GLY A 122 21.69 -19.10 25.71
C GLY A 122 20.88 -17.80 25.84
N MET A 123 21.52 -16.72 26.27
CA MET A 123 20.83 -15.48 26.52
C MET A 123 21.70 -14.30 26.21
N GLY A 124 21.08 -13.14 26.03
CA GLY A 124 21.78 -11.85 25.95
C GLY A 124 22.53 -11.69 24.65
N ILE A 125 23.70 -11.04 24.71
CA ILE A 125 24.47 -10.77 23.48
C ILE A 125 25.18 -12.00 22.92
N ASN A 126 25.25 -13.08 23.68
CA ASN A 126 25.93 -14.30 23.21
C ASN A 126 25.21 -14.81 21.94
N PRO A 127 25.91 -14.95 20.83
CA PRO A 127 25.23 -15.36 19.61
C PRO A 127 24.35 -16.63 19.77
N PHE A 128 23.16 -16.55 19.21
CA PHE A 128 22.19 -17.64 19.28
C PHE A 128 22.78 -18.99 18.88
N PHE A 129 23.54 -19.00 17.78
CA PHE A 129 24.13 -20.23 17.25
C PHE A 129 25.26 -20.85 18.06
N ASP A 130 25.81 -20.10 19.02
CA ASP A 130 26.99 -20.56 19.80
C ASP A 130 26.58 -21.21 21.11
N ALA A 131 25.31 -21.30 21.43
CA ALA A 131 24.90 -22.00 22.64
C ALA A 131 24.89 -23.51 22.41
N PRO A 132 25.77 -24.22 23.12
CA PRO A 132 25.83 -25.68 22.88
C PRO A 132 24.61 -26.39 23.44
N TYR A 133 24.23 -27.52 22.86
CA TYR A 133 23.01 -28.17 23.28
C TYR A 133 23.02 -28.59 24.76
N ALA A 134 24.16 -28.95 25.29
CA ALA A 134 24.22 -29.32 26.70
C ALA A 134 23.63 -28.21 27.56
N ASP A 135 23.93 -26.95 27.21
CA ASP A 135 23.42 -25.77 27.94
C ASP A 135 21.92 -25.54 27.70
N VAL A 136 21.51 -25.56 26.42
CA VAL A 136 20.12 -25.38 26.10
C VAL A 136 19.27 -26.44 26.80
N SER A 137 19.76 -27.68 26.81
CA SER A 137 19.07 -28.82 27.43
C SER A 137 18.81 -28.65 28.91
N LYS A 138 19.80 -28.11 29.60
CA LYS A 138 19.63 -27.85 31.00
C LYS A 138 18.49 -26.86 31.21
N GLY A 139 18.42 -25.84 30.37
CA GLY A 139 17.42 -24.79 30.51
C GLY A 139 15.99 -25.26 30.23
N ILE A 140 15.85 -26.06 29.19
CA ILE A 140 14.58 -26.67 28.85
C ILE A 140 14.16 -27.64 29.95
N HIS A 141 15.12 -28.37 30.52
CA HIS A 141 14.84 -29.30 31.62
C HIS A 141 14.19 -28.54 32.77
N ILE A 142 14.85 -27.48 33.22
CA ILE A 142 14.38 -26.73 34.38
C ILE A 142 13.14 -25.90 34.08
N SER A 143 13.11 -25.26 32.90
CA SER A 143 12.08 -24.27 32.58
C SER A 143 10.83 -24.85 31.98
N ALA A 144 10.91 -26.02 31.34
CA ALA A 144 9.79 -26.62 30.61
C ALA A 144 9.40 -28.00 31.10
N TYR A 145 10.32 -28.95 31.05
CA TYR A 145 10.08 -30.34 31.53
C TYR A 145 9.61 -30.38 32.99
N SER A 146 10.18 -29.53 33.83
CA SER A 146 9.89 -29.54 35.26
C SER A 146 8.43 -29.25 35.57
N TYR A 147 7.74 -28.54 34.66
CA TYR A 147 6.31 -28.31 34.81
C TYR A 147 5.55 -29.65 34.84
N ALA A 148 5.92 -30.55 33.92
CA ALA A 148 5.37 -31.90 33.91
C ALA A 148 5.79 -32.73 35.11
N SER A 149 7.06 -32.70 35.47
CA SER A 149 7.51 -33.56 36.58
C SER A 149 6.95 -33.09 37.92
N MET A 150 6.74 -31.79 38.08
CA MET A 150 6.06 -31.29 39.30
C MET A 150 4.64 -31.78 39.35
N ALA A 151 3.95 -31.63 38.22
CA ALA A 151 2.59 -32.12 38.09
C ALA A 151 2.47 -33.63 38.42
N LYS A 152 3.38 -34.42 37.87
CA LYS A 152 3.40 -35.88 38.09
C LYS A 152 3.53 -36.25 39.55
N ALA A 153 4.40 -35.52 40.23
CA ALA A 153 4.67 -35.71 41.62
C ALA A 153 3.53 -35.31 42.54
N LEU A 154 2.81 -34.23 42.17
CA LEU A 154 1.83 -33.59 43.07
C LEU A 154 0.34 -33.86 42.80
N LEU A 155 -0.05 -34.11 41.55
CA LEU A 155 -1.42 -34.49 41.27
C LEU A 155 -1.96 -35.62 42.19
N PRO A 156 -1.15 -36.66 42.48
CA PRO A 156 -1.66 -37.71 43.38
C PRO A 156 -2.06 -37.23 44.77
N ILE A 157 -1.65 -36.03 45.16
CA ILE A 157 -2.10 -35.41 46.43
C ILE A 157 -2.85 -34.08 46.20
N MET A 158 -3.61 -34.02 45.12
CA MET A 158 -4.41 -32.85 44.80
C MET A 158 -5.91 -33.17 44.78
N ASN A 159 -6.64 -32.38 45.53
CA ASN A 159 -8.09 -32.41 45.51
C ASN A 159 -8.71 -32.11 44.15
N PRO A 160 -9.89 -32.70 43.89
CA PRO A 160 -10.66 -32.23 42.76
C PRO A 160 -10.98 -30.73 42.92
N GLY A 161 -11.08 -30.01 41.81
CA GLY A 161 -11.33 -28.59 41.80
C GLY A 161 -10.06 -27.75 41.86
N GLY A 162 -8.92 -28.41 41.95
CA GLY A 162 -7.62 -27.76 42.19
C GLY A 162 -7.00 -27.16 40.93
N SER A 163 -5.93 -26.39 41.13
CA SER A 163 -5.37 -25.61 40.04
C SER A 163 -3.85 -25.63 40.08
N ILE A 164 -3.23 -25.97 38.94
CA ILE A 164 -1.79 -25.84 38.74
C ILE A 164 -1.59 -24.62 37.86
N VAL A 165 -0.60 -23.79 38.20
CA VAL A 165 -0.27 -22.61 37.47
C VAL A 165 1.22 -22.47 37.24
N GLY A 166 1.60 -22.07 36.04
CA GLY A 166 3.01 -21.84 35.67
C GLY A 166 3.23 -20.44 35.08
N MET A 167 4.47 -19.94 35.11
CA MET A 167 4.76 -18.61 34.59
C MET A 167 5.40 -18.68 33.20
N ASP A 168 4.91 -17.82 32.33
CA ASP A 168 5.25 -17.77 30.92
C ASP A 168 5.64 -16.36 30.52
N PHE A 169 6.44 -16.25 29.47
CA PHE A 169 6.77 -14.98 28.85
C PHE A 169 6.57 -15.16 27.38
N ASP A 170 5.66 -14.38 26.79
CA ASP A 170 5.17 -14.59 25.44
C ASP A 170 6.25 -14.88 24.41
N PRO A 171 6.37 -16.16 24.00
CA PRO A 171 7.40 -16.61 23.09
C PRO A 171 6.93 -16.76 21.67
N SER A 172 5.75 -16.23 21.37
CA SER A 172 5.13 -16.46 20.06
CA SER A 172 5.13 -16.46 20.06
C SER A 172 5.82 -15.74 18.91
N ARG A 173 6.56 -14.69 19.23
CA ARG A 173 7.47 -14.03 18.30
C ARG A 173 8.85 -13.98 18.89
N ALA A 174 9.85 -14.08 18.03
CA ALA A 174 11.26 -14.02 18.45
C ALA A 174 11.62 -12.62 18.88
N MET A 175 12.67 -12.47 19.65
CA MET A 175 13.05 -11.17 20.19
C MET A 175 14.53 -11.10 20.56
N PRO A 176 15.08 -9.90 20.71
CA PRO A 176 16.47 -9.85 21.11
C PRO A 176 16.67 -10.36 22.54
N ALA A 177 17.79 -11.02 22.79
CA ALA A 177 18.25 -11.37 24.14
C ALA A 177 17.57 -12.56 24.84
N TYR A 178 16.25 -12.69 24.75
CA TYR A 178 15.58 -13.82 25.41
C TYR A 178 16.06 -15.16 24.77
N ASN A 179 16.47 -15.09 23.51
CA ASN A 179 17.11 -16.20 22.80
C ASN A 179 16.58 -17.59 23.14
N TRP A 180 17.42 -18.45 23.72
CA TRP A 180 17.04 -19.82 23.95
C TRP A 180 16.03 -19.97 25.07
N MET A 181 15.82 -18.95 25.89
CA MET A 181 14.75 -19.04 26.89
C MET A 181 13.38 -18.92 26.22
N THR A 182 13.33 -18.18 25.10
CA THR A 182 12.12 -18.11 24.28
C THR A 182 11.73 -19.49 23.83
N VAL A 183 12.72 -20.28 23.42
CA VAL A 183 12.47 -21.64 22.95
C VAL A 183 11.98 -22.49 24.11
N ALA A 184 12.57 -22.36 25.28
CA ALA A 184 12.09 -23.06 26.45
C ALA A 184 10.65 -22.69 26.77
N LYS A 185 10.28 -21.42 26.66
CA LYS A 185 8.90 -21.01 26.92
C LYS A 185 7.93 -21.55 25.87
N SER A 186 8.36 -21.62 24.61
CA SER A 186 7.51 -22.22 23.57
C SER A 186 7.27 -23.69 23.92
N ALA A 187 8.31 -24.35 24.43
CA ALA A 187 8.19 -25.71 24.88
C ALA A 187 7.23 -25.79 26.07
N LEU A 188 7.37 -24.89 27.02
CA LEU A 188 6.50 -24.86 28.19
C LEU A 188 5.01 -24.77 27.84
N GLU A 189 4.67 -23.88 26.92
CA GLU A 189 3.30 -23.74 26.47
C GLU A 189 2.73 -25.07 25.94
N SER A 190 3.55 -25.81 25.22
CA SER A 190 3.16 -27.11 24.69
C SER A 190 3.02 -28.14 25.83
N VAL A 191 3.94 -28.14 26.77
CA VAL A 191 3.84 -29.01 27.90
C VAL A 191 2.58 -28.71 28.72
N ASN A 192 2.28 -27.44 28.93
CA ASN A 192 1.11 -27.06 29.73
C ASN A 192 -0.18 -27.69 29.18
N ARG A 193 -0.32 -27.69 27.86
CA ARG A 193 -1.48 -28.29 27.25
C ARG A 193 -1.62 -29.82 27.48
N PHE A 194 -0.49 -30.54 27.53
CA PHE A 194 -0.48 -31.98 27.84
C PHE A 194 -0.69 -32.27 29.31
N VAL A 195 -0.18 -31.39 30.15
CA VAL A 195 -0.40 -31.52 31.57
C VAL A 195 -1.88 -31.35 31.88
N ALA A 196 -2.55 -30.48 31.12
CA ALA A 196 -3.98 -30.26 31.30
C ALA A 196 -4.78 -31.55 31.13
N ARG A 197 -4.38 -32.36 30.17
CA ARG A 197 -5.02 -33.65 29.91
C ARG A 197 -4.88 -34.61 31.08
N GLU A 198 -3.70 -34.63 31.66
CA GLU A 198 -3.42 -35.51 32.76
C GLU A 198 -4.14 -34.99 33.98
N ALA A 199 -4.01 -33.69 34.21
CA ALA A 199 -4.64 -33.04 35.36
C ALA A 199 -6.15 -33.17 35.35
N GLY A 200 -6.70 -33.14 34.15
CA GLY A 200 -8.14 -33.36 33.94
C GLY A 200 -8.71 -34.60 34.62
N LYS A 201 -7.98 -35.68 34.59
CA LYS A 201 -8.42 -36.94 35.20
C LYS A 201 -8.58 -36.83 36.71
N TYR A 202 -7.90 -35.86 37.34
CA TYR A 202 -8.02 -35.58 38.78
C TYR A 202 -9.00 -34.43 39.10
N GLY A 203 -9.68 -33.88 38.08
CA GLY A 203 -10.52 -32.69 38.23
C GLY A 203 -9.70 -31.44 38.50
N VAL A 204 -8.54 -31.36 37.83
CA VAL A 204 -7.57 -30.31 38.10
C VAL A 204 -7.21 -29.57 36.79
N ARG A 205 -7.11 -28.25 36.93
CA ARG A 205 -6.83 -27.36 35.83
C ARG A 205 -5.34 -27.08 35.79
N SER A 206 -4.81 -26.87 34.59
CA SER A 206 -3.43 -26.47 34.41
C SER A 206 -3.39 -25.28 33.45
N ASN A 207 -2.80 -24.17 33.89
CA ASN A 207 -2.71 -22.97 33.06
C ASN A 207 -1.43 -22.22 33.27
N LEU A 208 -1.10 -21.34 32.32
CA LEU A 208 0.08 -20.47 32.42
C LEU A 208 -0.37 -19.04 32.54
N VAL A 209 0.43 -18.23 33.24
CA VAL A 209 0.27 -16.80 33.20
C VAL A 209 1.42 -16.25 32.41
N ALA A 210 1.13 -15.63 31.27
CA ALA A 210 2.09 -14.91 30.48
C ALA A 210 2.18 -13.52 31.10
N ALA A 211 3.20 -13.29 31.94
CA ALA A 211 3.36 -12.01 32.61
C ALA A 211 4.13 -11.09 31.72
N GLY A 212 3.86 -9.80 31.89
CA GLY A 212 4.75 -8.78 31.38
C GLY A 212 6.04 -8.79 32.17
N PRO A 213 7.00 -7.93 31.79
CA PRO A 213 8.29 -7.95 32.44
C PRO A 213 8.26 -7.40 33.87
N ILE A 214 8.94 -8.11 34.77
CA ILE A 214 9.04 -7.75 36.18
C ILE A 214 10.49 -7.74 36.58
N ARG A 215 10.89 -6.69 37.25
CA ARG A 215 12.27 -6.53 37.70
C ARG A 215 12.58 -7.51 38.85
N THR A 216 13.18 -8.64 38.47
CA THR A 216 13.56 -9.70 39.38
C THR A 216 15.03 -10.01 39.24
N LEU A 217 15.51 -10.88 40.15
CA LEU A 217 16.88 -11.35 40.06
C LEU A 217 17.27 -11.90 38.68
N ALA A 218 16.47 -12.83 38.20
CA ALA A 218 16.67 -13.46 36.89
C ALA A 218 16.71 -12.45 35.76
N MET A 219 15.84 -11.46 35.81
CA MET A 219 15.79 -10.47 34.77
CA MET A 219 15.79 -10.47 34.77
C MET A 219 17.08 -9.74 34.63
N SER A 220 17.66 -9.39 35.76
CA SER A 220 18.96 -8.69 35.71
C SER A 220 20.14 -9.60 35.29
N ALA A 221 19.96 -10.90 35.50
CA ALA A 221 20.93 -11.88 35.04
C ALA A 221 20.91 -12.19 33.54
N ILE A 222 19.89 -11.75 32.86
CA ILE A 222 19.73 -12.04 31.46
C ILE A 222 20.84 -11.42 30.57
N VAL A 223 21.10 -10.15 30.77
CA VAL A 223 22.13 -9.49 30.05
C VAL A 223 23.25 -9.17 31.03
N GLY A 224 24.38 -9.84 30.81
CA GLY A 224 25.64 -9.47 31.38
C GLY A 224 25.80 -9.68 32.87
N GLY A 225 24.90 -10.45 33.50
CA GLY A 225 24.99 -10.67 34.92
C GLY A 225 24.63 -9.47 35.82
N ALA A 226 23.99 -9.86 36.95
CA ALA A 226 23.45 -8.92 37.89
C ALA A 226 24.64 -8.21 38.38
N LEU A 227 24.47 -7.02 38.97
CA LEU A 227 25.60 -6.20 39.53
C LEU A 227 26.21 -5.24 38.47
N GLY A 228 25.90 -5.51 37.19
CA GLY A 228 26.27 -4.66 36.12
C GLY A 228 25.26 -3.55 36.28
N GLU A 229 25.58 -2.42 35.67
CA GLU A 229 24.61 -1.36 35.47
C GLU A 229 23.45 -2.02 34.72
N GLU A 230 22.29 -1.38 34.77
CA GLU A 230 21.03 -1.96 34.35
C GLU A 230 20.96 -2.59 32.98
N ALA A 231 21.63 -1.98 31.98
CA ALA A 231 21.64 -2.50 30.58
C ALA A 231 20.55 -1.76 29.84
N GLY A 232 20.95 -0.72 29.15
CA GLY A 232 19.98 0.20 28.53
C GLY A 232 19.14 -0.40 27.44
N ALA A 233 19.76 -1.16 26.54
CA ALA A 233 19.02 -1.70 25.36
C ALA A 233 17.88 -2.60 25.87
N GLN A 234 18.18 -3.45 26.83
CA GLN A 234 17.19 -4.31 27.42
C GLN A 234 16.00 -3.51 28.00
N ILE A 235 16.31 -2.51 28.82
CA ILE A 235 15.23 -1.73 29.43
C ILE A 235 14.39 -0.99 28.39
N GLN A 236 15.03 -0.58 27.30
CA GLN A 236 14.28 0.12 26.28
C GLN A 236 13.34 -0.82 25.53
N LEU A 237 13.84 -1.94 25.06
CA LEU A 237 13.02 -3.01 24.49
C LEU A 237 11.80 -3.34 25.35
N LEU A 238 11.99 -3.50 26.63
CA LEU A 238 10.89 -3.84 27.47
C LEU A 238 9.86 -2.75 27.56
N GLU A 239 10.29 -1.51 27.69
CA GLU A 239 9.34 -0.37 27.75
C GLU A 239 8.60 -0.27 26.41
N GLU A 240 9.28 -0.57 25.33
CA GLU A 240 8.74 -0.53 23.98
C GLU A 240 7.72 -1.60 23.74
N GLY A 241 8.08 -2.85 24.07
CA GLY A 241 7.18 -3.99 23.90
C GLY A 241 5.95 -4.08 24.82
N TRP A 242 6.03 -3.51 26.00
CA TRP A 242 4.99 -3.58 27.06
C TRP A 242 4.28 -2.25 27.45
N ASP A 243 4.90 -1.29 28.13
CA ASP A 243 4.18 -0.11 28.65
C ASP A 243 3.60 0.74 27.51
N GLN A 244 4.39 0.91 26.45
CA GLN A 244 3.93 1.66 25.31
C GLN A 244 2.78 1.03 24.58
N ARG A 245 2.85 -0.28 24.39
CA ARG A 245 1.76 -1.04 23.79
C ARG A 245 0.56 -1.28 24.69
N ALA A 246 0.75 -1.42 25.99
CA ALA A 246 -0.32 -1.70 26.95
C ALA A 246 -1.33 -0.56 27.08
N PRO A 247 -2.61 -0.79 26.73
CA PRO A 247 -3.62 0.25 26.92
C PRO A 247 -3.82 0.72 28.34
N ILE A 248 -3.48 -0.09 29.34
CA ILE A 248 -3.59 0.30 30.77
C ILE A 248 -2.23 0.49 31.44
N GLY A 249 -1.19 0.49 30.63
CA GLY A 249 0.17 0.67 31.12
C GLY A 249 0.79 -0.58 31.69
N TRP A 250 2.09 -0.53 31.88
CA TRP A 250 2.79 -1.62 32.52
C TRP A 250 3.92 -1.10 33.35
N ASN A 251 3.95 -1.54 34.61
CA ASN A 251 4.98 -1.16 35.56
C ASN A 251 5.86 -2.32 36.03
N MET A 252 7.10 -2.35 35.58
CA MET A 252 8.00 -3.45 35.87
C MET A 252 8.35 -3.64 37.35
N LYS A 253 8.11 -2.62 38.15
CA LYS A 253 8.46 -2.69 39.54
C LYS A 253 7.31 -3.14 40.38
N ASP A 254 6.20 -3.55 39.76
CA ASP A 254 5.00 -3.95 40.50
C ASP A 254 4.52 -5.31 40.08
N ALA A 255 4.86 -6.32 40.89
CA ALA A 255 4.45 -7.68 40.63
C ALA A 255 3.01 -8.00 41.07
N THR A 256 2.39 -7.10 41.83
CA THR A 256 1.05 -7.36 42.35
C THR A 256 0.04 -7.82 41.26
N PRO A 257 -0.11 -7.05 40.15
CA PRO A 257 -1.05 -7.48 39.12
C PRO A 257 -0.80 -8.90 38.58
N VAL A 258 0.46 -9.31 38.50
CA VAL A 258 0.77 -10.67 38.07
C VAL A 258 0.36 -11.66 39.16
N ALA A 259 0.74 -11.37 40.40
CA ALA A 259 0.39 -12.21 41.52
C ALA A 259 -1.13 -12.41 41.67
N LYS A 260 -1.89 -11.35 41.46
CA LYS A 260 -3.36 -11.44 41.56
C LYS A 260 -3.93 -12.31 40.47
N THR A 261 -3.41 -12.15 39.25
CA THR A 261 -3.81 -12.95 38.11
C THR A 261 -3.60 -14.43 38.45
N VAL A 262 -2.44 -14.77 39.03
CA VAL A 262 -2.15 -16.17 39.44
C VAL A 262 -3.15 -16.63 40.50
N CYS A 263 -3.40 -15.80 41.50
CA CYS A 263 -4.39 -16.16 42.52
C CYS A 263 -5.80 -16.39 41.95
N ALA A 264 -6.18 -15.67 40.90
CA ALA A 264 -7.47 -15.84 40.25
C ALA A 264 -7.59 -17.22 39.67
N LEU A 265 -6.50 -17.73 39.12
CA LEU A 265 -6.48 -19.09 38.56
C LEU A 265 -6.43 -20.18 39.62
N LEU A 266 -5.87 -19.87 40.77
CA LEU A 266 -5.90 -20.77 41.94
C LEU A 266 -7.26 -20.82 42.61
N SER A 267 -8.03 -19.76 42.42
CA SER A 267 -9.35 -19.64 42.96
C SER A 267 -10.36 -20.46 42.17
N ASP A 268 -11.59 -20.43 42.67
CA ASP A 268 -12.74 -21.06 42.00
C ASP A 268 -13.40 -20.22 40.89
N TRP A 269 -12.78 -19.11 40.50
CA TRP A 269 -13.45 -18.13 39.66
C TRP A 269 -13.06 -18.20 38.22
N LEU A 270 -12.21 -19.15 37.88
CA LEU A 270 -11.90 -19.44 36.48
C LEU A 270 -11.95 -20.96 36.34
N PRO A 271 -13.13 -21.54 36.65
CA PRO A 271 -13.31 -22.97 36.68
C PRO A 271 -13.41 -23.68 35.37
N ALA A 272 -13.49 -22.93 34.27
CA ALA A 272 -13.72 -23.54 32.97
C ALA A 272 -12.52 -23.41 32.07
N THR A 273 -11.40 -22.96 32.63
CA THR A 273 -10.22 -22.60 31.86
C THR A 273 -9.09 -23.55 32.17
N THR A 274 -8.57 -24.23 31.13
CA THR A 274 -7.46 -25.17 31.29
C THR A 274 -6.70 -25.42 29.98
N GLY A 275 -5.42 -25.76 30.11
CA GLY A 275 -4.51 -25.90 28.99
C GLY A 275 -4.18 -24.59 28.34
N ASP A 276 -4.36 -23.53 29.08
CA ASP A 276 -4.52 -22.18 28.50
C ASP A 276 -3.48 -21.22 29.05
N ILE A 277 -3.46 -20.03 28.46
CA ILE A 277 -2.55 -18.96 28.82
C ILE A 277 -3.39 -17.71 29.08
N ILE A 278 -3.28 -17.19 30.28
CA ILE A 278 -3.84 -15.89 30.65
C ILE A 278 -2.71 -14.88 30.57
N TYR A 279 -2.93 -13.79 29.84
CA TYR A 279 -1.97 -12.73 29.70
C TYR A 279 -2.22 -11.69 30.77
N ALA A 280 -1.23 -11.55 31.66
CA ALA A 280 -1.14 -10.45 32.63
C ALA A 280 -0.03 -9.52 32.20
N ASP A 281 -0.29 -8.76 31.15
CA ASP A 281 0.74 -7.95 30.49
C ASP A 281 0.29 -6.52 30.17
N GLY A 282 -0.73 -6.05 30.87
CA GLY A 282 -1.36 -4.78 30.56
C GLY A 282 -2.06 -4.72 29.20
N GLY A 283 -2.19 -5.86 28.54
CA GLY A 283 -2.83 -5.93 27.25
C GLY A 283 -1.87 -5.71 26.13
N ALA A 284 -0.58 -5.68 26.44
CA ALA A 284 0.41 -5.38 25.44
C ALA A 284 0.38 -6.28 24.21
N HIS A 285 0.08 -7.56 24.41
CA HIS A 285 0.14 -8.53 23.33
C HIS A 285 -1.01 -8.41 22.32
N THR A 286 -2.01 -7.57 22.62
CA THR A 286 -3.16 -7.35 21.76
C THR A 286 -3.02 -6.12 20.89
N GLN A 287 -1.96 -5.34 21.11
CA GLN A 287 -1.66 -4.14 20.35
C GLN A 287 -0.32 -4.28 19.60
N LEU A 288 -0.26 -3.87 18.35
CA LEU A 288 0.92 -3.96 17.52
C LEU A 288 1.91 -2.87 17.84
N LEU A 289 1.44 -1.65 18.05
CA LEU A 289 2.26 -0.48 18.44
C LEU A 289 1.55 0.36 19.51
N THR B 22 12.07 -23.46 -17.74
CA THR B 22 11.09 -24.45 -17.19
C THR B 22 11.23 -24.60 -15.65
N GLY B 23 12.36 -25.13 -15.19
CA GLY B 23 12.55 -25.41 -13.77
C GLY B 23 12.25 -24.22 -12.87
N LEU B 24 11.37 -24.46 -11.90
CA LEU B 24 11.12 -23.54 -10.80
C LEU B 24 12.39 -23.33 -9.98
N LEU B 25 13.30 -24.32 -9.98
CA LEU B 25 14.54 -24.24 -9.22
C LEU B 25 15.81 -24.31 -10.11
N ASP B 26 15.71 -23.82 -11.35
CA ASP B 26 16.82 -23.94 -12.30
C ASP B 26 18.14 -23.42 -11.76
N GLY B 27 19.17 -24.25 -11.87
CA GLY B 27 20.51 -23.91 -11.37
C GLY B 27 20.56 -23.44 -9.93
N LYS B 28 19.69 -23.95 -9.07
CA LYS B 28 19.80 -23.71 -7.66
C LYS B 28 20.51 -24.95 -7.10
N ARG B 29 21.45 -24.71 -6.21
CA ARG B 29 22.11 -25.82 -5.52
C ARG B 29 21.46 -25.97 -4.16
N ILE B 30 20.88 -27.13 -3.90
CA ILE B 30 20.08 -27.31 -2.68
C ILE B 30 20.51 -28.56 -1.89
N LEU B 31 20.61 -28.43 -0.58
CA LEU B 31 20.93 -29.56 0.31
C LEU B 31 19.65 -30.16 0.89
N VAL B 32 19.48 -31.47 0.73
CA VAL B 32 18.30 -32.14 1.27
C VAL B 32 18.68 -33.24 2.26
N SER B 33 18.30 -33.04 3.51
CA SER B 33 18.53 -34.02 4.54
C SER B 33 17.30 -34.86 4.75
N GLY B 34 17.45 -36.01 5.40
CA GLY B 34 16.30 -36.75 5.98
C GLY B 34 15.64 -37.82 5.12
N ILE B 35 16.36 -38.31 4.11
CA ILE B 35 15.93 -39.47 3.35
C ILE B 35 16.32 -40.75 4.08
N ILE B 36 15.38 -41.69 4.17
CA ILE B 36 15.66 -43.03 4.70
C ILE B 36 14.92 -44.12 3.91
N THR B 37 13.70 -43.86 3.46
CA THR B 37 13.01 -44.71 2.48
C THR B 37 12.50 -43.85 1.34
N ASP B 38 11.95 -44.47 0.32
CA ASP B 38 11.35 -43.71 -0.77
C ASP B 38 9.90 -43.19 -0.43
N SER B 39 9.40 -43.49 0.78
CA SER B 39 8.20 -42.87 1.32
C SER B 39 8.47 -41.56 2.09
N SER B 40 9.72 -41.38 2.56
CA SER B 40 10.18 -40.19 3.27
C SER B 40 9.75 -38.91 2.58
N ILE B 41 9.38 -37.90 3.36
CA ILE B 41 9.00 -36.62 2.77
C ILE B 41 10.21 -36.05 1.99
N ALA B 42 11.38 -36.14 2.62
CA ALA B 42 12.62 -35.71 1.99
C ALA B 42 12.86 -36.31 0.60
N PHE B 43 12.51 -37.58 0.42
CA PHE B 43 12.73 -38.23 -0.87
C PHE B 43 11.93 -37.52 -1.97
N HIS B 44 10.70 -37.19 -1.63
CA HIS B 44 9.78 -36.55 -2.57
C HIS B 44 10.10 -35.07 -2.77
N ILE B 45 10.56 -34.40 -1.72
CA ILE B 45 11.12 -33.06 -1.86
C ILE B 45 12.24 -33.07 -2.92
N ALA B 46 13.19 -33.98 -2.71
CA ALA B 46 14.32 -34.14 -3.61
C ALA B 46 13.90 -34.50 -5.04
N ARG B 47 12.94 -35.40 -5.17
CA ARG B 47 12.49 -35.79 -6.49
C ARG B 47 11.92 -34.57 -7.25
N VAL B 48 11.09 -33.81 -6.56
CA VAL B 48 10.38 -32.72 -7.21
C VAL B 48 11.37 -31.61 -7.56
N ALA B 49 12.27 -31.35 -6.61
CA ALA B 49 13.31 -30.36 -6.80
C ALA B 49 14.15 -30.67 -8.05
N GLN B 50 14.47 -31.95 -8.24
CA GLN B 50 15.27 -32.35 -9.40
C GLN B 50 14.48 -32.19 -10.70
N GLU B 51 13.21 -32.58 -10.69
CA GLU B 51 12.31 -32.36 -11.84
C GLU B 51 12.25 -30.90 -12.20
N GLN B 52 12.43 -30.04 -11.20
CA GLN B 52 12.43 -28.59 -11.41
C GLN B 52 13.84 -27.95 -11.58
N GLY B 53 14.83 -28.76 -11.98
CA GLY B 53 16.12 -28.24 -12.42
C GLY B 53 17.16 -27.92 -11.35
N ALA B 54 17.01 -28.50 -10.18
CA ALA B 54 17.94 -28.20 -9.09
C ALA B 54 19.08 -29.20 -9.07
N GLN B 55 20.27 -28.75 -8.74
CA GLN B 55 21.37 -29.65 -8.41
C GLN B 55 21.34 -29.90 -6.91
N LEU B 56 21.33 -31.17 -6.52
CA LEU B 56 21.19 -31.53 -5.13
C LEU B 56 22.47 -32.03 -4.48
N VAL B 57 22.53 -31.82 -3.16
CA VAL B 57 23.45 -32.51 -2.27
C VAL B 57 22.62 -33.14 -1.17
N LEU B 58 22.80 -34.43 -0.91
CA LEU B 58 21.97 -35.13 0.05
C LEU B 58 22.73 -35.47 1.29
N THR B 59 22.04 -35.53 2.42
CA THR B 59 22.60 -36.02 3.66
C THR B 59 21.73 -37.11 4.20
N GLY B 60 22.37 -38.02 4.94
CA GLY B 60 21.75 -39.24 5.47
C GLY B 60 22.34 -39.63 6.81
N PHE B 61 21.58 -40.35 7.62
CA PHE B 61 21.96 -40.75 8.97
C PHE B 61 22.06 -42.28 9.05
N ASP B 62 23.20 -42.76 9.56
CA ASP B 62 23.38 -44.14 10.04
C ASP B 62 23.46 -45.25 8.94
N ARG B 63 22.37 -45.45 8.19
CA ARG B 63 22.29 -46.47 7.14
C ARG B 63 22.64 -45.94 5.78
N LEU B 64 23.93 -45.62 5.60
CA LEU B 64 24.40 -45.02 4.35
C LEU B 64 24.31 -45.90 3.08
N ARG B 65 24.57 -47.19 3.20
CA ARG B 65 24.52 -48.04 2.01
C ARG B 65 23.05 -48.17 1.59
N LEU B 66 22.16 -48.30 2.57
CA LEU B 66 20.71 -48.39 2.30
C LEU B 66 20.18 -47.08 1.68
N ILE B 67 20.56 -45.95 2.27
CA ILE B 67 20.12 -44.66 1.73
C ILE B 67 20.64 -44.48 0.31
N GLN B 68 21.89 -44.86 0.08
CA GLN B 68 22.51 -44.77 -1.24
C GLN B 68 21.68 -45.51 -2.33
N ARG B 69 21.21 -46.69 -1.98
CA ARG B 69 20.42 -47.51 -2.92
C ARG B 69 19.05 -46.88 -3.18
N ILE B 70 18.54 -46.18 -2.17
CA ILE B 70 17.25 -45.46 -2.27
C ILE B 70 17.43 -44.21 -3.13
N THR B 71 18.49 -43.45 -2.91
CA THR B 71 18.70 -42.22 -3.68
C THR B 71 19.04 -42.47 -5.14
N ASP B 72 19.53 -43.66 -5.51
CA ASP B 72 19.74 -43.98 -6.94
C ASP B 72 18.43 -44.03 -7.71
N ARG B 73 17.33 -44.25 -6.99
CA ARG B 73 15.98 -44.16 -7.56
C ARG B 73 15.47 -42.75 -7.85
N LEU B 74 16.18 -41.73 -7.39
CA LEU B 74 15.86 -40.35 -7.77
C LEU B 74 16.11 -40.14 -9.24
N PRO B 75 15.46 -39.15 -9.87
CA PRO B 75 15.62 -38.95 -11.31
C PRO B 75 17.05 -38.68 -11.77
N ALA B 76 17.87 -38.09 -10.89
CA ALA B 76 19.25 -37.74 -11.19
C ALA B 76 20.23 -38.02 -10.08
N LYS B 77 21.48 -38.30 -10.49
CA LYS B 77 22.61 -38.51 -9.59
C LYS B 77 22.79 -37.34 -8.66
N ALA B 78 23.14 -37.59 -7.41
CA ALA B 78 23.43 -36.52 -6.46
C ALA B 78 24.38 -37.01 -5.39
N PRO B 79 25.36 -36.20 -5.01
CA PRO B 79 26.24 -36.66 -3.92
C PRO B 79 25.52 -36.84 -2.59
N LEU B 80 25.98 -37.79 -1.81
CA LEU B 80 25.40 -38.19 -0.51
C LEU B 80 26.45 -38.08 0.59
N LEU B 81 26.16 -37.30 1.61
CA LEU B 81 27.09 -37.08 2.72
C LEU B 81 26.49 -37.60 4.00
N GLU B 82 27.33 -37.99 4.94
CA GLU B 82 26.86 -38.47 6.21
C GLU B 82 26.65 -37.25 7.12
N LEU B 83 25.49 -37.19 7.77
CA LEU B 83 25.19 -36.20 8.79
C LEU B 83 24.26 -36.77 9.87
N ASP B 84 24.82 -36.97 11.04
CA ASP B 84 24.16 -37.29 12.27
C ASP B 84 24.20 -35.96 13.00
N VAL B 85 23.04 -35.34 13.18
CA VAL B 85 22.99 -33.98 13.78
C VAL B 85 23.34 -33.89 15.27
N GLN B 86 23.53 -35.03 15.93
CA GLN B 86 24.05 -35.05 17.32
C GLN B 86 25.59 -35.04 17.44
N ASN B 87 26.24 -35.23 16.29
CA ASN B 87 27.67 -35.34 16.17
C ASN B 87 28.33 -34.01 15.83
N GLU B 88 28.97 -33.39 16.81
CA GLU B 88 29.64 -32.10 16.57
C GLU B 88 30.65 -32.14 15.41
N GLU B 89 31.35 -33.25 15.23
CA GLU B 89 32.38 -33.33 14.17
C GLU B 89 31.75 -33.30 12.78
N HIS B 90 30.62 -33.93 12.62
CA HIS B 90 29.92 -33.85 11.32
C HIS B 90 29.49 -32.44 11.01
N LEU B 91 28.91 -31.78 12.00
CA LEU B 91 28.48 -30.41 11.82
C LEU B 91 29.66 -29.48 11.53
N ALA B 92 30.75 -29.64 12.25
CA ALA B 92 31.95 -28.80 12.00
C ALA B 92 32.52 -28.99 10.60
N SER B 93 32.44 -30.21 10.08
CA SER B 93 33.04 -30.54 8.78
C SER B 93 32.08 -30.42 7.61
N LEU B 94 30.80 -30.17 7.89
CA LEU B 94 29.77 -30.28 6.87
C LEU B 94 29.97 -29.26 5.75
N ALA B 95 30.13 -28.01 6.13
CA ALA B 95 30.28 -26.93 5.16
C ALA B 95 31.41 -27.30 4.15
N GLY B 96 32.55 -27.74 4.69
CA GLY B 96 33.69 -28.11 3.86
C GLY B 96 33.38 -29.27 2.89
N ARG B 97 32.73 -30.32 3.42
CA ARG B 97 32.39 -31.48 2.60
C ARG B 97 31.39 -31.11 1.51
N VAL B 98 30.53 -30.15 1.79
CA VAL B 98 29.53 -29.70 0.81
C VAL B 98 30.23 -28.90 -0.28
N THR B 99 31.07 -27.96 0.15
CA THR B 99 31.89 -27.16 -0.76
C THR B 99 32.65 -28.09 -1.76
N GLU B 100 33.16 -29.21 -1.23
CA GLU B 100 33.88 -30.18 -2.06
CA GLU B 100 33.88 -30.17 -2.05
C GLU B 100 32.97 -30.82 -3.09
N ALA B 101 31.76 -31.13 -2.68
CA ALA B 101 30.77 -31.80 -3.54
C ALA B 101 30.24 -30.94 -4.66
N ILE B 102 30.05 -29.64 -4.38
CA ILE B 102 29.49 -28.68 -5.37
C ILE B 102 30.56 -27.85 -6.08
N GLY B 103 31.81 -27.99 -5.66
CA GLY B 103 32.94 -27.31 -6.31
C GLY B 103 33.22 -25.95 -5.65
N ALA B 104 34.51 -25.64 -5.49
CA ALA B 104 34.94 -24.42 -4.75
C ALA B 104 34.40 -23.16 -5.50
N GLY B 105 34.15 -22.11 -4.71
CA GLY B 105 33.56 -20.89 -5.25
C GLY B 105 32.09 -21.00 -5.62
N ASN B 106 31.45 -22.13 -5.31
CA ASN B 106 29.99 -22.25 -5.44
C ASN B 106 29.32 -22.39 -4.06
N LYS B 107 28.04 -22.04 -4.03
CA LYS B 107 27.32 -22.06 -2.80
C LYS B 107 25.93 -22.60 -2.96
N LEU B 108 25.34 -22.89 -1.81
CA LEU B 108 23.98 -23.37 -1.72
C LEU B 108 23.03 -22.17 -1.84
N ASP B 109 21.91 -22.42 -2.53
CA ASP B 109 20.77 -21.52 -2.53
C ASP B 109 19.62 -22.04 -1.62
N GLY B 110 19.65 -23.33 -1.28
CA GLY B 110 18.60 -23.93 -0.47
C GLY B 110 19.12 -24.99 0.48
N VAL B 111 18.48 -25.12 1.64
CA VAL B 111 18.74 -26.13 2.64
C VAL B 111 17.41 -26.65 3.17
N VAL B 112 17.24 -27.97 3.23
CA VAL B 112 16.01 -28.59 3.69
C VAL B 112 16.28 -29.47 4.88
N HIS B 113 15.66 -29.15 6.00
CA HIS B 113 15.73 -29.93 7.23
C HIS B 113 14.45 -30.78 7.27
N SER B 114 14.60 -32.07 7.03
CA SER B 114 13.50 -33.04 7.11
C SER B 114 13.89 -34.15 8.09
N ILE B 115 14.07 -33.79 9.34
CA ILE B 115 14.66 -34.66 10.33
C ILE B 115 13.88 -34.65 11.62
N GLY B 116 13.80 -35.79 12.28
CA GLY B 116 13.10 -35.88 13.54
C GLY B 116 13.27 -37.20 14.21
N PHE B 117 13.15 -37.19 15.53
CA PHE B 117 13.25 -38.39 16.33
C PHE B 117 12.68 -38.15 17.72
N MET B 118 12.03 -39.15 18.28
CA MET B 118 11.61 -39.17 19.67
C MET B 118 11.54 -40.61 20.14
N PRO B 119 12.22 -40.94 21.26
CA PRO B 119 12.10 -42.28 21.83
C PRO B 119 10.68 -42.72 22.07
N GLN B 120 10.44 -44.02 21.96
CA GLN B 120 9.10 -44.60 22.18
C GLN B 120 8.42 -44.14 23.48
N THR B 121 9.22 -43.83 24.50
CA THR B 121 8.69 -43.39 25.80
C THR B 121 7.94 -42.07 25.73
N GLY B 122 8.26 -41.23 24.72
CA GLY B 122 7.61 -39.95 24.59
C GLY B 122 6.47 -39.87 23.59
N MET B 123 5.88 -41.00 23.28
CA MET B 123 4.94 -41.08 22.17
C MET B 123 3.90 -42.14 22.47
N GLY B 124 2.76 -42.06 21.79
CA GLY B 124 1.77 -43.12 21.75
C GLY B 124 1.02 -43.26 23.05
N ILE B 125 0.67 -44.51 23.40
CA ILE B 125 -0.05 -44.79 24.65
C ILE B 125 0.85 -44.70 25.89
N ASN B 126 2.16 -44.62 25.74
CA ASN B 126 3.07 -44.50 26.90
C ASN B 126 2.73 -43.21 27.65
N PRO B 127 2.44 -43.30 28.95
CA PRO B 127 2.04 -42.11 29.66
C PRO B 127 2.98 -40.92 29.49
N PHE B 128 2.40 -39.75 29.26
CA PHE B 128 3.15 -38.52 29.06
C PHE B 128 4.15 -38.28 30.19
N PHE B 129 3.70 -38.47 31.43
CA PHE B 129 4.54 -38.25 32.59
C PHE B 129 5.69 -39.24 32.82
N ASP B 130 5.68 -40.37 32.14
CA ASP B 130 6.70 -41.42 32.34
C ASP B 130 7.85 -41.32 31.37
N ALA B 131 7.88 -40.34 30.48
CA ALA B 131 9.03 -40.16 29.60
C ALA B 131 10.14 -39.45 30.36
N PRO B 132 11.27 -40.15 30.57
CA PRO B 132 12.35 -39.48 31.34
C PRO B 132 13.01 -38.38 30.53
N TYR B 133 13.54 -37.36 31.20
CA TYR B 133 14.07 -36.22 30.44
C TYR B 133 15.21 -36.59 29.51
N ALA B 134 16.02 -37.58 29.87
CA ALA B 134 17.09 -38.02 28.97
C ALA B 134 16.53 -38.33 27.59
N ASP B 135 15.38 -38.99 27.54
CA ASP B 135 14.71 -39.34 26.26
C ASP B 135 14.13 -38.11 25.55
N VAL B 136 13.39 -37.29 26.29
CA VAL B 136 12.81 -36.08 25.70
C VAL B 136 13.91 -35.21 25.13
N SER B 137 15.01 -35.09 25.88
CA SER B 137 16.16 -34.25 25.47
C SER B 137 16.78 -34.70 24.16
N LYS B 138 16.90 -36.00 23.98
CA LYS B 138 17.42 -36.50 22.74
C LYS B 138 16.53 -36.08 21.58
N GLY B 139 15.21 -36.13 21.78
CA GLY B 139 14.25 -35.83 20.72
C GLY B 139 14.23 -34.35 20.34
N ILE B 140 14.30 -33.49 21.35
CA ILE B 140 14.40 -32.06 21.13
C ILE B 140 15.72 -31.72 20.46
N HIS B 141 16.79 -32.41 20.82
CA HIS B 141 18.11 -32.20 20.19
C HIS B 141 18.01 -32.43 18.70
N ILE B 142 17.52 -33.59 18.32
CA ILE B 142 17.44 -33.97 16.93
C ILE B 142 16.37 -33.19 16.16
N SER B 143 15.20 -33.00 16.77
CA SER B 143 14.02 -32.47 16.08
C SER B 143 13.95 -30.95 16.07
N ALA B 144 14.57 -30.28 17.03
CA ALA B 144 14.48 -28.84 17.20
C ALA B 144 15.81 -28.11 17.14
N TYR B 145 16.73 -28.44 18.03
CA TYR B 145 18.08 -27.81 18.09
C TYR B 145 18.83 -27.93 16.76
N SER B 146 18.70 -29.08 16.12
CA SER B 146 19.44 -29.38 14.90
C SER B 146 19.11 -28.44 13.77
N TYR B 147 17.92 -27.83 13.80
CA TYR B 147 17.55 -26.82 12.81
C TYR B 147 18.50 -25.63 12.89
N ALA B 148 18.79 -25.21 14.11
CA ALA B 148 19.76 -24.14 14.35
C ALA B 148 21.19 -24.57 14.01
N SER B 149 21.60 -25.76 14.44
CA SER B 149 22.98 -26.17 14.18
C SER B 149 23.24 -26.40 12.69
N MET B 150 22.23 -26.85 11.95
CA MET B 150 22.38 -26.96 10.50
C MET B 150 22.53 -25.60 9.88
N ALA B 151 21.66 -24.69 10.28
CA ALA B 151 21.73 -23.32 9.81
C ALA B 151 23.11 -22.65 10.07
N LYS B 152 23.64 -22.86 11.28
CA LYS B 152 24.93 -22.31 11.69
C LYS B 152 26.07 -22.79 10.83
N ALA B 153 26.01 -24.06 10.51
CA ALA B 153 27.02 -24.73 9.72
C ALA B 153 26.98 -24.32 8.26
N LEU B 154 25.76 -24.08 7.73
CA LEU B 154 25.57 -23.88 6.30
C LEU B 154 25.37 -22.44 5.79
N LEU B 155 24.83 -21.56 6.59
CA LEU B 155 24.72 -20.15 6.20
C LEU B 155 26.05 -19.56 5.64
N PRO B 156 27.20 -19.87 6.28
CA PRO B 156 28.47 -19.34 5.72
C PRO B 156 28.75 -19.75 4.28
N ILE B 157 28.06 -20.76 3.77
CA ILE B 157 28.16 -21.15 2.35
C ILE B 157 26.81 -21.03 1.61
N MET B 158 26.03 -20.03 1.97
CA MET B 158 24.75 -19.78 1.31
C MET B 158 24.71 -18.40 0.63
N ASN B 159 24.36 -18.43 -0.62
CA ASN B 159 24.11 -17.22 -1.41
C ASN B 159 22.99 -16.34 -0.85
N PRO B 160 23.09 -15.04 -1.09
CA PRO B 160 21.93 -14.20 -0.87
C PRO B 160 20.76 -14.66 -1.75
N GLY B 161 19.53 -14.48 -1.25
CA GLY B 161 18.33 -14.92 -1.93
C GLY B 161 17.93 -16.35 -1.60
N GLY B 162 18.73 -17.01 -0.78
CA GLY B 162 18.56 -18.43 -0.48
C GLY B 162 17.49 -18.74 0.54
N SER B 163 17.15 -20.02 0.69
CA SER B 163 16.04 -20.43 1.54
C SER B 163 16.36 -21.68 2.33
N ILE B 164 16.14 -21.61 3.64
CA ILE B 164 16.17 -22.75 4.54
C ILE B 164 14.73 -23.13 4.85
N VAL B 165 14.43 -24.44 4.82
CA VAL B 165 13.11 -24.96 5.08
C VAL B 165 13.16 -26.17 6.00
N GLY B 166 12.24 -26.21 6.94
CA GLY B 166 12.10 -27.33 7.89
C GLY B 166 10.69 -27.90 7.93
N MET B 167 10.52 -29.14 8.38
CA MET B 167 9.22 -29.78 8.43
C MET B 167 8.62 -29.76 9.82
N ASP B 168 7.34 -29.42 9.88
CA ASP B 168 6.61 -29.15 11.12
C ASP B 168 5.31 -29.94 11.11
N PHE B 169 4.78 -30.21 12.29
CA PHE B 169 3.44 -30.76 12.45
C PHE B 169 2.75 -29.91 13.48
N ASP B 170 1.66 -29.24 13.10
CA ASP B 170 1.03 -28.22 13.92
C ASP B 170 0.86 -28.61 15.41
N PRO B 171 1.71 -28.01 16.29
CA PRO B 171 1.74 -28.30 17.68
C PRO B 171 1.00 -27.29 18.55
N SER B 172 0.22 -26.43 17.92
CA SER B 172 -0.42 -25.32 18.64
CA SER B 172 -0.42 -25.32 18.64
C SER B 172 -1.55 -25.77 19.55
N ARG B 173 -2.12 -26.94 19.27
CA ARG B 173 -3.02 -27.62 20.20
C ARG B 173 -2.49 -29.00 20.55
N ALA B 174 -2.71 -29.41 21.79
CA ALA B 174 -2.30 -30.75 22.24
C ALA B 174 -3.16 -31.80 21.61
N MET B 175 -2.67 -33.03 21.56
CA MET B 175 -3.40 -34.11 20.88
C MET B 175 -3.00 -35.48 21.37
N PRO B 176 -3.80 -36.50 21.07
CA PRO B 176 -3.35 -37.84 21.48
C PRO B 176 -2.09 -38.28 20.75
N ALA B 177 -1.23 -39.01 21.44
CA ALA B 177 -0.12 -39.78 20.82
C ALA B 177 1.13 -39.00 20.39
N TYR B 178 0.95 -37.83 19.80
CA TYR B 178 2.12 -37.02 19.40
C TYR B 178 2.94 -36.61 20.64
N ASN B 179 2.27 -36.49 21.77
CA ASN B 179 2.91 -36.27 23.07
C ASN B 179 4.15 -35.38 23.06
N TRP B 180 5.31 -35.94 23.41
CA TRP B 180 6.51 -35.13 23.55
C TRP B 180 7.07 -34.69 22.23
N MET B 181 6.63 -35.25 21.11
CA MET B 181 7.06 -34.73 19.81
C MET B 181 6.36 -33.40 19.52
N THR B 182 5.15 -33.23 20.04
CA THR B 182 4.44 -31.97 19.97
C THR B 182 5.27 -30.89 20.63
N VAL B 183 5.86 -31.20 21.77
CA VAL B 183 6.68 -30.25 22.50
C VAL B 183 7.94 -29.92 21.69
N ALA B 184 8.56 -30.92 21.08
CA ALA B 184 9.68 -30.69 20.19
C ALA B 184 9.31 -29.78 19.02
N LYS B 185 8.15 -29.98 18.43
CA LYS B 185 7.71 -29.13 17.32
C LYS B 185 7.41 -27.71 17.80
N SER B 186 6.86 -27.54 18.99
CA SER B 186 6.63 -26.20 19.52
C SER B 186 7.97 -25.50 19.70
N ALA B 187 8.98 -26.26 20.13
CA ALA B 187 10.32 -25.74 20.23
C ALA B 187 10.85 -25.38 18.86
N LEU B 188 10.66 -26.24 17.89
CA LEU B 188 11.14 -26.00 16.53
C LEU B 188 10.58 -24.68 15.93
N GLU B 189 9.28 -24.45 16.09
CA GLU B 189 8.69 -23.23 15.62
C GLU B 189 9.38 -21.97 16.23
N SER B 190 9.76 -22.05 17.50
CA SER B 190 10.45 -20.97 18.18
C SER B 190 11.88 -20.84 17.64
N VAL B 191 12.55 -21.94 17.42
CA VAL B 191 13.87 -21.91 16.85
C VAL B 191 13.85 -21.33 15.46
N ASN B 192 12.87 -21.70 14.66
CA ASN B 192 12.76 -21.20 13.27
C ASN B 192 12.73 -19.68 13.24
N ARG B 193 11.99 -19.08 14.15
CA ARG B 193 11.93 -17.62 14.22
C ARG B 193 13.28 -16.94 14.52
N PHE B 194 14.09 -17.56 15.37
CA PHE B 194 15.46 -17.05 15.70
C PHE B 194 16.45 -17.32 14.59
N VAL B 195 16.30 -18.43 13.90
CA VAL B 195 17.13 -18.72 12.76
C VAL B 195 16.87 -17.71 11.64
N ALA B 196 15.63 -17.27 11.53
CA ALA B 196 15.27 -16.26 10.52
C ALA B 196 16.05 -14.98 10.70
N ARG B 197 16.25 -14.58 11.96
CA ARG B 197 17.01 -13.37 12.29
C ARG B 197 18.46 -13.48 11.85
N GLU B 198 19.04 -14.66 12.08
CA GLU B 198 20.42 -14.88 11.75
C GLU B 198 20.54 -14.99 10.26
N ALA B 199 19.64 -15.75 9.66
CA ALA B 199 19.63 -15.97 8.21
C ALA B 199 19.43 -14.68 7.44
N GLY B 200 18.63 -13.80 8.01
CA GLY B 200 18.40 -12.45 7.46
C GLY B 200 19.68 -11.68 7.11
N LYS B 201 20.69 -11.79 7.95
CA LYS B 201 21.95 -11.08 7.72
C LYS B 201 22.69 -11.58 6.49
N TYR B 202 22.37 -12.80 6.02
CA TYR B 202 22.91 -13.36 4.78
C TYR B 202 21.99 -13.20 3.57
N GLY B 203 20.87 -12.52 3.74
CA GLY B 203 19.81 -12.42 2.72
C GLY B 203 19.10 -13.73 2.51
N VAL B 204 18.88 -14.47 3.60
CA VAL B 204 18.35 -15.81 3.55
C VAL B 204 17.12 -15.96 4.43
N ARG B 205 16.14 -16.68 3.87
CA ARG B 205 14.86 -16.90 4.49
C ARG B 205 14.88 -18.22 5.24
N SER B 206 14.16 -18.30 6.35
CA SER B 206 13.99 -19.54 7.10
C SER B 206 12.51 -19.73 7.39
N ASN B 207 11.94 -20.87 6.96
CA ASN B 207 10.55 -21.15 7.16
C ASN B 207 10.29 -22.62 7.41
N LEU B 208 9.11 -22.94 7.94
CA LEU B 208 8.67 -24.31 8.18
C LEU B 208 7.49 -24.63 7.31
N VAL B 209 7.35 -25.89 6.93
CA VAL B 209 6.13 -26.39 6.32
C VAL B 209 5.46 -27.29 7.34
N ALA B 210 4.29 -26.89 7.78
CA ALA B 210 3.43 -27.72 8.62
C ALA B 210 2.68 -28.64 7.70
N ALA B 211 3.14 -29.87 7.56
CA ALA B 211 2.47 -30.86 6.69
C ALA B 211 1.41 -31.58 7.40
N GLY B 212 0.40 -31.99 6.65
CA GLY B 212 -0.60 -33.00 7.13
C GLY B 212 0.06 -34.33 7.23
N PRO B 213 -0.67 -35.35 7.70
CA PRO B 213 -0.04 -36.66 7.88
C PRO B 213 0.33 -37.37 6.58
N ILE B 214 1.52 -37.93 6.54
CA ILE B 214 2.02 -38.69 5.41
C ILE B 214 2.54 -40.03 5.90
N ARG B 215 2.13 -41.09 5.23
CA ARG B 215 2.57 -42.44 5.56
C ARG B 215 4.06 -42.62 5.24
N THR B 216 4.88 -42.46 6.29
CA THR B 216 6.32 -42.60 6.20
C THR B 216 6.79 -43.62 7.23
N LEU B 217 8.06 -43.97 7.13
CA LEU B 217 8.66 -44.86 8.12
C LEU B 217 8.42 -44.42 9.56
N ALA B 218 8.75 -43.17 9.85
CA ALA B 218 8.58 -42.60 11.19
C ALA B 218 7.14 -42.67 11.66
N MET B 219 6.20 -42.39 10.76
CA MET B 219 4.81 -42.40 11.16
C MET B 219 4.38 -43.78 11.64
N SER B 220 4.81 -44.79 10.91
CA SER B 220 4.25 -46.11 11.09
C SER B 220 5.00 -46.86 12.19
N ALA B 221 6.33 -46.73 12.17
CA ALA B 221 7.15 -47.50 13.07
C ALA B 221 7.40 -46.79 14.39
N ILE B 222 7.75 -45.52 14.32
CA ILE B 222 7.91 -44.77 15.56
C ILE B 222 6.58 -44.41 16.17
N VAL B 223 5.71 -43.75 15.43
CA VAL B 223 4.47 -43.22 16.07
C VAL B 223 3.49 -44.36 16.32
N GLY B 224 3.07 -45.05 15.26
CA GLY B 224 2.21 -46.23 15.34
C GLY B 224 2.76 -47.35 16.21
N GLY B 225 4.08 -47.55 16.14
CA GLY B 225 4.78 -48.43 17.07
C GLY B 225 4.48 -48.18 18.55
N ALA B 226 4.40 -46.89 18.90
CA ALA B 226 4.16 -46.47 20.27
C ALA B 226 2.70 -46.67 20.71
N LEU B 227 1.80 -46.91 19.75
CA LEU B 227 0.38 -47.28 20.07
C LEU B 227 0.16 -48.82 20.23
N GLY B 228 1.21 -49.59 19.88
CA GLY B 228 1.10 -51.00 19.55
C GLY B 228 -0.28 -51.52 19.20
N GLU B 229 -1.04 -51.90 20.24
CA GLU B 229 -2.36 -52.46 20.00
C GLU B 229 -3.34 -51.44 19.36
N GLU B 230 -3.28 -50.22 19.89
CA GLU B 230 -4.12 -49.13 19.43
C GLU B 230 -3.85 -48.60 17.99
N ALA B 231 -2.81 -49.12 17.31
CA ALA B 231 -2.30 -48.61 16.01
C ALA B 231 -3.18 -48.49 14.78
N GLY B 232 -3.77 -49.60 14.32
CA GLY B 232 -4.50 -49.57 13.05
C GLY B 232 -5.65 -48.52 13.04
N ALA B 233 -6.43 -48.56 14.15
CA ALA B 233 -7.56 -47.65 14.31
C ALA B 233 -7.10 -46.18 14.21
N GLN B 234 -6.03 -45.86 14.92
CA GLN B 234 -5.57 -44.46 14.93
C GLN B 234 -5.14 -44.05 13.48
N ILE B 235 -4.47 -44.89 12.68
CA ILE B 235 -4.12 -44.46 11.33
C ILE B 235 -5.38 -44.21 10.47
N GLN B 236 -6.42 -44.96 10.72
CA GLN B 236 -7.62 -44.78 9.94
C GLN B 236 -8.35 -43.47 10.35
N LEU B 237 -8.55 -43.25 11.63
CA LEU B 237 -9.01 -41.97 12.17
C LEU B 237 -8.27 -40.76 11.59
N LEU B 238 -6.94 -40.82 11.53
CA LEU B 238 -6.20 -39.70 11.05
C LEU B 238 -6.53 -39.45 9.59
N GLU B 239 -6.54 -40.51 8.78
CA GLU B 239 -6.79 -40.32 7.37
C GLU B 239 -8.21 -39.78 7.13
N GLU B 240 -9.13 -40.21 7.98
CA GLU B 240 -10.51 -39.77 7.94
C GLU B 240 -10.66 -38.30 8.34
N GLY B 241 -10.11 -37.95 9.50
CA GLY B 241 -10.27 -36.60 10.06
C GLY B 241 -9.48 -35.50 9.39
N TRP B 242 -8.29 -35.80 8.82
CA TRP B 242 -7.43 -34.59 8.33
C TRP B 242 -8.29 -34.26 7.04
N ASP B 243 -8.59 -35.41 6.42
CA ASP B 243 -9.37 -35.38 5.18
C ASP B 243 -10.79 -34.81 5.37
N GLN B 244 -11.43 -35.17 6.46
CA GLN B 244 -12.76 -34.63 6.72
C GLN B 244 -12.77 -33.15 7.02
N ARG B 245 -11.79 -32.68 7.79
CA ARG B 245 -11.64 -31.24 8.06
C ARG B 245 -11.12 -30.43 6.87
N ALA B 246 -10.25 -31.02 6.03
CA ALA B 246 -9.68 -30.33 4.88
C ALA B 246 -10.71 -30.00 3.79
N PRO B 247 -10.95 -28.73 3.47
CA PRO B 247 -11.85 -28.40 2.39
C PRO B 247 -11.47 -28.92 1.02
N ILE B 248 -10.19 -29.23 0.79
CA ILE B 248 -9.72 -29.81 -0.49
C ILE B 248 -9.28 -31.26 -0.35
N GLY B 249 -9.55 -31.85 0.80
CA GLY B 249 -9.19 -33.22 1.06
C GLY B 249 -7.75 -33.43 1.46
N TRP B 250 -7.44 -34.62 1.91
CA TRP B 250 -6.09 -34.96 2.28
C TRP B 250 -5.86 -36.43 2.06
N ASN B 251 -4.78 -36.74 1.34
CA ASN B 251 -4.36 -38.12 1.07
C ASN B 251 -3.00 -38.48 1.66
N MET B 252 -3.00 -39.32 2.70
CA MET B 252 -1.75 -39.67 3.41
C MET B 252 -0.72 -40.42 2.58
N LYS B 253 -1.12 -40.97 1.45
CA LYS B 253 -0.19 -41.73 0.64
C LYS B 253 0.44 -40.89 -0.41
N ASP B 254 0.17 -39.57 -0.41
CA ASP B 254 0.66 -38.68 -1.47
C ASP B 254 1.43 -37.52 -0.88
N ALA B 255 2.76 -37.62 -0.91
CA ALA B 255 3.63 -36.57 -0.41
C ALA B 255 3.86 -35.48 -1.42
N THR B 256 3.44 -35.63 -2.69
CA THR B 256 3.67 -34.60 -3.69
C THR B 256 3.23 -33.18 -3.24
N PRO B 257 1.98 -33.00 -2.77
CA PRO B 257 1.58 -31.66 -2.33
C PRO B 257 2.48 -31.04 -1.28
N VAL B 258 3.02 -31.86 -0.39
CA VAL B 258 3.94 -31.35 0.62
C VAL B 258 5.27 -30.97 -0.03
N ALA B 259 5.79 -31.86 -0.87
CA ALA B 259 7.03 -31.63 -1.58
C ALA B 259 6.98 -30.34 -2.43
N LYS B 260 5.84 -30.11 -3.09
CA LYS B 260 5.71 -28.91 -3.93
C LYS B 260 5.71 -27.65 -3.09
N THR B 261 5.02 -27.70 -1.95
CA THR B 261 4.94 -26.60 -1.04
C THR B 261 6.37 -26.24 -0.60
N VAL B 262 7.20 -27.24 -0.28
CA VAL B 262 8.59 -27.00 0.11
C VAL B 262 9.38 -26.39 -1.05
N CYS B 263 9.21 -26.90 -2.25
CA CYS B 263 9.87 -26.30 -3.41
C CYS B 263 9.48 -24.83 -3.66
N ALA B 264 8.23 -24.47 -3.35
CA ALA B 264 7.77 -23.10 -3.50
C ALA B 264 8.57 -22.17 -2.59
N LEU B 265 8.89 -22.64 -1.40
CA LEU B 265 9.68 -21.85 -0.44
C LEU B 265 11.17 -21.80 -0.79
N LEU B 266 11.67 -22.83 -1.47
CA LEU B 266 13.04 -22.83 -1.99
C LEU B 266 13.19 -21.93 -3.22
N SER B 267 12.06 -21.70 -3.90
CA SER B 267 12.03 -20.87 -5.06
C SER B 267 12.06 -19.40 -4.72
N ASP B 268 12.10 -18.58 -5.78
CA ASP B 268 12.01 -17.14 -5.67
C ASP B 268 10.58 -16.55 -5.51
N TRP B 269 9.58 -17.41 -5.30
CA TRP B 269 8.19 -17.00 -5.42
C TRP B 269 7.51 -16.76 -4.11
N LEU B 270 8.26 -16.91 -3.01
CA LEU B 270 7.80 -16.50 -1.70
C LEU B 270 8.93 -15.71 -1.06
N PRO B 271 9.35 -14.62 -1.72
CA PRO B 271 10.49 -13.82 -1.29
C PRO B 271 10.26 -12.91 -0.09
N ALA B 272 9.04 -12.81 0.40
CA ALA B 272 8.72 -11.87 1.44
C ALA B 272 8.35 -12.57 2.73
N THR B 273 8.57 -13.90 2.77
CA THR B 273 8.14 -14.73 3.86
C THR B 273 9.33 -15.32 4.58
N THR B 274 9.42 -15.06 5.88
CA THR B 274 10.49 -15.63 6.74
C THR B 274 10.10 -15.68 8.23
N GLY B 275 10.69 -16.63 8.94
CA GLY B 275 10.36 -16.90 10.34
C GLY B 275 8.98 -17.50 10.50
N ASP B 276 8.48 -18.07 9.43
CA ASP B 276 7.06 -18.33 9.25
C ASP B 276 6.77 -19.81 9.00
N ILE B 277 5.49 -20.15 8.97
CA ILE B 277 4.98 -21.50 8.81
C ILE B 277 3.95 -21.49 7.70
N ILE B 278 4.20 -22.26 6.67
CA ILE B 278 3.23 -22.53 5.61
C ILE B 278 2.55 -23.87 5.90
N TYR B 279 1.23 -23.88 5.93
CA TYR B 279 0.47 -25.08 6.18
C TYR B 279 0.15 -25.77 4.86
N ALA B 280 0.74 -26.96 4.68
CA ALA B 280 0.41 -27.89 3.60
C ALA B 280 -0.37 -29.05 4.19
N ASP B 281 -1.61 -28.79 4.57
CA ASP B 281 -2.45 -29.75 5.27
C ASP B 281 -3.87 -29.88 4.71
N GLY B 282 -4.05 -29.49 3.47
CA GLY B 282 -5.38 -29.42 2.88
C GLY B 282 -6.31 -28.38 3.50
N GLY B 283 -5.77 -27.54 4.37
CA GLY B 283 -6.54 -26.51 5.04
C GLY B 283 -7.17 -27.01 6.29
N ALA B 284 -6.79 -28.21 6.73
CA ALA B 284 -7.43 -28.82 7.87
C ALA B 284 -7.37 -27.97 9.14
N HIS B 285 -6.26 -27.24 9.33
CA HIS B 285 -6.05 -26.47 10.55
C HIS B 285 -6.92 -25.21 10.65
N THR B 286 -7.62 -24.86 9.58
CA THR B 286 -8.52 -23.68 9.54
C THR B 286 -9.97 -24.02 9.80
N GLN B 287 -10.27 -25.32 9.88
CA GLN B 287 -11.62 -25.81 10.11
C GLN B 287 -11.70 -26.61 11.42
N LEU B 288 -12.72 -26.33 12.23
CA LEU B 288 -12.89 -26.97 13.50
C LEU B 288 -13.46 -28.37 13.36
N LEU B 289 -14.45 -28.55 12.47
CA LEU B 289 -15.00 -29.87 12.09
C LEU B 289 -15.24 -29.91 10.57
N THR C 22 9.83 -20.87 -18.88
CA THR C 22 8.37 -21.17 -18.83
C THR C 22 7.62 -20.40 -17.65
N GLY C 23 6.54 -19.81 -18.07
CA GLY C 23 5.54 -19.25 -17.19
C GLY C 23 5.14 -20.14 -16.02
N LEU C 24 5.24 -19.59 -14.84
CA LEU C 24 4.66 -20.17 -13.63
C LEU C 24 3.12 -20.31 -13.77
N LEU C 25 2.51 -19.47 -14.57
CA LEU C 25 1.07 -19.48 -14.77
C LEU C 25 0.66 -19.74 -16.24
N ASP C 26 1.48 -20.51 -16.97
CA ASP C 26 1.22 -20.75 -18.39
C ASP C 26 -0.17 -21.26 -18.68
N GLY C 27 -0.84 -20.59 -19.62
CA GLY C 27 -2.22 -20.93 -20.00
C GLY C 27 -3.20 -21.04 -18.84
N LYS C 28 -3.01 -20.23 -17.81
CA LYS C 28 -4.01 -20.11 -16.77
C LYS C 28 -4.81 -18.85 -17.13
N ARG C 29 -6.12 -18.96 -17.01
CA ARG C 29 -6.98 -17.79 -17.20
C ARG C 29 -7.33 -17.24 -15.82
N ILE C 30 -6.94 -15.99 -15.56
CA ILE C 30 -7.07 -15.43 -14.23
C ILE C 30 -7.79 -14.08 -14.23
N LEU C 31 -8.71 -13.88 -13.29
CA LEU C 31 -9.42 -12.60 -13.12
C LEU C 31 -8.74 -11.74 -12.07
N VAL C 32 -8.40 -10.51 -12.40
CA VAL C 32 -7.77 -9.59 -11.45
C VAL C 32 -8.59 -8.33 -11.25
N SER C 33 -9.11 -8.18 -10.03
CA SER C 33 -9.87 -7.01 -9.67
C SER C 33 -8.96 -6.04 -8.96
N GLY C 34 -9.38 -4.79 -8.86
CA GLY C 34 -8.79 -3.83 -7.91
C GLY C 34 -7.66 -2.94 -8.39
N ILE C 35 -7.55 -2.79 -9.69
CA ILE C 35 -6.63 -1.83 -10.31
C ILE C 35 -7.30 -0.45 -10.32
N ILE C 36 -6.55 0.57 -9.92
CA ILE C 36 -6.98 1.97 -10.04
C ILE C 36 -5.83 2.87 -10.45
N THR C 37 -4.62 2.65 -9.95
CA THR C 37 -3.40 3.29 -10.44
C THR C 37 -2.38 2.22 -10.75
N ASP C 38 -1.25 2.61 -11.32
CA ASP C 38 -0.16 1.67 -11.55
C ASP C 38 0.72 1.42 -10.27
N SER C 39 0.36 2.04 -9.15
CA SER C 39 0.91 1.71 -7.84
C SER C 39 0.12 0.60 -7.11
N SER C 40 -1.17 0.42 -7.51
CA SER C 40 -2.06 -0.58 -6.96
C SER C 40 -1.40 -1.94 -6.86
N ILE C 41 -1.69 -2.68 -5.78
CA ILE C 41 -1.15 -4.02 -5.67
C ILE C 41 -1.64 -4.87 -6.83
N ALA C 42 -2.94 -4.75 -7.14
CA ALA C 42 -3.52 -5.46 -8.26
C ALA C 42 -2.79 -5.25 -9.58
N PHE C 43 -2.30 -4.03 -9.83
CA PHE C 43 -1.61 -3.76 -11.09
C PHE C 43 -0.36 -4.62 -11.20
N HIS C 44 0.36 -4.74 -10.09
CA HIS C 44 1.60 -5.49 -10.05
C HIS C 44 1.36 -6.99 -10.03
N ILE C 45 0.29 -7.42 -9.35
CA ILE C 45 -0.16 -8.82 -9.48
C ILE C 45 -0.35 -9.17 -10.95
N ALA C 46 -1.15 -8.35 -11.63
CA ALA C 46 -1.45 -8.52 -13.05
C ALA C 46 -0.19 -8.49 -13.92
N ARG C 47 0.71 -7.55 -13.65
CA ARG C 47 1.93 -7.45 -14.44
C ARG C 47 2.72 -8.76 -14.33
N VAL C 48 2.88 -9.25 -13.10
CA VAL C 48 3.76 -10.39 -12.87
C VAL C 48 3.10 -11.64 -13.45
N ALA C 49 1.79 -11.74 -13.26
CA ALA C 49 1.02 -12.86 -13.80
C ALA C 49 1.18 -12.95 -15.31
N GLN C 50 1.15 -11.80 -15.99
CA GLN C 50 1.31 -11.78 -17.46
C GLN C 50 2.69 -12.17 -17.87
N GLU C 51 3.71 -11.68 -17.16
CA GLU C 51 5.12 -12.09 -17.38
C GLU C 51 5.26 -13.58 -17.24
N GLN C 52 4.42 -14.17 -16.40
CA GLN C 52 4.41 -15.61 -16.17
C GLN C 52 3.38 -16.40 -17.01
N GLY C 53 2.92 -15.83 -18.13
CA GLY C 53 2.17 -16.57 -19.14
C GLY C 53 0.68 -16.71 -18.93
N ALA C 54 0.10 -15.85 -18.12
CA ALA C 54 -1.32 -15.95 -17.81
C ALA C 54 -2.12 -15.08 -18.76
N GLN C 55 -3.31 -15.55 -19.15
CA GLN C 55 -4.28 -14.69 -19.84
C GLN C 55 -5.16 -14.08 -18.77
N LEU C 56 -5.30 -12.76 -18.81
CA LEU C 56 -6.04 -12.08 -17.78
C LEU C 56 -7.39 -11.56 -18.22
N VAL C 57 -8.28 -11.46 -17.25
CA VAL C 57 -9.50 -10.64 -17.36
C VAL C 57 -9.51 -9.68 -16.19
N LEU C 58 -9.71 -8.39 -16.44
CA LEU C 58 -9.60 -7.39 -15.38
C LEU C 58 -10.95 -6.83 -15.04
N THR C 59 -11.13 -6.43 -13.79
CA THR C 59 -12.33 -5.71 -13.37
C THR C 59 -11.90 -4.42 -12.71
N GLY C 60 -12.77 -3.43 -12.82
CA GLY C 60 -12.53 -2.10 -12.30
C GLY C 60 -13.80 -1.46 -11.77
N PHE C 61 -13.65 -0.49 -10.85
CA PHE C 61 -14.75 0.21 -10.22
C PHE C 61 -14.78 1.67 -10.62
N ASP C 62 -15.96 2.17 -11.08
CA ASP C 62 -16.27 3.62 -11.17
C ASP C 62 -15.54 4.37 -12.31
N ARG C 63 -14.21 4.50 -12.22
CA ARG C 63 -13.38 5.25 -13.18
C ARG C 63 -12.84 4.35 -14.27
N LEU C 64 -13.73 3.87 -15.13
CA LEU C 64 -13.37 2.93 -16.20
C LEU C 64 -12.45 3.49 -17.30
N ARG C 65 -12.63 4.77 -17.70
CA ARG C 65 -11.76 5.30 -18.73
C ARG C 65 -10.34 5.44 -18.16
N LEU C 66 -10.25 5.88 -16.90
CA LEU C 66 -8.97 6.03 -16.24
C LEU C 66 -8.27 4.67 -16.06
N ILE C 67 -9.03 3.68 -15.57
CA ILE C 67 -8.46 2.35 -15.38
C ILE C 67 -7.97 1.78 -16.71
N GLN C 68 -8.77 1.97 -17.77
CA GLN C 68 -8.43 1.51 -19.10
C GLN C 68 -7.06 2.03 -19.58
N ARG C 69 -6.80 3.32 -19.32
CA ARG C 69 -5.55 3.95 -19.73
C ARG C 69 -4.37 3.41 -18.93
N ILE C 70 -4.65 3.02 -17.68
CA ILE C 70 -3.65 2.43 -16.78
C ILE C 70 -3.35 1.00 -17.20
N THR C 71 -4.37 0.21 -17.50
CA THR C 71 -4.14 -1.19 -17.89
C THR C 71 -3.47 -1.34 -19.24
N ASP C 72 -3.53 -0.35 -20.13
CA ASP C 72 -2.79 -0.42 -21.40
C ASP C 72 -1.27 -0.44 -21.17
N ARG C 73 -0.85 0.08 -20.02
CA ARG C 73 0.55 0.01 -19.59
C ARG C 73 1.04 -1.37 -19.14
N LEU C 74 0.11 -2.33 -18.96
CA LEU C 74 0.50 -3.70 -18.67
C LEU C 74 1.22 -4.30 -19.86
N PRO C 75 2.03 -5.35 -19.65
CA PRO C 75 2.80 -5.93 -20.76
C PRO C 75 1.94 -6.46 -21.93
N ALA C 76 0.70 -6.89 -21.62
CA ALA C 76 -0.21 -7.42 -22.63
C ALA C 76 -1.65 -6.93 -22.48
N LYS C 77 -2.33 -6.87 -23.62
CA LYS C 77 -3.75 -6.50 -23.72
C LYS C 77 -4.58 -7.45 -22.89
N ALA C 78 -5.62 -6.94 -22.25
CA ALA C 78 -6.52 -7.79 -21.47
C ALA C 78 -7.89 -7.14 -21.40
N PRO C 79 -8.95 -7.94 -21.51
CA PRO C 79 -10.28 -7.33 -21.38
C PRO C 79 -10.55 -6.75 -20.00
N LEU C 80 -11.32 -5.66 -19.96
CA LEU C 80 -11.64 -4.94 -18.73
C LEU C 80 -13.17 -4.87 -18.54
N LEU C 81 -13.66 -5.35 -17.42
CA LEU C 81 -15.09 -5.36 -17.12
C LEU C 81 -15.42 -4.48 -15.96
N GLU C 82 -16.63 -3.97 -15.92
CA GLU C 82 -17.05 -3.14 -14.79
C GLU C 82 -17.57 -4.06 -13.68
N LEU C 83 -17.06 -3.84 -12.45
CA LEU C 83 -17.57 -4.52 -11.26
C LEU C 83 -17.48 -3.61 -10.03
N ASP C 84 -18.65 -3.19 -9.59
CA ASP C 84 -18.87 -2.53 -8.32
C ASP C 84 -19.45 -3.61 -7.46
N VAL C 85 -18.72 -4.06 -6.45
CA VAL C 85 -19.17 -5.22 -5.62
C VAL C 85 -20.38 -4.97 -4.71
N GLN C 86 -20.84 -3.72 -4.62
CA GLN C 86 -22.12 -3.40 -3.93
C GLN C 86 -23.39 -3.53 -4.82
N ASN C 87 -23.14 -3.69 -6.11
CA ASN C 87 -24.16 -3.73 -7.14
C ASN C 87 -24.58 -5.17 -7.48
N GLU C 88 -25.75 -5.57 -7.01
CA GLU C 88 -26.22 -6.93 -7.27
C GLU C 88 -26.27 -7.30 -8.75
N GLU C 89 -26.59 -6.34 -9.62
CA GLU C 89 -26.70 -6.64 -11.07
C GLU C 89 -25.36 -6.97 -11.68
N HIS C 90 -24.31 -6.27 -11.25
CA HIS C 90 -22.98 -6.61 -11.75
C HIS C 90 -22.58 -8.02 -11.34
N LEU C 91 -22.79 -8.33 -10.08
CA LEU C 91 -22.48 -9.64 -9.59
C LEU C 91 -23.27 -10.74 -10.31
N ALA C 92 -24.57 -10.51 -10.51
CA ALA C 92 -25.40 -11.50 -11.19
C ALA C 92 -24.92 -11.75 -12.65
N SER C 93 -24.45 -10.68 -13.31
CA SER C 93 -24.06 -10.77 -14.71
C SER C 93 -22.57 -11.08 -14.94
N LEU C 94 -21.79 -11.12 -13.87
CA LEU C 94 -20.35 -11.17 -13.97
C LEU C 94 -19.87 -12.43 -14.66
N ALA C 95 -20.32 -13.56 -14.15
CA ALA C 95 -19.93 -14.86 -14.70
C ALA C 95 -20.14 -14.88 -16.23
N GLY C 96 -21.33 -14.43 -16.66
CA GLY C 96 -21.65 -14.37 -18.08
C GLY C 96 -20.70 -13.48 -18.89
N ARG C 97 -20.44 -12.28 -18.37
CA ARG C 97 -19.56 -11.33 -19.05
C ARG C 97 -18.13 -11.86 -19.15
N VAL C 98 -17.73 -12.64 -18.15
CA VAL C 98 -16.38 -13.21 -18.13
C VAL C 98 -16.31 -14.32 -19.18
N THR C 99 -17.31 -15.21 -19.13
CA THR C 99 -17.44 -16.29 -20.10
C THR C 99 -17.33 -15.72 -21.56
N GLU C 100 -17.94 -14.57 -21.78
CA GLU C 100 -17.91 -13.93 -23.11
C GLU C 100 -16.50 -13.49 -23.46
N ALA C 101 -15.78 -12.96 -22.47
CA ALA C 101 -14.43 -12.41 -22.68
C ALA C 101 -13.40 -13.50 -22.97
N ILE C 102 -13.53 -14.66 -22.29
CA ILE C 102 -12.57 -15.76 -22.44
C ILE C 102 -13.03 -16.86 -23.41
N GLY C 103 -14.26 -16.75 -23.89
CA GLY C 103 -14.80 -17.73 -24.85
C GLY C 103 -15.54 -18.87 -24.18
N ALA C 104 -16.68 -19.26 -24.76
CA ALA C 104 -17.58 -20.29 -24.16
C ALA C 104 -16.81 -21.63 -24.06
N GLY C 105 -17.16 -22.40 -23.03
CA GLY C 105 -16.47 -23.66 -22.77
C GLY C 105 -15.02 -23.50 -22.24
N ASN C 106 -14.62 -22.26 -21.92
CA ASN C 106 -13.41 -22.02 -21.15
C ASN C 106 -13.73 -21.48 -19.75
N LYS C 107 -12.78 -21.66 -18.84
CA LYS C 107 -13.01 -21.26 -17.47
C LYS C 107 -11.80 -20.63 -16.87
N LEU C 108 -12.05 -19.99 -15.72
CA LEU C 108 -11.01 -19.39 -14.92
C LEU C 108 -10.31 -20.47 -14.12
N ASP C 109 -9.00 -20.28 -13.98
CA ASP C 109 -8.18 -21.05 -13.01
C ASP C 109 -7.84 -20.21 -11.76
N GLY C 110 -7.95 -18.88 -11.88
CA GLY C 110 -7.61 -17.99 -10.79
C GLY C 110 -8.52 -16.79 -10.71
N VAL C 111 -8.72 -16.31 -9.47
CA VAL C 111 -9.47 -15.10 -9.17
C VAL C 111 -8.72 -14.34 -8.08
N VAL C 112 -8.51 -13.04 -8.28
CA VAL C 112 -7.80 -12.19 -7.31
C VAL C 112 -8.71 -11.09 -6.83
N HIS C 113 -8.97 -11.08 -5.54
CA HIS C 113 -9.73 -10.03 -4.88
C HIS C 113 -8.71 -9.07 -4.26
N SER C 114 -8.55 -7.90 -4.87
CA SER C 114 -7.68 -6.86 -4.38
C SER C 114 -8.49 -5.58 -4.21
N ILE C 115 -9.45 -5.62 -3.29
CA ILE C 115 -10.45 -4.59 -3.15
C ILE C 115 -10.64 -4.19 -1.70
N GLY C 116 -10.85 -2.89 -1.49
CA GLY C 116 -11.09 -2.41 -0.15
C GLY C 116 -11.62 -1.00 -0.16
N PHE C 117 -12.34 -0.67 0.91
CA PHE C 117 -12.83 0.67 1.12
C PHE C 117 -13.26 0.87 2.57
N MET C 118 -13.01 2.05 3.09
CA MET C 118 -13.55 2.46 4.37
C MET C 118 -13.67 3.98 4.38
N PRO C 119 -14.85 4.52 4.69
CA PRO C 119 -15.00 5.96 4.83
C PRO C 119 -14.00 6.56 5.80
N GLN C 120 -13.59 7.81 5.52
CA GLN C 120 -12.61 8.51 6.40
C GLN C 120 -13.02 8.53 7.88
N THR C 121 -14.31 8.41 8.19
CA THR C 121 -14.78 8.38 9.59
C THR C 121 -14.27 7.16 10.36
N GLY C 122 -13.96 6.08 9.66
CA GLY C 122 -13.48 4.88 10.30
C GLY C 122 -11.99 4.67 10.32
N MET C 123 -11.23 5.74 10.19
CA MET C 123 -9.81 5.65 9.95
C MET C 123 -9.11 6.85 10.54
N GLY C 124 -7.81 6.73 10.77
CA GLY C 124 -6.94 7.86 11.08
C GLY C 124 -7.16 8.42 12.45
N ILE C 125 -7.03 9.74 12.59
CA ILE C 125 -7.26 10.40 13.89
C ILE C 125 -8.73 10.51 14.27
N ASN C 126 -9.66 10.24 13.36
CA ASN C 126 -11.10 10.32 13.69
C ASN C 126 -11.40 9.32 14.82
N PRO C 127 -11.97 9.78 15.92
CA PRO C 127 -12.20 8.85 17.03
C PRO C 127 -12.90 7.58 16.66
N PHE C 128 -12.40 6.45 17.16
CA PHE C 128 -12.96 5.13 16.85
C PHE C 128 -14.47 5.08 17.09
N PHE C 129 -14.91 5.62 18.22
CA PHE C 129 -16.31 5.59 18.61
C PHE C 129 -17.25 6.51 17.80
N ASP C 130 -16.71 7.44 17.01
CA ASP C 130 -17.52 8.38 16.25
C ASP C 130 -17.78 7.94 14.83
N ALA C 131 -17.32 6.77 14.41
CA ALA C 131 -17.68 6.26 13.09
C ALA C 131 -19.08 5.67 13.14
N PRO C 132 -20.02 6.26 12.39
CA PRO C 132 -21.40 5.71 12.46
C PRO C 132 -21.49 4.35 11.75
N TYR C 133 -22.41 3.50 12.18
CA TYR C 133 -22.44 2.16 11.59
C TYR C 133 -22.73 2.18 10.08
N ALA C 134 -23.49 3.15 9.58
CA ALA C 134 -23.74 3.22 8.15
C ALA C 134 -22.40 3.22 7.39
N ASP C 135 -21.40 3.96 7.91
CA ASP C 135 -20.06 4.04 7.29
C ASP C 135 -19.27 2.73 7.45
N VAL C 136 -19.23 2.20 8.67
CA VAL C 136 -18.50 0.96 8.92
C VAL C 136 -19.08 -0.14 8.04
N SER C 137 -20.42 -0.19 7.94
CA SER C 137 -21.12 -1.20 7.16
C SER C 137 -20.75 -1.19 5.69
N LYS C 138 -20.60 0.00 5.13
CA LYS C 138 -20.19 0.10 3.76
C LYS C 138 -18.83 -0.51 3.57
N GLY C 139 -17.92 -0.28 4.53
CA GLY C 139 -16.55 -0.77 4.42
C GLY C 139 -16.43 -2.27 4.54
N ILE C 140 -17.18 -2.83 5.47
CA ILE C 140 -17.25 -4.27 5.64
C ILE C 140 -17.87 -4.91 4.41
N HIS C 141 -18.89 -4.26 3.84
CA HIS C 141 -19.54 -4.78 2.63
C HIS C 141 -18.50 -4.95 1.52
N ILE C 142 -17.79 -3.87 1.23
CA ILE C 142 -16.84 -3.86 0.15
C ILE C 142 -15.58 -4.69 0.45
N SER C 143 -15.07 -4.59 1.69
CA SER C 143 -13.77 -5.17 2.05
C SER C 143 -13.82 -6.62 2.46
N ALA C 144 -14.97 -7.07 2.97
CA ALA C 144 -15.11 -8.40 3.55
C ALA C 144 -16.17 -9.27 2.89
N TYR C 145 -17.41 -8.80 2.89
CA TYR C 145 -18.54 -9.54 2.26
C TYR C 145 -18.28 -9.83 0.77
N SER C 146 -17.68 -8.87 0.07
CA SER C 146 -17.47 -8.98 -1.36
C SER C 146 -16.58 -10.13 -1.75
N TYR C 147 -15.73 -10.59 -0.83
CA TYR C 147 -14.90 -11.77 -1.07
C TYR C 147 -15.79 -12.97 -1.29
N ALA C 148 -16.82 -13.11 -0.46
CA ALA C 148 -17.80 -14.17 -0.62
C ALA C 148 -18.65 -14.00 -1.87
N SER C 149 -19.15 -12.78 -2.13
CA SER C 149 -20.03 -12.60 -3.28
CA SER C 149 -20.03 -12.60 -3.28
C SER C 149 -19.27 -12.77 -4.60
N MET C 150 -17.98 -12.42 -4.64
CA MET C 150 -17.17 -12.67 -5.83
C MET C 150 -17.01 -14.16 -6.03
N ALA C 151 -16.66 -14.86 -4.95
CA ALA C 151 -16.53 -16.30 -4.99
C ALA C 151 -17.82 -17.00 -5.50
N LYS C 152 -18.97 -16.55 -4.98
CA LYS C 152 -20.29 -17.11 -5.35
C LYS C 152 -20.57 -16.97 -6.83
N ALA C 153 -20.22 -15.81 -7.35
CA ALA C 153 -20.42 -15.47 -8.74
C ALA C 153 -19.50 -16.23 -9.67
N LEU C 154 -18.27 -16.48 -9.25
CA LEU C 154 -17.21 -17.00 -10.13
C LEU C 154 -16.86 -18.49 -10.01
N LEU C 155 -17.01 -19.10 -8.85
CA LEU C 155 -16.82 -20.52 -8.71
C LEU C 155 -17.55 -21.36 -9.80
N PRO C 156 -18.81 -21.01 -10.15
CA PRO C 156 -19.47 -21.81 -11.22
C PRO C 156 -18.76 -21.82 -12.55
N ILE C 157 -17.82 -20.91 -12.75
CA ILE C 157 -16.96 -20.90 -13.96
C ILE C 157 -15.48 -21.06 -13.64
N MET C 158 -15.18 -21.86 -12.62
CA MET C 158 -13.80 -22.16 -12.25
C MET C 158 -13.48 -23.64 -12.36
N ASN C 159 -12.41 -23.90 -13.06
CA ASN C 159 -11.84 -25.24 -13.19
C ASN C 159 -11.41 -25.83 -11.86
N PRO C 160 -11.44 -27.17 -11.76
CA PRO C 160 -10.75 -27.79 -10.63
C PRO C 160 -9.27 -27.45 -10.66
N GLY C 161 -8.66 -27.37 -9.47
CA GLY C 161 -7.25 -26.99 -9.33
C GLY C 161 -7.02 -25.52 -9.20
N GLY C 162 -8.10 -24.75 -9.27
CA GLY C 162 -8.04 -23.29 -9.31
C GLY C 162 -7.83 -22.63 -7.96
N SER C 163 -7.56 -21.32 -7.98
CA SER C 163 -7.16 -20.61 -6.78
C SER C 163 -7.83 -19.23 -6.72
N ILE C 164 -8.48 -18.95 -5.59
CA ILE C 164 -8.97 -17.64 -5.27
C ILE C 164 -8.03 -17.04 -4.23
N VAL C 165 -7.67 -15.77 -4.41
CA VAL C 165 -6.77 -15.06 -3.52
C VAL C 165 -7.28 -13.69 -3.18
N GLY C 166 -7.17 -13.31 -1.92
CA GLY C 166 -7.57 -11.98 -1.42
C GLY C 166 -6.46 -11.28 -0.66
N MET C 167 -6.50 -9.95 -0.53
CA MET C 167 -5.45 -9.21 0.14
C MET C 167 -5.85 -8.81 1.54
N ASP C 168 -4.92 -9.01 2.48
CA ASP C 168 -5.15 -8.89 3.92
C ASP C 168 -4.06 -8.00 4.52
N PHE C 169 -4.37 -7.37 5.64
CA PHE C 169 -3.40 -6.64 6.41
C PHE C 169 -3.58 -7.11 7.85
N ASP C 170 -2.54 -7.70 8.44
CA ASP C 170 -2.65 -8.41 9.69
C ASP C 170 -3.44 -7.68 10.78
N PRO C 171 -4.69 -8.13 11.05
CA PRO C 171 -5.58 -7.47 11.98
C PRO C 171 -5.63 -8.14 13.33
N SER C 172 -4.70 -9.06 13.60
CA SER C 172 -4.73 -9.85 14.82
C SER C 172 -4.42 -9.06 16.09
N ARG C 173 -3.74 -7.93 15.94
CA ARG C 173 -3.59 -6.95 17.01
C ARG C 173 -4.10 -5.60 16.54
N ALA C 174 -4.68 -4.84 17.44
CA ALA C 174 -5.15 -3.49 17.15
C ALA C 174 -3.98 -2.56 16.93
N MET C 175 -4.21 -1.46 16.25
CA MET C 175 -3.11 -0.52 15.93
C MET C 175 -3.61 0.91 15.71
N PRO C 176 -2.74 1.89 15.74
CA PRO C 176 -3.24 3.23 15.44
C PRO C 176 -3.71 3.36 14.00
N ALA C 177 -4.75 4.14 13.78
CA ALA C 177 -5.17 4.59 12.44
C ALA C 177 -5.92 3.61 11.55
N TYR C 178 -5.50 2.35 11.51
CA TYR C 178 -6.22 1.36 10.69
C TYR C 178 -7.68 1.19 11.19
N ASN C 179 -7.87 1.42 12.48
CA ASN C 179 -9.19 1.48 13.11
C ASN C 179 -10.22 0.48 12.55
N TRP C 180 -11.31 0.97 11.95
CA TRP C 180 -12.38 0.11 11.51
C TRP C 180 -12.02 -0.71 10.32
N MET C 181 -10.94 -0.41 9.61
CA MET C 181 -10.50 -1.30 8.53
C MET C 181 -9.90 -2.57 9.11
N THR C 182 -9.27 -2.45 10.30
CA THR C 182 -8.78 -3.61 11.03
C THR C 182 -9.92 -4.58 11.28
N VAL C 183 -11.09 -4.05 11.66
CA VAL C 183 -12.24 -4.86 11.93
C VAL C 183 -12.73 -5.53 10.65
N ALA C 184 -12.76 -4.80 9.56
CA ALA C 184 -13.11 -5.37 8.27
C ALA C 184 -12.15 -6.50 7.87
N LYS C 185 -10.85 -6.33 8.11
CA LYS C 185 -9.91 -7.37 7.80
C LYS C 185 -10.07 -8.60 8.70
N SER C 186 -10.41 -8.40 9.96
CA SER C 186 -10.68 -9.53 10.85
C SER C 186 -11.89 -10.29 10.33
N ALA C 187 -12.87 -9.57 9.83
CA ALA C 187 -14.02 -10.18 9.21
C ALA C 187 -13.61 -10.92 7.96
N LEU C 188 -12.78 -10.33 7.13
CA LEU C 188 -12.33 -10.95 5.90
C LEU C 188 -11.64 -12.33 6.15
N GLU C 189 -10.75 -12.37 7.14
CA GLU C 189 -10.09 -13.61 7.49
C GLU C 189 -11.11 -14.74 7.81
N SER C 190 -12.18 -14.37 8.50
CA SER C 190 -13.23 -15.32 8.84
C SER C 190 -14.02 -15.74 7.60
N VAL C 191 -14.33 -14.79 6.73
CA VAL C 191 -15.02 -15.11 5.50
C VAL C 191 -14.17 -16.02 4.64
N ASN C 192 -12.86 -15.76 4.54
CA ASN C 192 -11.98 -16.57 3.72
C ASN C 192 -12.06 -18.05 4.10
N ARG C 193 -12.11 -18.34 5.37
CA ARG C 193 -12.23 -19.71 5.84
C ARG C 193 -13.52 -20.42 5.43
N PHE C 194 -14.64 -19.70 5.39
CA PHE C 194 -15.93 -20.24 4.90
C PHE C 194 -15.99 -20.37 3.39
N VAL C 195 -15.35 -19.45 2.70
CA VAL C 195 -15.25 -19.53 1.26
C VAL C 195 -14.44 -20.76 0.86
N ALA C 196 -13.44 -21.10 1.67
CA ALA C 196 -12.63 -22.29 1.41
C ALA C 196 -13.46 -23.55 1.38
N ARG C 197 -14.44 -23.64 2.26
CA ARG C 197 -15.36 -24.78 2.34
C ARG C 197 -16.18 -24.92 1.09
N GLU C 198 -16.67 -23.79 0.58
CA GLU C 198 -17.49 -23.80 -0.60
C GLU C 198 -16.63 -24.10 -1.80
N ALA C 199 -15.50 -23.41 -1.86
CA ALA C 199 -14.55 -23.57 -2.96
C ALA C 199 -14.03 -25.00 -3.07
N GLY C 200 -13.84 -25.62 -1.92
CA GLY C 200 -13.43 -27.02 -1.84
C GLY C 200 -14.25 -27.99 -2.70
N LYS C 201 -15.56 -27.78 -2.74
CA LYS C 201 -16.44 -28.64 -3.53
C LYS C 201 -16.20 -28.53 -5.01
N TYR C 202 -15.56 -27.45 -5.48
CA TYR C 202 -15.16 -27.28 -6.88
C TYR C 202 -13.68 -27.64 -7.15
N GLY C 203 -12.98 -28.14 -6.13
CA GLY C 203 -11.53 -28.39 -6.21
C GLY C 203 -10.73 -27.10 -6.24
N VAL C 204 -11.19 -26.10 -5.50
CA VAL C 204 -10.64 -24.76 -5.56
C VAL C 204 -10.22 -24.28 -4.16
N ARG C 205 -9.06 -23.64 -4.15
CA ARG C 205 -8.44 -23.15 -2.95
C ARG C 205 -8.82 -21.68 -2.76
N SER C 206 -8.94 -21.26 -1.51
CA SER C 206 -9.19 -19.86 -1.17
C SER C 206 -8.21 -19.44 -0.08
N ASN C 207 -7.42 -18.40 -0.34
CA ASN C 207 -6.43 -17.95 0.61
C ASN C 207 -6.27 -16.44 0.58
N LEU C 208 -5.67 -15.89 1.64
CA LEU C 208 -5.36 -14.49 1.71
C LEU C 208 -3.86 -14.29 1.73
N VAL C 209 -3.40 -13.16 1.21
CA VAL C 209 -2.02 -12.73 1.40
C VAL C 209 -2.06 -11.54 2.33
N ALA C 210 -1.46 -11.69 3.50
CA ALA C 210 -1.25 -10.61 4.42
C ALA C 210 0.00 -9.87 3.98
N ALA C 211 -0.17 -8.77 3.26
CA ALA C 211 0.98 -8.00 2.75
C ALA C 211 1.42 -7.00 3.76
N GLY C 212 2.71 -6.71 3.74
CA GLY C 212 3.23 -5.55 4.44
C GLY C 212 2.76 -4.28 3.74
N PRO C 213 3.12 -3.10 4.27
CA PRO C 213 2.62 -1.87 3.69
C PRO C 213 3.23 -1.53 2.35
N ILE C 214 2.38 -1.11 1.41
CA ILE C 214 2.77 -0.73 0.07
C ILE C 214 2.16 0.62 -0.22
N ARG C 215 2.99 1.53 -0.72
CA ARG C 215 2.51 2.88 -1.03
C ARG C 215 1.63 2.80 -2.30
N THR C 216 0.33 2.82 -2.03
CA THR C 216 -0.74 2.80 -3.03
C THR C 216 -1.64 4.00 -2.82
N LEU C 217 -2.57 4.19 -3.77
CA LEU C 217 -3.54 5.25 -3.65
C LEU C 217 -4.28 5.25 -2.30
N ALA C 218 -4.85 4.09 -1.97
CA ALA C 218 -5.57 3.93 -0.73
C ALA C 218 -4.75 4.25 0.49
N MET C 219 -3.50 3.85 0.48
CA MET C 219 -2.64 4.06 1.63
C MET C 219 -2.46 5.52 1.90
N SER C 220 -2.26 6.28 0.83
CA SER C 220 -1.80 7.65 0.99
C SER C 220 -2.98 8.60 1.14
N ALA C 221 -4.00 8.37 0.32
CA ALA C 221 -5.12 9.30 0.24
C ALA C 221 -6.21 8.94 1.21
N ILE C 222 -6.60 7.66 1.25
CA ILE C 222 -7.59 7.27 2.25
C ILE C 222 -6.98 7.21 3.63
N VAL C 223 -5.90 6.45 3.83
CA VAL C 223 -5.43 6.22 5.20
C VAL C 223 -4.71 7.45 5.73
N GLY C 224 -3.63 7.86 5.07
CA GLY C 224 -2.91 9.10 5.36
C GLY C 224 -3.77 10.38 5.35
N GLY C 225 -4.70 10.43 4.39
CA GLY C 225 -5.74 11.44 4.40
C GLY C 225 -6.52 11.60 5.70
N ALA C 226 -6.81 10.47 6.34
CA ALA C 226 -7.57 10.44 7.59
C ALA C 226 -6.76 10.89 8.79
N LEU C 227 -5.42 10.95 8.63
CA LEU C 227 -4.55 11.54 9.69
C LEU C 227 -4.36 13.06 9.51
N GLY C 228 -4.88 13.58 8.40
CA GLY C 228 -4.53 14.87 7.82
C GLY C 228 -3.15 15.37 8.26
N GLU C 229 -3.15 15.97 9.46
CA GLU C 229 -1.98 16.69 9.95
C GLU C 229 -1.04 15.78 10.76
N GLU C 230 -1.42 14.55 10.97
CA GLU C 230 -0.58 13.58 11.65
C GLU C 230 0.06 12.65 10.62
N ALA C 231 -0.19 12.90 9.33
CA ALA C 231 0.34 11.95 8.26
C ALA C 231 1.86 11.54 8.31
N GLY C 232 2.75 12.33 8.93
CA GLY C 232 4.10 11.85 9.24
C GLY C 232 4.14 10.61 10.16
N ALA C 233 3.24 10.63 11.16
CA ALA C 233 3.08 9.56 12.12
C ALA C 233 2.89 8.23 11.41
N GLN C 234 2.03 8.19 10.41
CA GLN C 234 1.80 6.98 9.63
C GLN C 234 3.08 6.37 9.09
N ILE C 235 3.90 7.16 8.44
CA ILE C 235 5.14 6.61 7.86
C ILE C 235 6.09 6.08 8.94
N GLN C 236 6.07 6.69 10.10
CA GLN C 236 6.91 6.20 11.16
C GLN C 236 6.41 4.85 11.72
N LEU C 237 5.12 4.77 12.04
CA LEU C 237 4.53 3.52 12.48
C LEU C 237 4.80 2.39 11.50
N LEU C 238 4.67 2.66 10.23
CA LEU C 238 4.89 1.61 9.26
C LEU C 238 6.30 1.15 9.24
N GLU C 239 7.26 2.07 9.29
CA GLU C 239 8.68 1.65 9.28
C GLU C 239 9.00 0.87 10.54
N GLU C 240 8.37 1.25 11.64
CA GLU C 240 8.54 0.62 12.94
C GLU C 240 7.97 -0.79 12.97
N GLY C 241 6.71 -0.94 12.55
CA GLY C 241 6.04 -2.24 12.54
C GLY C 241 6.53 -3.27 11.53
N TRP C 242 7.10 -2.83 10.41
CA TRP C 242 7.56 -3.69 9.30
C TRP C 242 9.08 -3.74 9.01
N ASP C 243 9.73 -2.69 8.49
CA ASP C 243 11.14 -2.81 8.05
C ASP C 243 12.07 -3.11 9.23
N GLN C 244 11.83 -2.46 10.35
CA GLN C 244 12.61 -2.68 11.53
C GLN C 244 12.49 -4.08 12.10
N ARG C 245 11.27 -4.59 12.14
CA ARG C 245 10.99 -5.95 12.57
C ARG C 245 11.32 -7.04 11.56
N ALA C 246 11.21 -6.76 10.27
CA ALA C 246 11.46 -7.74 9.21
C ALA C 246 12.94 -8.17 9.14
N PRO C 247 13.24 -9.45 9.36
CA PRO C 247 14.62 -9.92 9.22
C PRO C 247 15.24 -9.75 7.85
N ILE C 248 14.43 -9.67 6.79
CA ILE C 248 14.91 -9.44 5.42
C ILE C 248 14.55 -8.07 4.88
N GLY C 249 14.06 -7.20 5.77
CA GLY C 249 13.70 -5.85 5.41
C GLY C 249 12.33 -5.74 4.76
N TRP C 250 11.84 -4.52 4.66
CA TRP C 250 10.62 -4.27 3.95
C TRP C 250 10.67 -2.93 3.25
N ASN C 251 10.35 -2.94 1.98
CA ASN C 251 10.35 -1.76 1.13
C ASN C 251 8.95 -1.38 0.60
N MET C 252 8.38 -0.32 1.12
CA MET C 252 7.02 0.10 0.77
C MET C 252 6.84 0.50 -0.69
N LYS C 253 7.93 0.79 -1.37
CA LYS C 253 7.84 1.24 -2.74
C LYS C 253 7.99 0.09 -3.70
N ASP C 254 8.02 -1.14 -3.21
CA ASP C 254 8.21 -2.32 -4.05
C ASP C 254 7.12 -3.35 -3.83
N ALA C 255 6.12 -3.37 -4.69
CA ALA C 255 5.06 -4.34 -4.65
C ALA C 255 5.40 -5.69 -5.24
N THR C 256 6.53 -5.81 -5.94
CA THR C 256 6.90 -7.08 -6.58
C THR C 256 6.82 -8.31 -5.61
N PRO C 257 7.48 -8.25 -4.44
CA PRO C 257 7.41 -9.39 -3.54
C PRO C 257 5.98 -9.79 -3.15
N VAL C 258 5.08 -8.83 -3.02
CA VAL C 258 3.70 -9.15 -2.74
C VAL C 258 3.05 -9.81 -3.95
N ALA C 259 3.24 -9.20 -5.12
CA ALA C 259 2.70 -9.75 -6.36
C ALA C 259 3.17 -11.19 -6.62
N LYS C 260 4.43 -11.47 -6.34
CA LYS C 260 4.96 -12.83 -6.57
C LYS C 260 4.32 -13.83 -5.62
N THR C 261 4.17 -13.42 -4.37
CA THR C 261 3.53 -14.24 -3.35
C THR C 261 2.12 -14.60 -3.83
N VAL C 262 1.37 -13.64 -4.37
CA VAL C 262 0.03 -13.90 -4.90
C VAL C 262 0.09 -14.87 -6.07
N CYS C 263 1.01 -14.64 -6.99
CA CYS C 263 1.17 -15.58 -8.11
C CYS C 263 1.50 -17.02 -7.66
N ALA C 264 2.25 -17.18 -6.57
CA ALA C 264 2.58 -18.49 -6.04
C ALA C 264 1.32 -19.23 -5.63
N LEU C 265 0.36 -18.51 -5.06
CA LEU C 265 -0.91 -19.10 -4.66
C LEU C 265 -1.85 -19.38 -5.83
N LEU C 266 -1.73 -18.61 -6.90
CA LEU C 266 -2.46 -18.88 -8.14
C LEU C 266 -1.88 -20.07 -8.92
N SER C 267 -0.61 -20.34 -8.67
CA SER C 267 0.08 -21.44 -9.29
C SER C 267 -0.31 -22.77 -8.67
N ASP C 268 0.26 -23.82 -9.24
CA ASP C 268 0.12 -25.19 -8.74
C ASP C 268 1.08 -25.57 -7.59
N TRP C 269 1.81 -24.59 -7.04
CA TRP C 269 2.93 -24.89 -6.16
C TRP C 269 2.64 -24.73 -4.70
N LEU C 270 1.40 -24.40 -4.39
CA LEU C 270 0.91 -24.41 -3.01
C LEU C 270 -0.45 -25.11 -3.05
N PRO C 271 -0.44 -26.37 -3.49
CA PRO C 271 -1.67 -27.12 -3.73
C PRO C 271 -2.35 -27.67 -2.48
N ALA C 272 -1.74 -27.53 -1.32
CA ALA C 272 -2.28 -28.15 -0.12
C ALA C 272 -2.73 -27.11 0.87
N THR C 273 -2.76 -25.84 0.44
CA THR C 273 -3.00 -24.71 1.31
C THR C 273 -4.32 -24.05 0.97
N THR C 274 -5.23 -23.98 1.95
CA THR C 274 -6.55 -23.35 1.76
C THR C 274 -7.20 -22.90 3.08
N GLY C 275 -8.03 -21.86 3.00
CA GLY C 275 -8.63 -21.24 4.18
C GLY C 275 -7.63 -20.49 4.99
N ASP C 276 -6.52 -20.14 4.37
CA ASP C 276 -5.29 -19.79 5.08
C ASP C 276 -4.80 -18.39 4.71
N ILE C 277 -3.76 -17.96 5.41
CA ILE C 277 -3.14 -16.67 5.26
C ILE C 277 -1.62 -16.89 5.06
N ILE C 278 -1.11 -16.43 3.95
CA ILE C 278 0.32 -16.35 3.70
C ILE C 278 0.77 -14.92 3.98
N TYR C 279 1.81 -14.79 4.81
CA TYR C 279 2.35 -13.48 5.16
C TYR C 279 3.47 -13.14 4.19
N ALA C 280 3.24 -12.08 3.41
CA ALA C 280 4.25 -11.44 2.56
C ALA C 280 4.62 -10.09 3.16
N ASP C 281 5.36 -10.17 4.27
CA ASP C 281 5.61 -8.96 5.09
C ASP C 281 7.06 -8.82 5.53
N GLY C 282 7.97 -9.46 4.81
CA GLY C 282 9.36 -9.53 5.24
C GLY C 282 9.61 -10.30 6.53
N GLY C 283 8.58 -10.98 7.03
CA GLY C 283 8.69 -11.72 8.26
C GLY C 283 8.41 -10.89 9.47
N ALA C 284 7.93 -9.69 9.26
CA ALA C 284 7.74 -8.77 10.36
C ALA C 284 6.84 -9.30 11.48
N HIS C 285 5.81 -10.06 11.10
CA HIS C 285 4.83 -10.54 12.06
C HIS C 285 5.36 -11.65 12.99
N THR C 286 6.56 -12.18 12.71
CA THR C 286 7.19 -13.22 13.50
C THR C 286 8.20 -12.68 14.52
N GLN C 287 8.46 -11.39 14.47
CA GLN C 287 9.40 -10.72 15.36
C GLN C 287 8.72 -9.64 16.21
N LEU C 288 9.05 -9.55 17.47
CA LEU C 288 8.36 -8.68 18.42
C LEU C 288 8.84 -7.27 18.22
N LEU C 289 10.10 -7.16 17.88
CA LEU C 289 10.71 -5.87 17.44
C LEU C 289 12.07 -6.17 16.89
N THR D 22 -17.07 -12.83 51.95
CA THR D 22 -17.19 -11.49 51.28
C THR D 22 -17.43 -11.62 49.73
N GLY D 23 -18.39 -10.83 49.27
CA GLY D 23 -18.61 -10.61 47.85
C GLY D 23 -17.34 -10.31 47.07
N LEU D 24 -17.11 -11.10 46.03
CA LEU D 24 -16.08 -10.81 45.05
C LEU D 24 -16.33 -9.44 44.36
N LEU D 25 -17.59 -9.02 44.29
CA LEU D 25 -17.98 -7.78 43.65
C LEU D 25 -18.64 -6.78 44.61
N ASP D 26 -18.26 -6.81 45.89
CA ASP D 26 -18.90 -5.97 46.91
C ASP D 26 -18.91 -4.51 46.53
N GLY D 27 -20.10 -3.90 46.62
CA GLY D 27 -20.29 -2.50 46.28
C GLY D 27 -19.76 -2.09 44.90
N LYS D 28 -19.82 -3.00 43.93
CA LYS D 28 -19.57 -2.63 42.57
C LYS D 28 -20.93 -2.40 41.94
N ARG D 29 -21.06 -1.32 41.18
CA ARG D 29 -22.28 -1.10 40.40
C ARG D 29 -22.03 -1.58 38.98
N ILE D 30 -22.83 -2.55 38.54
CA ILE D 30 -22.58 -3.23 37.26
C ILE D 30 -23.82 -3.23 36.37
N LEU D 31 -23.64 -2.93 35.09
CA LEU D 31 -24.71 -3.00 34.09
C LEU D 31 -24.70 -4.33 33.36
N VAL D 32 -25.84 -5.02 33.35
CA VAL D 32 -25.94 -6.30 32.64
C VAL D 32 -27.02 -6.27 31.58
N SER D 33 -26.58 -6.39 30.34
CA SER D 33 -27.48 -6.44 29.20
C SER D 33 -27.69 -7.89 28.83
N GLY D 34 -28.75 -8.14 28.06
CA GLY D 34 -28.90 -9.40 27.31
C GLY D 34 -29.64 -10.54 27.97
N ILE D 35 -30.47 -10.21 28.97
CA ILE D 35 -31.39 -11.16 29.57
C ILE D 35 -32.66 -11.23 28.70
N ILE D 36 -33.12 -12.46 28.44
CA ILE D 36 -34.41 -12.68 27.77
C ILE D 36 -35.16 -13.87 28.36
N THR D 37 -34.46 -14.94 28.73
CA THR D 37 -35.01 -16.03 29.53
C THR D 37 -34.11 -16.26 30.73
N ASP D 38 -34.53 -17.13 31.62
CA ASP D 38 -33.68 -17.53 32.76
C ASP D 38 -32.61 -18.60 32.38
N SER D 39 -32.58 -19.01 31.11
CA SER D 39 -31.46 -19.80 30.56
C SER D 39 -30.31 -18.92 29.99
N SER D 40 -30.64 -17.66 29.64
CA SER D 40 -29.67 -16.69 29.11
C SER D 40 -28.40 -16.65 29.90
N ILE D 41 -27.27 -16.49 29.22
CA ILE D 41 -26.00 -16.40 29.95
C ILE D 41 -26.06 -15.15 30.85
N ALA D 42 -26.56 -14.05 30.30
CA ALA D 42 -26.73 -12.83 31.06
C ALA D 42 -27.49 -13.01 32.38
N PHE D 43 -28.51 -13.85 32.39
CA PHE D 43 -29.29 -14.07 33.61
C PHE D 43 -28.41 -14.64 34.71
N HIS D 44 -27.57 -15.59 34.32
CA HIS D 44 -26.69 -16.28 35.25
C HIS D 44 -25.50 -15.41 35.66
N ILE D 45 -24.99 -14.60 34.73
CA ILE D 45 -24.01 -13.58 35.09
C ILE D 45 -24.57 -12.70 36.22
N ALA D 46 -25.76 -12.17 35.98
CA ALA D 46 -26.46 -11.30 36.94
C ALA D 46 -26.72 -12.01 38.26
N ARG D 47 -27.16 -13.26 38.21
CA ARG D 47 -27.42 -13.98 39.44
C ARG D 47 -26.15 -14.09 40.28
N VAL D 48 -25.05 -14.47 39.63
CA VAL D 48 -23.82 -14.75 40.36
C VAL D 48 -23.25 -13.43 40.89
N ALA D 49 -23.31 -12.41 40.07
CA ALA D 49 -22.85 -11.07 40.45
C ALA D 49 -23.57 -10.58 41.70
N GLN D 50 -24.88 -10.82 41.77
CA GLN D 50 -25.67 -10.40 42.94
C GLN D 50 -25.31 -11.20 44.16
N GLU D 51 -25.13 -12.50 44.00
CA GLU D 51 -24.65 -13.37 45.10
C GLU D 51 -23.32 -12.89 45.62
N GLN D 52 -22.54 -12.26 44.75
CA GLN D 52 -21.24 -11.70 45.11
C GLN D 52 -21.26 -10.20 45.46
N GLY D 53 -22.42 -9.65 45.83
CA GLY D 53 -22.51 -8.33 46.44
C GLY D 53 -22.57 -7.14 45.51
N ALA D 54 -22.94 -7.35 44.26
CA ALA D 54 -22.97 -6.28 43.29
C ALA D 54 -24.37 -5.65 43.26
N GLN D 55 -24.42 -4.34 43.08
CA GLN D 55 -25.66 -3.65 42.73
C GLN D 55 -25.77 -3.61 41.22
N LEU D 56 -26.88 -4.08 40.70
CA LEU D 56 -27.04 -4.19 39.25
C LEU D 56 -27.97 -3.16 38.65
N VAL D 57 -27.71 -2.87 37.38
CA VAL D 57 -28.65 -2.20 36.49
C VAL D 57 -28.79 -3.07 35.26
N LEU D 58 -30.01 -3.38 34.85
CA LEU D 58 -30.25 -4.31 33.76
C LEU D 58 -30.76 -3.59 32.54
N THR D 59 -30.44 -4.11 31.36
CA THR D 59 -31.03 -3.61 30.13
C THR D 59 -31.63 -4.80 29.39
N GLY D 60 -32.67 -4.49 28.61
CA GLY D 60 -33.43 -5.47 27.87
C GLY D 60 -33.94 -4.91 26.54
N PHE D 61 -34.20 -5.80 25.59
CA PHE D 61 -34.63 -5.44 24.23
C PHE D 61 -36.05 -5.95 23.98
N ASP D 62 -36.93 -5.06 23.51
CA ASP D 62 -38.22 -5.43 22.88
C ASP D 62 -39.32 -5.95 23.86
N ARG D 63 -39.10 -7.12 24.48
CA ARG D 63 -40.07 -7.74 25.38
C ARG D 63 -39.85 -7.36 26.83
N LEU D 64 -40.10 -6.10 27.15
CA LEU D 64 -39.85 -5.57 28.49
C LEU D 64 -40.73 -6.13 29.63
N ARG D 65 -42.01 -6.39 29.36
CA ARG D 65 -42.84 -6.91 30.45
C ARG D 65 -42.39 -8.36 30.74
N LEU D 66 -42.07 -9.09 29.67
CA LEU D 66 -41.59 -10.46 29.83
C LEU D 66 -40.22 -10.51 30.56
N ILE D 67 -39.31 -9.65 30.15
CA ILE D 67 -37.99 -9.58 30.79
C ILE D 67 -38.14 -9.22 32.27
N GLN D 68 -39.04 -8.27 32.54
CA GLN D 68 -39.31 -7.83 33.92
C GLN D 68 -39.72 -9.01 34.83
N ARG D 69 -40.58 -9.88 34.30
CA ARG D 69 -41.06 -11.03 35.07
C ARG D 69 -39.94 -12.06 35.31
N ILE D 70 -39.02 -12.12 34.35
CA ILE D 70 -37.85 -13.00 34.44
C ILE D 70 -36.84 -12.45 35.46
N THR D 71 -36.58 -11.15 35.41
CA THR D 71 -35.61 -10.55 36.34
C THR D 71 -36.08 -10.53 37.79
N ASP D 72 -37.40 -10.59 38.05
CA ASP D 72 -37.89 -10.71 39.44
C ASP D 72 -37.43 -12.02 40.11
N ARG D 73 -37.14 -13.01 39.27
CA ARG D 73 -36.55 -14.27 39.74
C ARG D 73 -35.09 -14.20 40.19
N LEU D 74 -34.40 -13.10 39.90
CA LEU D 74 -33.04 -12.90 40.41
C LEU D 74 -33.08 -12.74 41.93
N PRO D 75 -31.95 -13.02 42.61
CA PRO D 75 -31.95 -12.98 44.08
C PRO D 75 -32.33 -11.62 44.68
N ALA D 76 -32.06 -10.54 43.96
CA ALA D 76 -32.36 -9.18 44.41
C ALA D 76 -32.95 -8.29 43.31
N LYS D 77 -33.76 -7.34 43.75
CA LYS D 77 -34.37 -6.33 42.89
C LYS D 77 -33.31 -5.55 42.15
N ALA D 78 -33.56 -5.20 40.90
CA ALA D 78 -32.61 -4.38 40.13
C ALA D 78 -33.37 -3.60 39.09
N PRO D 79 -32.99 -2.32 38.86
CA PRO D 79 -33.71 -1.58 37.83
C PRO D 79 -33.46 -2.13 36.43
N LEU D 80 -34.47 -2.01 35.58
CA LEU D 80 -34.46 -2.51 34.22
C LEU D 80 -34.73 -1.38 33.22
N LEU D 81 -33.82 -1.19 32.27
CA LEU D 81 -33.93 -0.11 31.28
C LEU D 81 -34.07 -0.70 29.90
N GLU D 82 -34.71 0.04 29.01
CA GLU D 82 -34.84 -0.41 27.65
C GLU D 82 -33.57 -0.01 26.86
N LEU D 83 -32.99 -0.96 26.15
CA LEU D 83 -31.88 -0.71 25.24
C LEU D 83 -31.93 -1.64 24.03
N ASP D 84 -32.24 -1.04 22.89
CA ASP D 84 -32.13 -1.64 21.58
C ASP D 84 -30.87 -1.00 21.05
N VAL D 85 -29.83 -1.77 20.87
CA VAL D 85 -28.51 -1.22 20.41
C VAL D 85 -28.46 -0.70 18.98
N GLN D 86 -29.52 -0.91 18.18
CA GLN D 86 -29.64 -0.28 16.85
C GLN D 86 -30.26 1.14 16.87
N ASN D 87 -30.77 1.52 18.03
CA ASN D 87 -31.50 2.75 18.25
C ASN D 87 -30.59 3.84 18.80
N GLU D 88 -30.23 4.80 17.95
CA GLU D 88 -29.34 5.87 18.40
C GLU D 88 -29.89 6.65 19.59
N GLU D 89 -31.20 6.82 19.70
CA GLU D 89 -31.77 7.59 20.82
C GLU D 89 -31.61 6.89 22.16
N HIS D 90 -31.72 5.57 22.16
CA HIS D 90 -31.48 4.81 23.39
C HIS D 90 -30.02 4.96 23.84
N LEU D 91 -29.10 4.82 22.90
CA LEU D 91 -27.71 4.97 23.18
C LEU D 91 -27.38 6.38 23.69
N ALA D 92 -27.93 7.40 23.05
CA ALA D 92 -27.69 8.79 23.48
C ALA D 92 -28.20 9.05 24.90
N SER D 93 -29.31 8.43 25.26
CA SER D 93 -29.96 8.67 26.55
C SER D 93 -29.53 7.70 27.66
N LEU D 94 -28.76 6.68 27.30
CA LEU D 94 -28.49 5.56 28.20
C LEU D 94 -27.75 6.00 29.44
N ALA D 95 -26.66 6.69 29.24
CA ALA D 95 -25.83 7.18 30.35
C ALA D 95 -26.69 7.92 31.38
N GLY D 96 -27.51 8.83 30.88
CA GLY D 96 -28.42 9.59 31.76
C GLY D 96 -29.40 8.73 32.54
N ARG D 97 -30.03 7.78 31.85
CA ARG D 97 -31.01 6.89 32.48
C ARG D 97 -30.36 6.00 33.53
N VAL D 98 -29.10 5.65 33.29
CA VAL D 98 -28.36 4.82 34.25
C VAL D 98 -28.03 5.64 35.47
N THR D 99 -27.48 6.84 35.22
CA THR D 99 -27.16 7.79 36.28
C THR D 99 -28.40 7.99 37.21
N GLU D 100 -29.58 8.05 36.60
CA GLU D 100 -30.82 8.22 37.36
C GLU D 100 -31.11 7.02 38.24
N ALA D 101 -30.86 5.82 37.70
CA ALA D 101 -31.14 4.56 38.40
C ALA D 101 -30.21 4.32 39.58
N ILE D 102 -28.94 4.69 39.44
CA ILE D 102 -27.92 4.46 40.50
C ILE D 102 -27.66 5.69 41.36
N GLY D 103 -28.28 6.83 41.02
CA GLY D 103 -28.20 8.05 41.82
C GLY D 103 -27.03 8.95 41.38
N ALA D 104 -27.27 10.27 41.38
CA ALA D 104 -26.29 11.25 40.88
C ALA D 104 -24.97 11.18 41.66
N GLY D 105 -23.86 11.46 40.97
CA GLY D 105 -22.53 11.32 41.56
C GLY D 105 -22.07 9.90 41.82
N ASN D 106 -22.81 8.89 41.34
CA ASN D 106 -22.33 7.50 41.35
C ASN D 106 -22.06 6.98 39.93
N LYS D 107 -21.23 5.97 39.85
CA LYS D 107 -20.83 5.44 38.56
C LYS D 107 -20.78 3.95 38.55
N LEU D 108 -20.69 3.44 37.32
CA LEU D 108 -20.52 2.02 37.06
C LEU D 108 -19.07 1.63 37.25
N ASP D 109 -18.88 0.44 37.80
CA ASP D 109 -17.58 -0.24 37.84
C ASP D 109 -17.50 -1.38 36.81
N GLY D 110 -18.64 -1.84 36.32
CA GLY D 110 -18.70 -2.93 35.36
C GLY D 110 -19.80 -2.76 34.35
N VAL D 111 -19.57 -3.27 33.14
CA VAL D 111 -20.54 -3.33 32.05
C VAL D 111 -20.41 -4.70 31.38
N VAL D 112 -21.53 -5.37 31.15
CA VAL D 112 -21.56 -6.68 30.52
C VAL D 112 -22.37 -6.63 29.25
N HIS D 113 -21.73 -6.94 28.14
CA HIS D 113 -22.37 -7.03 26.84
C HIS D 113 -22.60 -8.51 26.58
N SER D 114 -23.87 -8.91 26.67
CA SER D 114 -24.27 -10.28 26.40
C SER D 114 -25.38 -10.23 25.35
N ILE D 115 -25.03 -9.77 24.17
CA ILE D 115 -25.99 -9.51 23.11
C ILE D 115 -25.53 -10.06 21.79
N GLY D 116 -26.49 -10.58 21.03
CA GLY D 116 -26.18 -11.11 19.71
C GLY D 116 -27.44 -11.36 18.91
N PHE D 117 -27.27 -11.28 17.59
CA PHE D 117 -28.34 -11.58 16.66
C PHE D 117 -27.79 -11.84 15.28
N MET D 118 -28.40 -12.77 14.57
CA MET D 118 -28.13 -12.98 13.15
C MET D 118 -29.37 -13.57 12.52
N PRO D 119 -29.88 -12.95 11.44
CA PRO D 119 -31.00 -13.51 10.71
C PRO D 119 -30.80 -14.96 10.32
N GLN D 120 -31.90 -15.73 10.29
CA GLN D 120 -31.87 -17.14 9.89
C GLN D 120 -31.07 -17.40 8.57
N THR D 121 -31.03 -16.44 7.67
CA THR D 121 -30.33 -16.58 6.40
C THR D 121 -28.82 -16.74 6.56
N GLY D 122 -28.28 -16.24 7.66
CA GLY D 122 -26.86 -16.33 7.90
C GLY D 122 -26.39 -17.46 8.80
N MET D 123 -27.20 -18.51 8.91
CA MET D 123 -26.97 -19.53 9.90
C MET D 123 -27.50 -20.85 9.40
N GLY D 124 -27.01 -21.94 9.97
CA GLY D 124 -27.60 -23.28 9.80
C GLY D 124 -27.34 -23.85 8.43
N ILE D 125 -28.32 -24.59 7.91
CA ILE D 125 -28.20 -25.19 6.57
C ILE D 125 -28.37 -24.18 5.43
N ASN D 126 -28.83 -22.96 5.72
CA ASN D 126 -29.02 -21.95 4.66
C ASN D 126 -27.66 -21.65 4.04
N PRO D 127 -27.52 -21.82 2.72
CA PRO D 127 -26.19 -21.66 2.13
C PRO D 127 -25.49 -20.37 2.53
N PHE D 128 -24.21 -20.49 2.87
CA PHE D 128 -23.39 -19.34 3.23
C PHE D 128 -23.50 -18.20 2.22
N PHE D 129 -23.43 -18.55 0.93
CA PHE D 129 -23.45 -17.59 -0.15
C PHE D 129 -24.78 -16.86 -0.39
N ASP D 130 -25.88 -17.39 0.16
CA ASP D 130 -27.23 -16.85 -0.09
C ASP D 130 -27.67 -15.87 0.96
N ALA D 131 -26.86 -15.57 1.96
CA ALA D 131 -27.24 -14.57 2.97
C ALA D 131 -26.98 -13.19 2.39
N PRO D 132 -28.05 -12.41 2.20
CA PRO D 132 -27.83 -11.07 1.60
C PRO D 132 -27.13 -10.15 2.61
N TYR D 133 -26.38 -9.18 2.10
CA TYR D 133 -25.64 -8.32 3.02
C TYR D 133 -26.53 -7.55 3.98
N ALA D 134 -27.71 -7.17 3.56
CA ALA D 134 -28.64 -6.47 4.47
C ALA D 134 -28.79 -7.26 5.77
N ASP D 135 -28.91 -8.58 5.65
CA ASP D 135 -29.06 -9.48 6.83
C ASP D 135 -27.76 -9.61 7.64
N VAL D 136 -26.65 -9.87 6.94
CA VAL D 136 -25.35 -9.98 7.59
C VAL D 136 -25.06 -8.69 8.36
N SER D 137 -25.33 -7.55 7.72
CA SER D 137 -25.09 -6.22 8.32
C SER D 137 -25.86 -5.98 9.61
N LYS D 138 -27.10 -6.41 9.65
CA LYS D 138 -27.86 -6.28 10.86
C LYS D 138 -27.21 -7.07 11.98
N GLY D 139 -26.70 -8.27 11.67
CA GLY D 139 -26.10 -9.13 12.68
C GLY D 139 -24.79 -8.61 13.23
N ILE D 140 -23.96 -8.10 12.34
CA ILE D 140 -22.71 -7.48 12.73
C ILE D 140 -22.99 -6.22 13.53
N HIS D 141 -24.03 -5.47 13.16
CA HIS D 141 -24.41 -4.25 13.90
C HIS D 141 -24.69 -4.60 15.36
N ILE D 142 -25.58 -5.55 15.56
CA ILE D 142 -26.00 -5.92 16.89
C ILE D 142 -24.92 -6.69 17.66
N SER D 143 -24.22 -7.60 17.00
CA SER D 143 -23.28 -8.53 17.66
C SER D 143 -21.89 -7.97 17.87
N ALA D 144 -21.47 -7.03 17.02
CA ALA D 144 -20.08 -6.55 16.98
C ALA D 144 -19.97 -5.04 17.22
N TYR D 145 -20.59 -4.25 16.35
CA TYR D 145 -20.57 -2.76 16.46
C TYR D 145 -21.10 -2.27 17.83
N SER D 146 -22.14 -2.92 18.32
CA SER D 146 -22.79 -2.52 19.54
C SER D 146 -21.90 -2.57 20.76
N TYR D 147 -20.87 -3.40 20.72
CA TYR D 147 -19.88 -3.45 21.79
C TYR D 147 -19.18 -2.10 21.90
N ALA D 148 -18.82 -1.52 20.77
CA ALA D 148 -18.23 -0.19 20.74
C ALA D 148 -19.24 0.90 21.14
N SER D 149 -20.47 0.84 20.60
CA SER D 149 -21.42 1.89 20.92
C SER D 149 -21.86 1.86 22.38
N MET D 150 -21.91 0.68 22.99
CA MET D 150 -22.18 0.57 24.44
C MET D 150 -21.05 1.19 25.22
N ALA D 151 -19.83 0.83 24.86
CA ALA D 151 -18.65 1.39 25.48
C ALA D 151 -18.62 2.92 25.40
N LYS D 152 -18.93 3.47 24.23
CA LYS D 152 -18.95 4.91 23.99
C LYS D 152 -19.91 5.63 24.89
N ALA D 153 -21.08 5.03 25.03
CA ALA D 153 -22.15 5.56 25.83
C ALA D 153 -21.86 5.51 27.33
N LEU D 154 -21.17 4.46 27.78
CA LEU D 154 -21.03 4.16 29.22
C LEU D 154 -19.67 4.51 29.88
N LEU D 155 -18.58 4.46 29.13
CA LEU D 155 -17.30 4.89 29.68
C LEU D 155 -17.35 6.26 30.40
N PRO D 156 -18.06 7.26 29.83
CA PRO D 156 -18.12 8.56 30.55
C PRO D 156 -18.72 8.49 31.95
N ILE D 157 -19.41 7.40 32.28
CA ILE D 157 -19.91 7.17 33.65
C ILE D 157 -19.32 5.92 34.30
N MET D 158 -18.05 5.65 34.01
CA MET D 158 -17.35 4.52 34.59
C MET D 158 -16.13 4.96 35.42
N ASN D 159 -16.10 4.47 36.64
CA ASN D 159 -14.97 4.61 37.51
C ASN D 159 -13.68 4.02 36.98
N PRO D 160 -12.54 4.61 37.35
CA PRO D 160 -11.29 3.94 37.15
C PRO D 160 -11.28 2.60 37.86
N GLY D 161 -10.57 1.61 37.28
CA GLY D 161 -10.51 0.26 37.82
C GLY D 161 -11.60 -0.63 37.30
N GLY D 162 -12.48 -0.07 36.46
CA GLY D 162 -13.69 -0.76 35.99
C GLY D 162 -13.45 -1.72 34.85
N SER D 163 -14.46 -2.53 34.54
CA SER D 163 -14.29 -3.62 33.59
C SER D 163 -15.51 -3.73 32.67
N ILE D 164 -15.24 -3.77 31.36
CA ILE D 164 -16.23 -4.07 30.35
C ILE D 164 -15.97 -5.49 29.89
N VAL D 165 -17.03 -6.28 29.74
CA VAL D 165 -16.94 -7.67 29.31
C VAL D 165 -17.99 -8.00 28.26
N GLY D 166 -17.56 -8.74 27.25
CA GLY D 166 -18.46 -9.20 26.18
C GLY D 166 -18.39 -10.71 25.95
N MET D 167 -19.41 -11.30 25.34
CA MET D 167 -19.45 -12.74 25.13
C MET D 167 -19.08 -13.11 23.70
N ASP D 168 -18.22 -14.14 23.58
CA ASP D 168 -17.60 -14.56 22.35
C ASP D 168 -17.78 -16.05 22.17
N PHE D 169 -17.72 -16.52 20.94
CA PHE D 169 -17.68 -17.94 20.62
C PHE D 169 -16.55 -18.12 19.62
N ASP D 170 -15.55 -18.92 19.97
CA ASP D 170 -14.30 -18.98 19.23
C ASP D 170 -14.45 -19.10 17.72
N PRO D 171 -14.17 -17.97 16.99
CA PRO D 171 -14.34 -17.89 15.57
C PRO D 171 -13.06 -18.08 14.78
N SER D 172 -12.02 -18.53 15.43
CA SER D 172 -10.70 -18.59 14.81
C SER D 172 -10.56 -19.65 13.74
N ARG D 173 -11.41 -20.66 13.80
CA ARG D 173 -11.58 -21.65 12.73
C ARG D 173 -13.02 -21.69 12.30
N ALA D 174 -13.26 -21.89 11.00
CA ALA D 174 -14.62 -21.94 10.49
C ALA D 174 -15.27 -23.27 10.93
N MET D 175 -16.58 -23.32 10.90
CA MET D 175 -17.31 -24.48 11.36
C MET D 175 -18.69 -24.58 10.71
N PRO D 176 -19.32 -25.77 10.78
CA PRO D 176 -20.65 -25.82 10.23
C PRO D 176 -21.65 -24.99 11.00
N ALA D 177 -22.61 -24.40 10.31
CA ALA D 177 -23.81 -23.80 10.91
C ALA D 177 -23.64 -22.41 11.54
N TYR D 178 -22.54 -22.16 12.27
CA TYR D 178 -22.33 -20.85 12.87
C TYR D 178 -22.20 -19.77 11.76
N ASN D 179 -21.74 -20.19 10.59
CA ASN D 179 -21.71 -19.37 9.38
C ASN D 179 -21.40 -17.88 9.60
N TRP D 180 -22.35 -17.00 9.29
CA TRP D 180 -22.10 -15.57 9.35
C TRP D 180 -22.02 -15.06 10.74
N MET D 181 -22.43 -15.80 11.74
CA MET D 181 -22.23 -15.37 13.13
C MET D 181 -20.76 -15.52 13.50
N THR D 182 -20.07 -16.50 12.91
CA THR D 182 -18.62 -16.65 13.07
C THR D 182 -17.93 -15.40 12.63
N VAL D 183 -18.37 -14.85 11.51
CA VAL D 183 -17.77 -13.64 10.96
C VAL D 183 -18.05 -12.46 11.90
N ALA D 184 -19.26 -12.35 12.42
CA ALA D 184 -19.56 -11.34 13.41
C ALA D 184 -18.69 -11.46 14.66
N LYS D 185 -18.44 -12.67 15.14
CA LYS D 185 -17.59 -12.85 16.29
C LYS D 185 -16.13 -12.50 15.98
N SER D 186 -15.66 -12.80 14.77
CA SER D 186 -14.30 -12.40 14.39
C SER D 186 -14.21 -10.88 14.40
N ALA D 187 -15.27 -10.22 13.96
CA ALA D 187 -15.35 -8.78 14.00
C ALA D 187 -15.34 -8.31 15.43
N LEU D 188 -16.12 -8.94 16.30
CA LEU D 188 -16.20 -8.56 17.70
C LEU D 188 -14.84 -8.58 18.40
N GLU D 189 -14.07 -9.66 18.17
CA GLU D 189 -12.74 -9.76 18.75
C GLU D 189 -11.87 -8.55 18.36
N SER D 190 -11.99 -8.10 17.12
CA SER D 190 -11.23 -6.97 16.61
C SER D 190 -11.74 -5.67 17.26
N VAL D 191 -13.03 -5.52 17.39
CA VAL D 191 -13.59 -4.36 18.04
C VAL D 191 -13.15 -4.30 19.50
N ASN D 192 -13.16 -5.44 20.18
CA ASN D 192 -12.77 -5.49 21.59
C ASN D 192 -11.38 -4.91 21.81
N ARG D 193 -10.45 -5.23 20.92
CA ARG D 193 -9.10 -4.70 21.03
C ARG D 193 -8.99 -3.17 20.90
N PHE D 194 -9.82 -2.57 20.04
CA PHE D 194 -9.88 -1.12 19.88
C PHE D 194 -10.63 -0.44 21.02
N VAL D 195 -11.64 -1.10 21.56
CA VAL D 195 -12.32 -0.59 22.71
C VAL D 195 -11.40 -0.55 23.91
N ALA D 196 -10.50 -1.51 23.99
CA ALA D 196 -9.51 -1.55 25.07
C ALA D 196 -8.66 -0.30 25.11
N ARG D 197 -8.28 0.18 23.94
CA ARG D 197 -7.48 1.41 23.80
C ARG D 197 -8.23 2.62 24.33
N GLU D 198 -9.52 2.70 24.00
CA GLU D 198 -10.32 3.81 24.41
C GLU D 198 -10.58 3.69 25.90
N ALA D 199 -10.95 2.51 26.33
CA ALA D 199 -11.24 2.24 27.74
C ALA D 199 -10.04 2.49 28.63
N GLY D 200 -8.86 2.20 28.11
CA GLY D 200 -7.60 2.48 28.79
C GLY D 200 -7.46 3.89 29.34
N LYS D 201 -7.91 4.86 28.57
CA LYS D 201 -7.81 6.26 28.97
C LYS D 201 -8.66 6.58 30.19
N TYR D 202 -9.67 5.75 30.49
CA TYR D 202 -10.49 5.88 31.70
C TYR D 202 -10.07 4.95 32.86
N GLY D 203 -8.95 4.23 32.67
CA GLY D 203 -8.49 3.20 33.62
C GLY D 203 -9.43 1.98 33.62
N VAL D 204 -9.91 1.63 32.42
CA VAL D 204 -10.91 0.60 32.29
C VAL D 204 -10.47 -0.48 31.30
N ARG D 205 -10.77 -1.71 31.69
CA ARG D 205 -10.40 -2.89 30.94
C ARG D 205 -11.54 -3.31 30.07
N SER D 206 -11.24 -3.88 28.91
CA SER D 206 -12.24 -4.44 28.01
C SER D 206 -11.78 -5.83 27.58
N ASN D 207 -12.60 -6.83 27.82
CA ASN D 207 -12.27 -8.21 27.48
C ASN D 207 -13.47 -9.01 27.04
N LEU D 208 -13.21 -10.14 26.38
CA LEU D 208 -14.28 -11.05 25.97
C LEU D 208 -14.15 -12.36 26.70
N VAL D 209 -15.27 -13.04 26.93
CA VAL D 209 -15.24 -14.42 27.38
C VAL D 209 -15.69 -15.27 26.23
N ALA D 210 -14.81 -16.13 25.75
CA ALA D 210 -15.14 -17.11 24.76
C ALA D 210 -15.72 -18.29 25.50
N ALA D 211 -17.05 -18.39 25.52
CA ALA D 211 -17.71 -19.50 26.24
C ALA D 211 -17.84 -20.69 25.36
N GLY D 212 -17.86 -21.85 25.99
CA GLY D 212 -18.31 -23.07 25.32
C GLY D 212 -19.82 -22.99 25.10
N PRO D 213 -20.40 -23.98 24.43
CA PRO D 213 -21.82 -23.93 24.14
C PRO D 213 -22.72 -24.09 25.38
N ILE D 214 -23.74 -23.24 25.45
CA ILE D 214 -24.71 -23.23 26.53
C ILE D 214 -26.12 -23.27 25.94
N ARG D 215 -26.94 -24.14 26.47
CA ARG D 215 -28.32 -24.29 26.02
CA ARG D 215 -28.32 -24.29 26.03
C ARG D 215 -29.16 -23.07 26.45
N THR D 216 -29.29 -22.14 25.51
CA THR D 216 -30.05 -20.92 25.67
C THR D 216 -31.07 -20.80 24.57
N LEU D 217 -31.94 -19.80 24.70
CA LEU D 217 -32.92 -19.48 23.67
C LEU D 217 -32.30 -19.35 22.28
N ALA D 218 -31.29 -18.50 22.17
CA ALA D 218 -30.60 -18.28 20.90
C ALA D 218 -30.05 -19.56 20.30
N MET D 219 -29.49 -20.40 21.14
CA MET D 219 -28.87 -21.62 20.67
C MET D 219 -29.87 -22.51 20.01
N SER D 220 -31.02 -22.63 20.63
CA SER D 220 -31.97 -23.65 20.24
C SER D 220 -32.90 -23.17 19.12
N ALA D 221 -33.35 -21.92 19.28
CA ALA D 221 -34.35 -21.38 18.37
C ALA D 221 -33.72 -20.70 17.17
N ILE D 222 -32.73 -19.84 17.42
CA ILE D 222 -32.04 -19.23 16.29
C ILE D 222 -31.11 -20.21 15.59
N VAL D 223 -30.20 -20.83 16.32
CA VAL D 223 -29.17 -21.64 15.65
C VAL D 223 -29.76 -22.96 15.18
N GLY D 224 -30.26 -23.76 16.11
CA GLY D 224 -30.94 -25.03 15.81
C GLY D 224 -32.15 -24.88 14.87
N GLY D 225 -32.89 -23.77 15.06
CA GLY D 225 -33.92 -23.37 14.11
C GLY D 225 -33.51 -23.30 12.66
N ALA D 226 -32.29 -22.79 12.45
CA ALA D 226 -31.74 -22.64 11.09
C ALA D 226 -31.30 -23.97 10.48
N LEU D 227 -31.20 -25.01 11.29
CA LEU D 227 -30.89 -26.37 10.77
C LEU D 227 -32.15 -27.22 10.44
N GLY D 228 -33.31 -26.68 10.90
CA GLY D 228 -34.55 -27.43 11.01
C GLY D 228 -34.41 -28.96 11.14
N GLU D 229 -34.43 -29.58 9.97
CA GLU D 229 -34.37 -31.05 9.91
C GLU D 229 -33.05 -31.61 10.46
N GLU D 230 -31.96 -30.94 10.08
CA GLU D 230 -30.61 -31.30 10.50
C GLU D 230 -30.21 -31.06 11.99
N ALA D 231 -31.12 -30.48 12.80
CA ALA D 231 -30.83 -30.08 14.18
C ALA D 231 -30.09 -31.10 15.12
N GLY D 232 -30.21 -32.42 14.87
CA GLY D 232 -29.35 -33.40 15.53
C GLY D 232 -27.85 -33.19 15.27
N ALA D 233 -27.51 -32.83 14.03
CA ALA D 233 -26.16 -32.56 13.58
C ALA D 233 -25.48 -31.54 14.50
N GLN D 234 -26.17 -30.45 14.81
CA GLN D 234 -25.61 -29.45 15.73
C GLN D 234 -25.12 -30.07 17.07
N ILE D 235 -25.90 -30.91 17.67
CA ILE D 235 -25.51 -31.60 18.91
C ILE D 235 -24.30 -32.51 18.67
N GLN D 236 -24.18 -33.13 17.52
CA GLN D 236 -22.95 -33.85 17.27
C GLN D 236 -21.72 -32.93 17.35
N LEU D 237 -21.77 -31.80 16.58
CA LEU D 237 -20.64 -30.86 16.65
C LEU D 237 -20.37 -30.41 18.07
N LEU D 238 -21.39 -30.09 18.81
CA LEU D 238 -21.19 -29.53 20.11
C LEU D 238 -20.56 -30.54 21.04
N GLU D 239 -21.00 -31.80 20.98
CA GLU D 239 -20.42 -32.82 21.84
C GLU D 239 -18.98 -33.06 21.48
N GLU D 240 -18.74 -33.08 20.16
CA GLU D 240 -17.43 -33.38 19.63
C GLU D 240 -16.42 -32.28 19.89
N GLY D 241 -16.79 -31.05 19.56
CA GLY D 241 -15.91 -29.88 19.62
C GLY D 241 -15.54 -29.43 21.03
N TRP D 242 -16.43 -29.70 22.02
CA TRP D 242 -16.27 -29.27 23.40
C TRP D 242 -16.06 -30.38 24.46
N ASP D 243 -17.06 -31.17 24.84
CA ASP D 243 -16.92 -32.08 25.99
C ASP D 243 -15.81 -33.14 25.75
N GLN D 244 -15.78 -33.68 24.54
CA GLN D 244 -14.78 -34.66 24.20
C GLN D 244 -13.36 -34.11 24.21
N ARG D 245 -13.19 -32.90 23.67
CA ARG D 245 -11.93 -32.21 23.64
C ARG D 245 -11.51 -31.60 24.98
N ALA D 246 -12.46 -31.14 25.79
CA ALA D 246 -12.19 -30.50 27.07
C ALA D 246 -11.57 -31.45 28.09
N PRO D 247 -10.35 -31.17 28.56
CA PRO D 247 -9.76 -32.00 29.60
C PRO D 247 -10.51 -32.07 30.91
N ILE D 248 -11.33 -31.09 31.22
CA ILE D 248 -12.17 -31.08 32.44
C ILE D 248 -13.66 -31.22 32.14
N GLY D 249 -13.97 -31.54 30.90
CA GLY D 249 -15.36 -31.74 30.46
C GLY D 249 -16.10 -30.44 30.17
N TRP D 250 -17.25 -30.57 29.54
CA TRP D 250 -18.09 -29.44 29.29
C TRP D 250 -19.55 -29.83 29.33
N ASN D 251 -20.32 -29.08 30.11
CA ASN D 251 -21.73 -29.30 30.29
C ASN D 251 -22.62 -28.15 29.78
N MET D 252 -23.32 -28.38 28.67
CA MET D 252 -24.10 -27.34 28.04
C MET D 252 -25.28 -26.81 28.88
N LYS D 253 -25.68 -27.55 29.89
CA LYS D 253 -26.81 -27.18 30.68
C LYS D 253 -26.38 -26.38 31.89
N ASP D 254 -25.11 -26.03 32.00
CA ASP D 254 -24.60 -25.33 33.18
C ASP D 254 -23.85 -24.07 32.82
N ALA D 255 -24.53 -22.93 32.92
CA ALA D 255 -23.95 -21.63 32.65
C ALA D 255 -23.10 -21.08 33.79
N THR D 256 -23.16 -21.68 34.98
CA THR D 256 -22.42 -21.16 36.13
C THR D 256 -20.92 -20.93 35.83
N PRO D 257 -20.18 -21.93 35.30
CA PRO D 257 -18.76 -21.70 35.01
C PRO D 257 -18.51 -20.49 34.10
N VAL D 258 -19.40 -20.24 33.16
CA VAL D 258 -19.27 -19.09 32.28
C VAL D 258 -19.53 -17.81 33.09
N ALA D 259 -20.61 -17.81 33.83
CA ALA D 259 -20.98 -16.67 34.67
C ALA D 259 -19.85 -16.29 35.66
N LYS D 260 -19.22 -17.29 36.25
CA LYS D 260 -18.14 -17.02 37.21
C LYS D 260 -16.92 -16.41 36.52
N THR D 261 -16.60 -16.93 35.34
CA THR D 261 -15.51 -16.43 34.52
C THR D 261 -15.75 -14.94 34.24
N VAL D 262 -16.98 -14.57 33.87
CA VAL D 262 -17.32 -13.16 33.64
C VAL D 262 -17.17 -12.33 34.90
N CYS D 263 -17.67 -12.84 36.02
CA CYS D 263 -17.47 -12.13 37.29
C CYS D 263 -16.00 -11.92 37.67
N ALA D 264 -15.14 -12.86 37.32
CA ALA D 264 -13.70 -12.76 37.59
C ALA D 264 -13.13 -11.56 36.87
N LEU D 265 -13.60 -11.31 35.65
CA LEU D 265 -13.15 -10.17 34.87
C LEU D 265 -13.74 -8.84 35.34
N LEU D 266 -14.92 -8.88 35.92
CA LEU D 266 -15.53 -7.70 36.56
C LEU D 266 -14.86 -7.34 37.89
N SER D 267 -14.25 -8.35 38.50
CA SER D 267 -13.55 -8.18 39.74
C SER D 267 -12.20 -7.52 39.54
N ASP D 268 -11.55 -7.28 40.69
CA ASP D 268 -10.18 -6.75 40.72
C ASP D 268 -9.07 -7.81 40.57
N TRP D 269 -9.42 -9.03 40.21
CA TRP D 269 -8.49 -10.16 40.24
C TRP D 269 -7.93 -10.53 38.90
N LEU D 270 -8.28 -9.78 37.88
CA LEU D 270 -7.62 -9.87 36.59
C LEU D 270 -7.29 -8.47 36.13
N PRO D 271 -6.49 -7.76 36.95
CA PRO D 271 -6.24 -6.33 36.72
C PRO D 271 -5.25 -6.00 35.64
N ALA D 272 -4.61 -7.01 35.06
CA ALA D 272 -3.57 -6.73 34.09
C ALA D 272 -3.96 -7.20 32.72
N THR D 273 -5.22 -7.56 32.55
CA THR D 273 -5.71 -8.21 31.34
C THR D 273 -6.70 -7.28 30.64
N THR D 274 -6.40 -6.95 29.38
CA THR D 274 -7.27 -6.10 28.56
C THR D 274 -7.02 -6.28 27.04
N GLY D 275 -8.07 -6.05 26.27
CA GLY D 275 -8.06 -6.29 24.83
C GLY D 275 -8.03 -7.75 24.49
N ASP D 276 -8.43 -8.57 25.46
CA ASP D 276 -8.09 -9.99 25.47
C ASP D 276 -9.35 -10.87 25.51
N ILE D 277 -9.13 -12.17 25.39
CA ILE D 277 -10.15 -13.19 25.36
C ILE D 277 -9.78 -14.26 26.40
N ILE D 278 -10.67 -14.45 27.36
CA ILE D 278 -10.58 -15.54 28.31
C ILE D 278 -11.49 -16.68 27.83
N TYR D 279 -10.93 -17.88 27.71
CA TYR D 279 -11.68 -19.03 27.26
C TYR D 279 -12.26 -19.75 28.47
N ALA D 280 -13.60 -19.73 28.54
CA ALA D 280 -14.38 -20.53 29.50
C ALA D 280 -15.07 -21.66 28.71
N ASP D 281 -14.26 -22.63 28.28
CA ASP D 281 -14.72 -23.67 27.39
C ASP D 281 -14.27 -25.08 27.82
N GLY D 282 -13.96 -25.25 29.08
CA GLY D 282 -13.36 -26.49 29.56
C GLY D 282 -11.99 -26.82 29.00
N GLY D 283 -11.39 -25.88 28.29
CA GLY D 283 -10.09 -26.06 27.69
C GLY D 283 -10.16 -26.67 26.34
N ALA D 284 -11.36 -26.77 25.80
CA ALA D 284 -11.54 -27.45 24.53
C ALA D 284 -10.69 -26.88 23.39
N HIS D 285 -10.51 -25.57 23.38
CA HIS D 285 -9.81 -24.90 22.28
C HIS D 285 -8.28 -25.15 22.26
N THR D 286 -7.75 -25.77 23.32
CA THR D 286 -6.33 -26.09 23.42
C THR D 286 -5.99 -27.52 23.03
N GLN D 287 -7.03 -28.31 22.75
CA GLN D 287 -6.89 -29.70 22.35
C GLN D 287 -7.47 -29.94 20.93
N LEU D 288 -6.71 -30.66 20.12
CA LEU D 288 -7.09 -30.96 18.73
C LEU D 288 -8.14 -32.07 18.66
N LEU D 289 -7.98 -33.12 19.47
CA LEU D 289 -8.96 -34.20 19.62
C LEU D 289 -9.10 -34.59 21.12
N THR E 22 35.06 15.78 -15.04
CA THR E 22 35.15 17.29 -15.12
C THR E 22 34.06 17.84 -16.10
N GLY E 23 34.18 17.58 -17.42
CA GLY E 23 33.29 18.19 -18.38
C GLY E 23 31.81 18.00 -18.09
N LEU E 24 31.10 19.12 -18.02
CA LEU E 24 29.64 19.12 -17.98
C LEU E 24 29.06 18.46 -19.24
N LEU E 25 29.79 18.49 -20.34
CA LEU E 25 29.33 17.92 -21.60
C LEU E 25 30.24 16.79 -22.12
N ASP E 26 30.87 16.04 -21.22
CA ASP E 26 31.83 15.01 -21.60
C ASP E 26 31.27 14.02 -22.60
N GLY E 27 32.02 13.80 -23.69
CA GLY E 27 31.61 12.91 -24.77
C GLY E 27 30.20 13.16 -25.33
N LYS E 28 29.77 14.41 -25.35
CA LYS E 28 28.58 14.77 -26.05
C LYS E 28 29.03 15.31 -27.41
N ARG E 29 28.35 14.90 -28.46
CA ARG E 29 28.61 15.44 -29.78
C ARG E 29 27.57 16.52 -30.06
N ILE E 30 28.02 17.74 -30.29
CA ILE E 30 27.12 18.88 -30.38
C ILE E 30 27.37 19.70 -31.66
N LEU E 31 26.30 20.09 -32.36
CA LEU E 31 26.39 20.95 -33.53
C LEU E 31 26.16 22.40 -33.17
N VAL E 32 27.08 23.28 -33.52
CA VAL E 32 26.94 24.70 -33.23
C VAL E 32 26.93 25.56 -34.51
N SER E 33 25.79 26.17 -34.77
CA SER E 33 25.65 27.04 -35.92
C SER E 33 25.86 28.48 -35.48
N GLY E 34 26.11 29.37 -36.42
CA GLY E 34 25.96 30.82 -36.19
C GLY E 34 27.18 31.61 -35.75
N ILE E 35 28.36 31.05 -36.00
CA ILE E 35 29.62 31.77 -35.79
C ILE E 35 29.91 32.62 -37.04
N ILE E 36 30.30 33.87 -36.81
CA ILE E 36 30.78 34.76 -37.87
C ILE E 36 31.96 35.62 -37.40
N THR E 37 31.95 36.09 -36.16
CA THR E 37 33.13 36.69 -35.52
C THR E 37 33.38 36.01 -34.20
N ASP E 38 34.49 36.36 -33.55
CA ASP E 38 34.73 35.84 -32.21
C ASP E 38 33.95 36.58 -31.07
N SER E 39 33.13 37.57 -31.45
CA SER E 39 32.15 38.18 -30.56
C SER E 39 30.79 37.47 -30.57
N SER E 40 30.50 36.74 -31.66
CA SER E 40 29.25 36.00 -31.83
C SER E 40 28.92 35.18 -30.60
N ILE E 41 27.62 35.09 -30.28
CA ILE E 41 27.21 34.28 -29.15
C ILE E 41 27.64 32.82 -29.39
N ALA E 42 27.40 32.35 -30.61
CA ALA E 42 27.78 31.01 -31.00
C ALA E 42 29.24 30.69 -30.74
N PHE E 43 30.13 31.65 -30.94
CA PHE E 43 31.56 31.39 -30.75
C PHE E 43 31.83 31.04 -29.28
N HIS E 44 31.18 31.77 -28.39
CA HIS E 44 31.35 31.59 -26.96
C HIS E 44 30.61 30.36 -26.44
N ILE E 45 29.46 30.06 -27.01
CA ILE E 45 28.81 28.77 -26.76
C ILE E 45 29.78 27.63 -27.05
N ALA E 46 30.33 27.65 -28.25
CA ALA E 46 31.31 26.65 -28.72
C ALA E 46 32.55 26.60 -27.83
N ARG E 47 33.08 27.75 -27.45
CA ARG E 47 34.26 27.77 -26.61
C ARG E 47 33.97 27.05 -25.28
N VAL E 48 32.84 27.39 -24.68
CA VAL E 48 32.55 26.90 -23.33
C VAL E 48 32.26 25.40 -23.41
N ALA E 49 31.51 25.02 -24.44
CA ALA E 49 31.18 23.63 -24.68
C ALA E 49 32.45 22.78 -24.79
N GLN E 50 33.45 23.29 -25.49
CA GLN E 50 34.71 22.56 -25.67
C GLN E 50 35.47 22.45 -24.37
N GLU E 51 35.53 23.55 -23.60
CA GLU E 51 36.14 23.54 -22.27
C GLU E 51 35.48 22.48 -21.38
N GLN E 52 34.21 22.22 -21.64
CA GLN E 52 33.43 21.22 -20.92
C GLN E 52 33.36 19.83 -21.56
N GLY E 53 34.30 19.53 -22.46
CA GLY E 53 34.48 18.15 -22.96
C GLY E 53 33.64 17.71 -24.12
N ALA E 54 33.07 18.65 -24.87
CA ALA E 54 32.19 18.30 -25.96
C ALA E 54 32.97 18.23 -27.24
N GLN E 55 32.62 17.27 -28.10
CA GLN E 55 33.12 17.24 -29.48
C GLN E 55 32.13 18.02 -30.33
N LEU E 56 32.64 18.97 -31.08
CA LEU E 56 31.80 19.85 -31.84
C LEU E 56 31.82 19.59 -33.33
N VAL E 57 30.70 19.92 -33.95
CA VAL E 57 30.61 20.11 -35.41
C VAL E 57 30.04 21.51 -35.62
N LEU E 58 30.68 22.32 -36.47
CA LEU E 58 30.27 23.71 -36.65
C LEU E 58 29.64 23.88 -38.00
N THR E 59 28.71 24.84 -38.09
CA THR E 59 28.17 25.24 -39.37
C THR E 59 28.34 26.74 -39.48
N GLY E 60 28.45 27.19 -40.73
CA GLY E 60 28.67 28.59 -41.07
C GLY E 60 27.97 28.97 -42.36
N PHE E 61 27.70 30.27 -42.54
CA PHE E 61 27.00 30.81 -43.71
C PHE E 61 27.93 31.71 -44.52
N ASP E 62 28.01 31.45 -45.84
CA ASP E 62 28.58 32.41 -46.83
C ASP E 62 30.12 32.60 -46.79
N ARG E 63 30.65 33.16 -45.70
CA ARG E 63 32.08 33.43 -45.56
C ARG E 63 32.84 32.32 -44.89
N LEU E 64 32.96 31.19 -45.58
CA LEU E 64 33.60 29.99 -45.02
C LEU E 64 35.12 30.09 -44.73
N ARG E 65 35.88 30.77 -45.57
CA ARG E 65 37.31 30.89 -45.27
C ARG E 65 37.49 31.78 -44.05
N LEU E 66 36.69 32.84 -43.98
CA LEU E 66 36.74 33.75 -42.82
C LEU E 66 36.32 33.04 -41.53
N ILE E 67 35.22 32.31 -41.59
CA ILE E 67 34.73 31.56 -40.43
C ILE E 67 35.78 30.55 -39.98
N GLN E 68 36.38 29.87 -40.95
CA GLN E 68 37.42 28.87 -40.66
C GLN E 68 38.59 29.46 -39.84
N ARG E 69 39.01 30.68 -40.20
CA ARG E 69 40.11 31.34 -39.52
C ARG E 69 39.71 31.75 -38.11
N ILE E 70 38.42 32.05 -37.94
CA ILE E 70 37.87 32.41 -36.62
C ILE E 70 37.76 31.18 -35.75
N THR E 71 37.26 30.08 -36.29
CA THR E 71 37.10 28.85 -35.49
C THR E 71 38.42 28.21 -35.10
N ASP E 72 39.51 28.47 -35.80
CA ASP E 72 40.83 27.95 -35.37
C ASP E 72 41.27 28.53 -34.03
N ARG E 73 40.71 29.70 -33.70
CA ARG E 73 40.92 30.33 -32.38
C ARG E 73 40.17 29.66 -31.22
N LEU E 74 39.25 28.74 -31.51
CA LEU E 74 38.61 27.96 -30.44
C LEU E 74 39.64 27.04 -29.80
N PRO E 75 39.38 26.59 -28.56
CA PRO E 75 40.39 25.79 -27.84
C PRO E 75 40.78 24.49 -28.54
N ALA E 76 39.85 23.91 -29.33
CA ALA E 76 40.10 22.68 -30.06
C ALA E 76 39.56 22.72 -31.51
N LYS E 77 40.24 21.95 -32.33
CA LYS E 77 39.85 21.65 -33.72
C LYS E 77 38.43 21.18 -33.81
N ALA E 78 37.67 21.59 -34.80
CA ALA E 78 36.31 21.06 -35.02
C ALA E 78 35.95 21.15 -36.48
N PRO E 79 35.27 20.14 -37.03
CA PRO E 79 34.88 20.26 -38.43
C PRO E 79 33.88 21.38 -38.69
N LEU E 80 33.99 21.98 -39.87
CA LEU E 80 33.15 23.10 -40.27
C LEU E 80 32.38 22.80 -41.55
N LEU E 81 31.06 22.89 -41.51
CA LEU E 81 30.22 22.59 -42.67
C LEU E 81 29.49 23.84 -43.12
N GLU E 82 29.14 23.89 -44.38
CA GLU E 82 28.40 25.01 -44.92
C GLU E 82 26.90 24.73 -44.68
N LEU E 83 26.21 25.74 -44.12
CA LEU E 83 24.75 25.72 -43.99
C LEU E 83 24.15 27.13 -44.13
N ASP E 84 23.48 27.34 -45.24
CA ASP E 84 22.62 28.48 -45.50
C ASP E 84 21.25 27.92 -45.28
N VAL E 85 20.55 28.36 -44.24
CA VAL E 85 19.23 27.77 -43.89
C VAL E 85 18.08 28.08 -44.86
N GLN E 86 18.31 28.94 -45.85
CA GLN E 86 17.33 29.17 -46.94
C GLN E 86 17.44 28.18 -48.12
N ASN E 87 18.54 27.42 -48.11
CA ASN E 87 18.93 26.52 -49.16
C ASN E 87 18.46 25.09 -48.87
N GLU E 88 17.41 24.65 -49.56
CA GLU E 88 16.88 23.30 -49.34
C GLU E 88 17.93 22.21 -49.53
N GLU E 89 18.86 22.38 -50.47
CA GLU E 89 19.87 21.33 -50.72
C GLU E 89 20.82 21.15 -49.54
N HIS E 90 21.20 22.26 -48.90
CA HIS E 90 22.02 22.14 -47.71
C HIS E 90 21.31 21.39 -46.59
N LEU E 91 20.06 21.76 -46.36
CA LEU E 91 19.26 21.10 -45.36
C LEU E 91 19.06 19.62 -45.66
N ALA E 92 18.77 19.27 -46.91
CA ALA E 92 18.58 17.87 -47.28
C ALA E 92 19.86 17.05 -47.06
N SER E 93 21.03 17.66 -47.30
CA SER E 93 22.30 16.94 -47.23
C SER E 93 23.00 17.03 -45.87
N LEU E 94 22.43 17.84 -44.95
CA LEU E 94 23.13 18.18 -43.72
C LEU E 94 23.37 16.96 -42.85
N ALA E 95 22.29 16.21 -42.61
CA ALA E 95 22.38 15.02 -41.75
C ALA E 95 23.53 14.13 -42.22
N GLY E 96 23.56 13.86 -43.53
CA GLY E 96 24.63 13.02 -44.11
C GLY E 96 26.04 13.58 -43.89
N ARG E 97 26.20 14.88 -44.14
CA ARG E 97 27.51 15.52 -44.00
C ARG E 97 27.97 15.50 -42.54
N VAL E 98 27.02 15.58 -41.61
CA VAL E 98 27.33 15.54 -40.18
C VAL E 98 27.77 14.15 -39.80
N THR E 99 26.94 13.17 -40.22
CA THR E 99 27.25 11.76 -39.99
C THR E 99 28.71 11.44 -40.45
N GLU E 100 29.08 12.01 -41.59
CA GLU E 100 30.42 11.81 -42.13
C GLU E 100 31.50 12.39 -41.22
N ALA E 101 31.22 13.57 -40.67
CA ALA E 101 32.18 14.29 -39.82
C ALA E 101 32.41 13.62 -38.47
N ILE E 102 31.33 13.05 -37.89
CA ILE E 102 31.42 12.42 -36.56
C ILE E 102 31.56 10.87 -36.62
N GLY E 103 31.49 10.31 -37.83
CA GLY E 103 31.66 8.87 -38.02
C GLY E 103 30.36 8.09 -37.95
N ALA E 104 30.19 7.13 -38.86
CA ALA E 104 28.92 6.37 -39.00
C ALA E 104 28.59 5.63 -37.70
N GLY E 105 27.29 5.49 -37.44
CA GLY E 105 26.84 4.89 -36.18
C GLY E 105 27.05 5.74 -34.93
N ASN E 106 27.45 7.00 -35.12
CA ASN E 106 27.43 7.99 -34.05
C ASN E 106 26.38 9.08 -34.32
N LYS E 107 25.95 9.74 -33.26
CA LYS E 107 24.93 10.72 -33.36
C LYS E 107 25.19 11.92 -32.50
N LEU E 108 24.42 12.96 -32.77
CA LEU E 108 24.45 14.19 -32.01
C LEU E 108 23.64 14.03 -30.73
N ASP E 109 24.14 14.64 -29.67
CA ASP E 109 23.41 14.82 -28.42
C ASP E 109 22.89 16.26 -28.25
N GLY E 110 23.48 17.21 -29.00
CA GLY E 110 23.07 18.60 -28.93
C GLY E 110 23.10 19.30 -30.28
N VAL E 111 22.20 20.27 -30.44
CA VAL E 111 22.14 21.17 -31.59
C VAL E 111 21.87 22.58 -31.10
N VAL E 112 22.66 23.55 -31.58
CA VAL E 112 22.51 24.95 -31.19
C VAL E 112 22.20 25.81 -32.39
N HIS E 113 21.05 26.45 -32.35
CA HIS E 113 20.62 27.39 -33.38
C HIS E 113 20.92 28.79 -32.85
N SER E 114 21.95 29.41 -33.42
CA SER E 114 22.32 30.78 -33.05
C SER E 114 22.35 31.61 -34.33
N ILE E 115 21.19 31.77 -34.94
CA ILE E 115 21.07 32.32 -36.27
C ILE E 115 19.96 33.34 -36.35
N GLY E 116 20.21 34.40 -37.12
CA GLY E 116 19.23 35.43 -37.32
C GLY E 116 19.61 36.39 -38.40
N PHE E 117 18.59 37.01 -38.99
CA PHE E 117 18.77 38.02 -40.01
C PHE E 117 17.50 38.81 -40.20
N MET E 118 17.64 40.10 -40.47
CA MET E 118 16.54 40.94 -40.88
C MET E 118 17.11 42.08 -41.73
N PRO E 119 16.57 42.28 -42.95
CA PRO E 119 16.97 43.40 -43.78
C PRO E 119 16.88 44.74 -43.05
N GLN E 120 17.73 45.67 -43.45
CA GLN E 120 17.81 47.01 -42.83
C GLN E 120 16.45 47.71 -42.73
N THR E 121 15.56 47.41 -43.67
CA THR E 121 14.21 48.01 -43.70
C THR E 121 13.35 47.64 -42.50
N GLY E 122 13.63 46.51 -41.87
CA GLY E 122 12.82 46.04 -40.74
C GLY E 122 13.40 46.33 -39.37
N MET E 123 14.32 47.29 -39.29
CA MET E 123 15.03 47.56 -38.06
C MET E 123 15.39 49.01 -37.95
N GLY E 124 15.72 49.43 -36.73
CA GLY E 124 16.34 50.74 -36.47
C GLY E 124 15.37 51.88 -36.64
N ILE E 125 15.85 53.01 -37.13
CA ILE E 125 15.01 54.19 -37.35
C ILE E 125 14.06 54.05 -38.56
N ASN E 126 14.26 53.06 -39.40
CA ASN E 126 13.39 52.87 -40.56
C ASN E 126 11.95 52.64 -40.08
N PRO E 127 10.99 53.46 -40.50
CA PRO E 127 9.64 53.27 -40.01
C PRO E 127 9.12 51.82 -40.12
N PHE E 128 8.49 51.36 -39.06
CA PHE E 128 7.93 50.02 -38.98
C PHE E 128 7.04 49.68 -40.20
N PHE E 129 6.18 50.61 -40.57
CA PHE E 129 5.24 50.42 -41.67
C PHE E 129 5.85 50.39 -43.08
N ASP E 130 7.11 50.81 -43.22
CA ASP E 130 7.75 50.90 -44.54
C ASP E 130 8.56 49.65 -44.88
N ALA E 131 8.61 48.65 -44.02
CA ALA E 131 9.30 47.41 -44.37
C ALA E 131 8.40 46.55 -45.26
N PRO E 132 8.81 46.32 -46.50
CA PRO E 132 7.94 45.49 -47.37
C PRO E 132 7.95 44.02 -46.95
N TYR E 133 6.87 43.30 -47.20
CA TYR E 133 6.79 41.92 -46.73
C TYR E 133 7.89 41.02 -47.30
N ALA E 134 8.34 41.26 -48.50
CA ALA E 134 9.44 40.45 -49.07
C ALA E 134 10.61 40.45 -48.10
N ASP E 135 10.92 41.61 -47.51
CA ASP E 135 12.04 41.74 -46.55
C ASP E 135 11.73 41.07 -45.20
N VAL E 136 10.56 41.35 -44.64
CA VAL E 136 10.15 40.75 -43.39
C VAL E 136 10.18 39.22 -43.53
N SER E 137 9.68 38.72 -44.66
CA SER E 137 9.60 37.27 -44.92
C SER E 137 10.97 36.58 -44.92
N LYS E 138 11.95 37.25 -45.50
CA LYS E 138 13.27 36.71 -45.48
C LYS E 138 13.77 36.56 -44.05
N GLY E 139 13.47 37.55 -43.20
CA GLY E 139 13.95 37.56 -41.82
C GLY E 139 13.30 36.49 -40.95
N ILE E 140 12.00 36.33 -41.13
CA ILE E 140 11.26 35.29 -40.44
C ILE E 140 11.73 33.92 -40.91
N HIS E 141 12.02 33.79 -42.20
CA HIS E 141 12.55 32.53 -42.76
C HIS E 141 13.81 32.11 -42.02
N ILE E 142 14.77 33.01 -41.99
CA ILE E 142 16.06 32.72 -41.39
C ILE E 142 16.00 32.65 -39.86
N SER E 143 15.26 33.55 -39.23
CA SER E 143 15.25 33.70 -37.78
C SER E 143 14.31 32.79 -37.03
N ALA E 144 13.23 32.36 -37.67
CA ALA E 144 12.15 31.59 -37.04
C ALA E 144 11.92 30.22 -37.68
N TYR E 145 11.60 30.20 -38.96
CA TYR E 145 11.35 28.93 -39.71
C TYR E 145 12.54 27.98 -39.65
N SER E 146 13.75 28.53 -39.74
CA SER E 146 14.96 27.73 -39.80
C SER E 146 15.18 26.89 -38.55
N TYR E 147 14.60 27.30 -37.42
CA TYR E 147 14.65 26.50 -36.20
C TYR E 147 13.97 25.17 -36.41
N ALA E 148 12.81 25.20 -37.06
CA ALA E 148 12.09 23.98 -37.44
C ALA E 148 12.83 23.16 -38.49
N SER E 149 13.34 23.82 -39.54
CA SER E 149 13.97 23.06 -40.60
C SER E 149 15.29 22.45 -40.15
N MET E 150 16.01 23.10 -39.23
CA MET E 150 17.21 22.48 -38.63
C MET E 150 16.83 21.26 -37.83
N ALA E 151 15.82 21.42 -36.99
CA ALA E 151 15.30 20.32 -36.22
C ALA E 151 14.91 19.11 -37.10
N LYS E 152 14.19 19.37 -38.17
CA LYS E 152 13.71 18.35 -39.11
C LYS E 152 14.85 17.56 -39.72
N ALA E 153 15.90 18.28 -40.08
CA ALA E 153 17.08 17.73 -40.70
C ALA E 153 17.93 16.91 -39.74
N LEU E 154 17.98 17.32 -38.46
CA LEU E 154 18.92 16.75 -37.49
C LEU E 154 18.37 15.76 -36.45
N LEU E 155 17.12 15.89 -36.07
CA LEU E 155 16.50 14.91 -35.19
C LEU E 155 16.75 13.44 -35.62
N PRO E 156 16.65 13.13 -36.94
CA PRO E 156 16.91 11.74 -37.35
C PRO E 156 18.29 11.22 -37.00
N ILE E 157 19.24 12.11 -36.68
CA ILE E 157 20.56 11.70 -36.20
C ILE E 157 20.87 12.21 -34.78
N MET E 158 19.84 12.23 -33.94
CA MET E 158 19.99 12.63 -32.54
C MET E 158 19.63 11.51 -31.58
N ASN E 159 20.55 11.25 -30.68
CA ASN E 159 20.33 10.36 -29.57
C ASN E 159 19.19 10.74 -28.65
N PRO E 160 18.54 9.75 -28.03
CA PRO E 160 17.65 10.07 -26.93
C PRO E 160 18.44 10.78 -25.82
N GLY E 161 17.76 11.68 -25.10
CA GLY E 161 18.40 12.47 -24.05
C GLY E 161 18.99 13.76 -24.55
N GLY E 162 18.90 13.99 -25.85
CA GLY E 162 19.55 15.13 -26.51
C GLY E 162 18.81 16.45 -26.37
N SER E 163 19.47 17.53 -26.75
CA SER E 163 18.93 18.88 -26.52
C SER E 163 19.17 19.79 -27.73
N ILE E 164 18.11 20.43 -28.19
CA ILE E 164 18.17 21.49 -29.19
C ILE E 164 17.96 22.79 -28.45
N VAL E 165 18.77 23.80 -28.78
CA VAL E 165 18.70 25.11 -28.18
C VAL E 165 18.77 26.22 -29.20
N GLY E 166 17.94 27.24 -29.03
CA GLY E 166 17.90 28.42 -29.89
C GLY E 166 18.03 29.72 -29.10
N MET E 167 18.44 30.80 -29.75
CA MET E 167 18.62 32.09 -29.06
C MET E 167 17.47 33.03 -29.32
N ASP E 168 17.01 33.67 -28.26
CA ASP E 168 15.83 34.51 -28.22
C ASP E 168 16.16 35.85 -27.59
N PHE E 169 15.38 36.86 -27.93
CA PHE E 169 15.45 38.17 -27.31
C PHE E 169 14.04 38.57 -26.96
N ASP E 170 13.76 38.79 -25.67
CA ASP E 170 12.40 38.90 -25.16
C ASP E 170 11.50 39.81 -25.98
N PRO E 171 10.57 39.20 -26.77
CA PRO E 171 9.70 39.94 -27.65
C PRO E 171 8.32 40.16 -27.11
N SER E 172 8.13 39.92 -25.83
CA SER E 172 6.79 39.95 -25.24
CA SER E 172 6.79 39.95 -25.23
C SER E 172 6.22 41.36 -25.12
N ARG E 173 7.08 42.36 -25.12
CA ARG E 173 6.68 43.75 -25.25
C ARG E 173 7.40 44.40 -26.42
N ALA E 174 6.72 45.32 -27.09
CA ALA E 174 7.35 46.04 -28.20
C ALA E 174 8.40 46.99 -27.71
N MET E 175 9.32 47.38 -28.56
CA MET E 175 10.43 48.26 -28.17
C MET E 175 10.98 49.04 -29.34
N PRO E 176 11.73 50.11 -29.07
CA PRO E 176 12.27 50.83 -30.22
C PRO E 176 13.32 49.99 -30.96
N ALA E 177 13.39 50.15 -32.28
CA ALA E 177 14.51 49.62 -33.10
C ALA E 177 14.50 48.13 -33.45
N TYR E 178 14.19 47.27 -32.48
CA TYR E 178 14.15 45.83 -32.78
C TYR E 178 13.04 45.52 -33.83
N ASN E 179 12.01 46.35 -33.85
CA ASN E 179 10.97 46.32 -34.87
C ASN E 179 10.57 44.94 -35.37
N TRP E 180 10.80 44.65 -36.65
CA TRP E 180 10.33 43.41 -37.22
C TRP E 180 11.13 42.22 -36.77
N MET E 181 12.28 42.40 -36.15
CA MET E 181 12.98 41.26 -35.56
C MET E 181 12.24 40.78 -34.30
N THR E 182 11.59 41.71 -33.61
CA THR E 182 10.74 41.38 -32.47
C THR E 182 9.65 40.41 -32.92
N VAL E 183 9.08 40.68 -34.09
CA VAL E 183 8.03 39.84 -34.64
C VAL E 183 8.59 38.47 -34.98
N ALA E 184 9.77 38.42 -35.58
CA ALA E 184 10.43 37.15 -35.84
C ALA E 184 10.68 36.37 -34.56
N LYS E 185 11.11 37.02 -33.49
CA LYS E 185 11.33 36.33 -32.22
C LYS E 185 10.03 35.82 -31.60
N SER E 186 8.94 36.58 -31.73
CA SER E 186 7.65 36.11 -31.24
C SER E 186 7.26 34.84 -32.02
N ALA E 187 7.55 34.84 -33.31
CA ALA E 187 7.31 33.67 -34.12
C ALA E 187 8.19 32.52 -33.65
N LEU E 188 9.46 32.79 -33.41
CA LEU E 188 10.39 31.76 -32.96
C LEU E 188 9.94 31.05 -31.67
N GLU E 189 9.47 31.82 -30.69
CA GLU E 189 8.97 31.24 -29.46
C GLU E 189 7.84 30.23 -29.73
N SER E 190 6.96 30.55 -30.68
CA SER E 190 5.86 29.69 -31.07
C SER E 190 6.39 28.44 -31.80
N VAL E 191 7.35 28.61 -32.68
CA VAL E 191 7.94 27.50 -33.37
C VAL E 191 8.63 26.57 -32.39
N ASN E 192 9.35 27.13 -31.41
CA ASN E 192 10.05 26.32 -30.42
C ASN E 192 9.11 25.35 -29.72
N ARG E 193 7.93 25.81 -29.36
CA ARG E 193 6.96 24.96 -28.70
C ARG E 193 6.47 23.77 -29.55
N PHE E 194 6.34 23.97 -30.87
CA PHE E 194 5.96 22.89 -31.81
C PHE E 194 7.11 21.96 -32.10
N VAL E 195 8.30 22.48 -32.13
CA VAL E 195 9.49 21.65 -32.30
C VAL E 195 9.64 20.73 -31.10
N ALA E 196 9.28 21.21 -29.94
CA ALA E 196 9.34 20.40 -28.71
C ALA E 196 8.51 19.16 -28.82
N ARG E 197 7.33 19.28 -29.42
CA ARG E 197 6.44 18.15 -29.63
C ARG E 197 7.04 17.10 -30.54
N GLU E 198 7.69 17.55 -31.60
CA GLU E 198 8.28 16.66 -32.54
C GLU E 198 9.50 16.03 -31.91
N ALA E 199 10.32 16.87 -31.28
CA ALA E 199 11.55 16.41 -30.65
C ALA E 199 11.27 15.42 -29.53
N GLY E 200 10.16 15.62 -28.83
CA GLY E 200 9.70 14.69 -27.79
C GLY E 200 9.66 13.22 -28.21
N LYS E 201 9.22 12.96 -29.43
CA LYS E 201 9.14 11.60 -29.94
C LYS E 201 10.48 10.93 -30.08
N TYR E 202 11.58 11.71 -30.16
CA TYR E 202 12.95 11.20 -30.19
C TYR E 202 13.65 11.22 -28.82
N GLY E 203 12.92 11.60 -27.76
CA GLY E 203 13.48 11.81 -26.42
C GLY E 203 14.37 13.03 -26.36
N VAL E 204 13.99 14.07 -27.09
CA VAL E 204 14.82 15.25 -27.27
C VAL E 204 14.06 16.52 -26.86
N ARG E 205 14.78 17.38 -26.18
CA ARG E 205 14.26 18.61 -25.65
C ARG E 205 14.55 19.74 -26.61
N SER E 206 13.66 20.71 -26.66
CA SER E 206 13.85 21.92 -27.47
C SER E 206 13.55 23.13 -26.60
N ASN E 207 14.51 24.04 -26.47
CA ASN E 207 14.33 25.23 -25.66
C ASN E 207 15.03 26.45 -26.23
N LEU E 208 14.64 27.62 -25.77
CA LEU E 208 15.28 28.88 -26.16
C LEU E 208 15.94 29.52 -24.99
N VAL E 209 17.02 30.25 -25.23
CA VAL E 209 17.61 31.11 -24.23
C VAL E 209 17.32 32.53 -24.62
N ALA E 210 16.55 33.22 -23.81
CA ALA E 210 16.31 34.65 -23.96
C ALA E 210 17.48 35.36 -23.33
N ALA E 211 18.46 35.77 -24.15
CA ALA E 211 19.66 36.42 -23.62
C ALA E 211 19.42 37.90 -23.49
N GLY E 212 20.11 38.50 -22.55
CA GLY E 212 20.23 39.95 -22.52
C GLY E 212 21.11 40.40 -23.68
N PRO E 213 21.28 41.70 -23.85
CA PRO E 213 22.02 42.20 -24.99
C PRO E 213 23.53 41.94 -24.91
N ILE E 214 24.12 41.50 -26.02
CA ILE E 214 25.53 41.20 -26.14
C ILE E 214 26.10 41.92 -27.36
N ARG E 215 27.22 42.58 -27.15
CA ARG E 215 27.89 43.35 -28.22
C ARG E 215 28.51 42.41 -29.24
N THR E 216 27.76 42.22 -30.33
CA THR E 216 28.16 41.36 -31.44
C THR E 216 28.06 42.15 -32.73
N LEU E 217 28.55 41.54 -33.80
CA LEU E 217 28.42 42.15 -35.13
C LEU E 217 26.96 42.46 -35.48
N ALA E 218 26.09 41.51 -35.30
CA ALA E 218 24.64 41.71 -35.56
C ALA E 218 24.04 42.87 -34.75
N MET E 219 24.46 43.01 -33.50
CA MET E 219 23.96 44.12 -32.70
C MET E 219 24.31 45.46 -33.29
N SER E 220 25.52 45.56 -33.77
CA SER E 220 26.05 46.77 -34.36
C SER E 220 25.36 47.16 -35.70
N ALA E 221 24.87 46.15 -36.40
CA ALA E 221 24.13 46.31 -37.61
C ALA E 221 22.69 46.80 -37.49
N ILE E 222 22.18 46.75 -36.28
CA ILE E 222 20.77 47.02 -36.05
C ILE E 222 20.42 48.49 -36.31
N VAL E 223 21.21 49.41 -35.75
CA VAL E 223 21.07 50.80 -36.16
C VAL E 223 22.41 51.27 -36.76
N GLY E 224 22.27 51.90 -37.93
CA GLY E 224 23.42 52.43 -38.66
C GLY E 224 23.90 51.49 -39.78
N GLY E 225 23.90 50.18 -39.54
CA GLY E 225 24.93 49.34 -40.24
C GLY E 225 26.27 49.51 -39.45
N ALA E 226 27.06 48.46 -39.56
CA ALA E 226 28.15 48.20 -38.64
C ALA E 226 29.37 49.10 -38.80
N LEU E 227 29.40 49.88 -39.90
CA LEU E 227 30.44 50.87 -40.15
C LEU E 227 30.30 52.18 -39.32
N GLY E 228 29.03 52.39 -38.80
CA GLY E 228 28.75 53.62 -38.12
C GLY E 228 29.33 53.77 -36.70
N GLU E 229 29.21 55.02 -36.21
CA GLU E 229 29.49 55.33 -34.83
C GLU E 229 28.51 54.46 -34.02
N GLU E 230 28.85 54.21 -32.77
CA GLU E 230 28.15 53.26 -31.93
C GLU E 230 26.64 53.37 -31.84
N ALA E 231 26.11 54.60 -31.81
CA ALA E 231 24.62 54.84 -31.76
C ALA E 231 24.16 54.88 -30.30
N GLY E 232 24.27 56.07 -29.74
CA GLY E 232 23.98 56.26 -28.31
C GLY E 232 22.56 55.96 -27.90
N ALA E 233 21.53 56.28 -28.72
CA ALA E 233 20.15 55.97 -28.26
C ALA E 233 20.02 54.47 -27.92
N GLN E 234 20.46 53.66 -28.86
CA GLN E 234 20.42 52.20 -28.71
C GLN E 234 21.16 51.76 -27.43
N ILE E 235 22.38 52.25 -27.24
CA ILE E 235 23.15 51.85 -26.05
C ILE E 235 22.47 52.27 -24.75
N GLN E 236 21.79 53.41 -24.78
CA GLN E 236 21.13 53.86 -23.58
C GLN E 236 19.91 53.00 -23.26
N LEU E 237 19.05 52.79 -24.24
CA LEU E 237 17.94 51.83 -24.14
C LEU E 237 18.37 50.48 -23.56
N LEU E 238 19.45 49.93 -24.04
CA LEU E 238 19.86 48.66 -23.55
C LEU E 238 20.32 48.69 -22.14
N GLU E 239 21.07 49.71 -21.75
CA GLU E 239 21.51 49.84 -20.35
C GLU E 239 20.28 50.03 -19.43
N GLU E 240 19.29 50.73 -19.93
CA GLU E 240 18.05 51.03 -19.22
C GLU E 240 17.21 49.78 -19.04
N GLY E 241 16.97 49.06 -20.14
CA GLY E 241 16.15 47.84 -20.10
C GLY E 241 16.75 46.62 -19.39
N TRP E 242 18.06 46.51 -19.32
CA TRP E 242 18.79 45.38 -18.74
C TRP E 242 19.66 45.64 -17.47
N ASP E 243 20.78 46.35 -17.53
CA ASP E 243 21.67 46.45 -16.34
C ASP E 243 20.98 47.14 -15.17
N GLN E 244 20.23 48.20 -15.48
CA GLN E 244 19.52 48.93 -14.45
C GLN E 244 18.42 48.11 -13.78
N ARG E 245 17.68 47.36 -14.58
CA ARG E 245 16.64 46.46 -14.11
C ARG E 245 17.16 45.16 -13.49
N ALA E 246 18.26 44.64 -13.97
CA ALA E 246 18.86 43.37 -13.48
C ALA E 246 19.34 43.46 -12.04
N PRO E 247 18.77 42.68 -11.12
CA PRO E 247 19.26 42.64 -9.75
C PRO E 247 20.72 42.23 -9.57
N ILE E 248 21.28 41.48 -10.52
CA ILE E 248 22.70 41.06 -10.47
C ILE E 248 23.54 41.72 -11.55
N GLY E 249 22.97 42.72 -12.22
CA GLY E 249 23.66 43.46 -13.25
C GLY E 249 23.68 42.74 -14.60
N TRP E 250 24.07 43.48 -15.62
CA TRP E 250 24.23 42.91 -16.92
C TRP E 250 25.34 43.60 -17.66
N ASN E 251 26.25 42.80 -18.19
CA ASN E 251 27.42 43.29 -18.93
C ASN E 251 27.42 42.87 -20.40
N MET E 252 27.17 43.81 -21.30
CA MET E 252 27.05 43.52 -22.72
C MET E 252 28.34 43.01 -23.38
N LYS E 253 29.47 43.18 -22.73
CA LYS E 253 30.72 42.75 -23.30
C LYS E 253 31.09 41.37 -22.87
N ASP E 254 30.21 40.69 -22.14
CA ASP E 254 30.53 39.35 -21.60
C ASP E 254 29.48 38.35 -21.97
N ALA E 255 29.77 37.55 -22.99
CA ALA E 255 28.86 36.49 -23.44
C ALA E 255 28.95 35.22 -22.61
N THR E 256 29.94 35.09 -21.72
CA THR E 256 30.10 33.87 -20.94
C THR E 256 28.79 33.42 -20.22
N PRO E 257 28.15 34.31 -19.43
CA PRO E 257 26.90 33.90 -18.78
C PRO E 257 25.83 33.35 -19.71
N VAL E 258 25.75 33.88 -20.92
CA VAL E 258 24.79 33.37 -21.91
C VAL E 258 25.26 31.99 -22.37
N ALA E 259 26.53 31.88 -22.73
CA ALA E 259 27.10 30.62 -23.19
C ALA E 259 26.92 29.50 -22.14
N LYS E 260 27.11 29.82 -20.88
CA LYS E 260 26.97 28.82 -19.82
C LYS E 260 25.54 28.35 -19.68
N THR E 261 24.61 29.30 -19.76
CA THR E 261 23.19 29.02 -19.71
C THR E 261 22.84 28.02 -20.83
N VAL E 262 23.34 28.26 -22.05
CA VAL E 262 23.11 27.35 -23.18
C VAL E 262 23.72 25.97 -22.91
N CYS E 263 24.94 25.93 -22.40
CA CYS E 263 25.53 24.64 -22.06
C CYS E 263 24.74 23.85 -20.99
N ALA E 264 24.09 24.56 -20.05
CA ALA E 264 23.26 23.94 -19.03
C ALA E 264 22.12 23.19 -19.67
N LEU E 265 21.54 23.77 -20.73
CA LEU E 265 20.45 23.13 -21.44
C LEU E 265 20.89 21.97 -22.34
N LEU E 266 22.12 22.03 -22.82
CA LEU E 266 22.73 20.92 -23.57
C LEU E 266 23.12 19.76 -22.66
N SER E 267 23.33 20.07 -21.39
CA SER E 267 23.67 19.08 -20.41
C SER E 267 22.47 18.26 -19.97
N ASP E 268 22.76 17.31 -19.09
CA ASP E 268 21.73 16.48 -18.45
C ASP E 268 21.08 17.10 -17.20
N TRP E 269 21.32 18.38 -16.94
CA TRP E 269 20.95 18.99 -15.68
C TRP E 269 19.72 19.84 -15.78
N LEU E 270 19.08 19.87 -16.94
CA LEU E 270 17.75 20.46 -17.08
C LEU E 270 16.91 19.49 -17.88
N PRO E 271 16.77 18.27 -17.36
CA PRO E 271 16.15 17.16 -18.12
C PRO E 271 14.63 17.20 -18.19
N ALA E 272 13.99 18.14 -17.48
CA ALA E 272 12.57 18.13 -17.42
C ALA E 272 11.97 19.32 -18.10
N THR E 273 12.80 20.06 -18.82
CA THR E 273 12.45 21.36 -19.38
C THR E 273 12.45 21.29 -20.89
N THR E 274 11.30 21.59 -21.50
CA THR E 274 11.16 21.59 -22.97
C THR E 274 10.00 22.47 -23.44
N GLY E 275 10.14 22.99 -24.67
CA GLY E 275 9.19 23.94 -25.24
C GLY E 275 9.25 25.28 -24.57
N ASP E 276 10.36 25.54 -23.92
CA ASP E 276 10.44 26.57 -22.89
C ASP E 276 11.51 27.62 -23.20
N ILE E 277 11.52 28.66 -22.37
CA ILE E 277 12.42 29.78 -22.50
C ILE E 277 13.11 29.98 -21.15
N ILE E 278 14.42 29.87 -21.15
CA ILE E 278 15.25 30.24 -20.02
C ILE E 278 15.78 31.66 -20.25
N TYR E 279 15.58 32.54 -19.27
CA TYR E 279 16.06 33.89 -19.34
C TYR E 279 17.45 33.97 -18.75
N ALA E 280 18.42 34.29 -19.62
CA ALA E 280 19.80 34.64 -19.22
C ALA E 280 19.98 36.14 -19.42
N ASP E 281 19.36 36.93 -18.56
CA ASP E 281 19.28 38.38 -18.75
C ASP E 281 19.58 39.18 -17.49
N GLY E 282 20.28 38.57 -16.54
CA GLY E 282 20.49 39.16 -15.21
C GLY E 282 19.24 39.35 -14.38
N GLY E 283 18.12 38.80 -14.83
CA GLY E 283 16.86 38.91 -14.14
C GLY E 283 16.11 40.14 -14.54
N ALA E 284 16.57 40.80 -15.59
CA ALA E 284 15.96 42.06 -15.97
C ALA E 284 14.46 41.98 -16.23
N HIS E 285 14.02 40.86 -16.83
CA HIS E 285 12.63 40.71 -17.24
C HIS E 285 11.65 40.52 -16.07
N THR E 286 12.17 40.34 -14.84
CA THR E 286 11.37 40.17 -13.64
C THR E 286 11.17 41.44 -12.85
N GLN E 287 11.84 42.51 -13.24
CA GLN E 287 11.79 43.81 -12.59
C GLN E 287 11.25 44.91 -13.49
N LEU E 288 10.38 45.76 -12.95
CA LEU E 288 9.72 46.82 -13.70
C LEU E 288 10.59 48.01 -13.97
N LEU E 289 11.36 48.41 -12.98
CA LEU E 289 12.30 49.57 -13.07
C LEU E 289 13.65 49.25 -12.50
N THR F 22 -28.88 55.68 -27.47
CA THR F 22 -28.99 54.19 -27.51
C THR F 22 -27.68 53.52 -28.00
N GLY F 23 -27.34 53.71 -29.29
CA GLY F 23 -26.20 53.04 -29.90
C GLY F 23 -24.91 53.24 -29.11
N LEU F 24 -24.29 52.11 -28.76
CA LEU F 24 -22.94 52.11 -28.21
C LEU F 24 -21.94 52.71 -29.23
N LEU F 25 -22.25 52.63 -30.52
CA LEU F 25 -21.39 53.14 -31.57
C LEU F 25 -22.04 54.25 -32.42
N ASP F 26 -22.94 55.04 -31.81
CA ASP F 26 -23.68 56.07 -32.56
C ASP F 26 -22.79 57.01 -33.33
N GLY F 27 -23.13 57.17 -34.61
CA GLY F 27 -22.34 58.02 -35.53
C GLY F 27 -20.85 57.74 -35.55
N LYS F 28 -20.46 56.48 -35.37
CA LYS F 28 -19.08 56.10 -35.60
C LYS F 28 -19.04 55.51 -37.00
N ARG F 29 -18.02 55.89 -37.76
CA ARG F 29 -17.82 55.28 -39.07
C ARG F 29 -16.75 54.20 -38.94
N ILE F 30 -17.11 52.97 -39.25
CA ILE F 30 -16.26 51.82 -38.99
C ILE F 30 -16.04 50.95 -40.23
N LEU F 31 -14.82 50.54 -40.48
CA LEU F 31 -14.49 49.60 -41.55
C LEU F 31 -14.43 48.17 -41.07
N VAL F 32 -15.17 47.28 -41.70
CA VAL F 32 -15.15 45.86 -41.32
C VAL F 32 -14.71 44.97 -42.47
N SER F 33 -13.57 44.35 -42.29
CA SER F 33 -13.06 43.40 -43.28
C SER F 33 -13.41 42.00 -42.87
N GLY F 34 -13.32 41.07 -43.82
CA GLY F 34 -13.30 39.64 -43.49
C GLY F 34 -14.61 38.88 -43.48
N ILE F 35 -15.62 39.44 -44.15
CA ILE F 35 -16.88 38.73 -44.36
C ILE F 35 -16.74 37.82 -45.58
N ILE F 36 -17.22 36.58 -45.45
CA ILE F 36 -17.31 35.64 -46.57
C ILE F 36 -18.59 34.80 -46.53
N THR F 37 -19.04 34.40 -45.35
CA THR F 37 -20.38 33.83 -45.15
C THR F 37 -21.07 34.57 -44.02
N ASP F 38 -22.33 34.26 -43.78
CA ASP F 38 -23.02 34.83 -42.63
C ASP F 38 -22.69 34.11 -41.27
N SER F 39 -21.83 33.10 -41.31
CA SER F 39 -21.20 32.52 -40.11
C SER F 39 -19.91 33.22 -39.67
N SER F 40 -19.26 33.91 -40.61
CA SER F 40 -18.04 34.70 -40.36
C SER F 40 -18.13 35.55 -39.12
N ILE F 41 -17.04 35.65 -38.37
CA ILE F 41 -17.03 36.50 -37.18
C ILE F 41 -17.30 37.94 -37.63
N ALA F 42 -16.63 38.37 -38.69
CA ALA F 42 -16.83 39.68 -39.26
C ALA F 42 -18.29 40.02 -39.54
N PHE F 43 -19.08 39.05 -40.01
CA PHE F 43 -20.48 39.32 -40.32
C PHE F 43 -21.24 39.72 -39.08
N HIS F 44 -20.94 39.03 -37.97
CA HIS F 44 -21.61 39.26 -36.71
C HIS F 44 -21.09 40.52 -36.01
N ILE F 45 -19.81 40.81 -36.16
CA ILE F 45 -19.26 42.11 -35.74
C ILE F 45 -20.06 43.23 -36.39
N ALA F 46 -20.15 43.15 -37.72
CA ALA F 46 -20.87 44.13 -38.52
C ALA F 46 -22.36 44.23 -38.14
N ARG F 47 -23.00 43.10 -37.92
CA ARG F 47 -24.40 43.11 -37.56
C ARG F 47 -24.60 43.88 -36.25
N VAL F 48 -23.76 43.56 -35.27
CA VAL F 48 -23.96 44.11 -33.92
C VAL F 48 -23.62 45.61 -33.95
N ALA F 49 -22.56 45.94 -34.66
CA ALA F 49 -22.14 47.32 -34.82
C ALA F 49 -23.26 48.18 -35.42
N GLN F 50 -23.97 47.63 -36.41
CA GLN F 50 -25.07 48.36 -37.06
C GLN F 50 -26.23 48.52 -36.11
N GLU F 51 -26.56 47.46 -35.36
CA GLU F 51 -27.61 47.52 -34.33
C GLU F 51 -27.28 48.60 -33.32
N GLN F 52 -26.00 48.86 -33.13
CA GLN F 52 -25.52 49.89 -32.21
C GLN F 52 -25.22 51.26 -32.86
N GLY F 53 -25.78 51.53 -34.03
CA GLY F 53 -25.78 52.87 -34.62
C GLY F 53 -24.56 53.27 -35.43
N ALA F 54 -23.80 52.31 -35.91
CA ALA F 54 -22.59 52.63 -36.65
C ALA F 54 -22.87 52.67 -38.13
N GLN F 55 -22.21 53.57 -38.84
CA GLN F 55 -22.16 53.52 -40.31
C GLN F 55 -20.97 52.66 -40.70
N LEU F 56 -21.19 51.67 -41.55
CA LEU F 56 -20.13 50.77 -41.93
C LEU F 56 -19.62 50.95 -43.33
N VAL F 57 -18.36 50.61 -43.51
CA VAL F 57 -17.77 50.34 -44.83
C VAL F 57 -17.17 48.95 -44.79
N LEU F 58 -17.50 48.10 -45.76
CA LEU F 58 -17.07 46.71 -45.72
C LEU F 58 -16.02 46.45 -46.76
N THR F 59 -15.13 45.49 -46.47
CA THR F 59 -14.18 45.01 -47.47
C THR F 59 -14.31 43.52 -47.57
N GLY F 60 -13.99 43.00 -48.74
CA GLY F 60 -14.08 41.59 -49.09
C GLY F 60 -12.98 41.16 -50.05
N PHE F 61 -12.70 39.85 -50.05
CA PHE F 61 -11.64 39.26 -50.87
C PHE F 61 -12.22 38.30 -51.89
N ASP F 62 -11.85 38.49 -53.17
CA ASP F 62 -12.01 37.47 -54.24
C ASP F 62 -13.46 37.23 -54.74
N ARG F 63 -14.36 36.75 -53.88
CA ARG F 63 -15.75 36.47 -54.25
C ARG F 63 -16.69 37.62 -53.96
N LEU F 64 -16.54 38.70 -54.73
CA LEU F 64 -17.31 39.93 -54.48
C LEU F 64 -18.83 39.85 -54.71
N ARG F 65 -19.26 39.13 -55.73
CA ARG F 65 -20.72 39.04 -55.96
C ARG F 65 -21.33 38.20 -54.83
N LEU F 66 -20.63 37.15 -54.41
CA LEU F 66 -21.11 36.32 -53.30
C LEU F 66 -21.16 37.10 -51.99
N ILE F 67 -20.08 37.82 -51.70
CA ILE F 67 -20.02 38.62 -50.47
C ILE F 67 -21.15 39.68 -50.48
N GLN F 68 -21.35 40.30 -51.64
CA GLN F 68 -22.41 41.32 -51.81
C GLN F 68 -23.80 40.78 -51.41
N ARG F 69 -24.09 39.53 -51.83
CA ARG F 69 -25.38 38.92 -51.55
C ARG F 69 -25.52 38.60 -50.07
N ILE F 70 -24.38 38.31 -49.43
CA ILE F 70 -24.33 38.02 -47.99
C ILE F 70 -24.51 39.31 -47.19
N THR F 71 -23.82 40.37 -47.58
CA THR F 71 -23.93 41.64 -46.84
C THR F 71 -25.30 42.31 -46.97
N ASP F 72 -26.08 42.00 -48.01
CA ASP F 72 -27.45 42.55 -48.09
C ASP F 72 -28.34 42.03 -46.95
N ARG F 73 -27.95 40.88 -46.39
CA ARG F 73 -28.63 40.33 -45.21
C ARG F 73 -28.34 41.05 -43.90
N LEU F 74 -27.36 41.97 -43.88
CA LEU F 74 -27.12 42.79 -42.70
C LEU F 74 -28.31 43.73 -42.50
N PRO F 75 -28.49 44.22 -41.25
CA PRO F 75 -29.65 45.07 -40.96
C PRO F 75 -29.74 46.35 -41.80
N ALA F 76 -28.59 46.87 -42.23
CA ALA F 76 -28.53 48.09 -43.03
C ALA F 76 -27.53 48.01 -44.20
N LYS F 77 -27.87 48.74 -45.25
CA LYS F 77 -27.03 48.86 -46.45
C LYS F 77 -25.66 49.42 -46.06
N ALA F 78 -24.60 48.93 -46.71
CA ALA F 78 -23.27 49.46 -46.46
C ALA F 78 -22.42 49.27 -47.72
N PRO F 79 -21.57 50.25 -48.03
CA PRO F 79 -20.73 50.05 -49.23
C PRO F 79 -19.71 48.91 -49.03
N LEU F 80 -19.40 48.23 -50.13
CA LEU F 80 -18.48 47.10 -50.14
C LEU F 80 -17.32 47.34 -51.09
N LEU F 81 -16.10 47.26 -50.57
CA LEU F 81 -14.90 47.51 -51.39
C LEU F 81 -14.08 46.25 -51.50
N GLU F 82 -13.32 46.14 -52.57
CA GLU F 82 -12.43 45.01 -52.75
C GLU F 82 -11.12 45.29 -52.03
N LEU F 83 -10.68 44.31 -51.22
CA LEU F 83 -9.36 44.35 -50.58
C LEU F 83 -8.76 42.96 -50.46
N ASP F 84 -7.73 42.72 -51.26
CA ASP F 84 -6.87 41.57 -51.16
C ASP F 84 -5.65 42.12 -50.48
N VAL F 85 -5.37 41.73 -49.25
CA VAL F 85 -4.24 42.31 -48.48
C VAL F 85 -2.83 41.95 -48.97
N GLN F 86 -2.72 41.04 -49.95
CA GLN F 86 -1.44 40.76 -50.60
C GLN F 86 -1.12 41.68 -51.80
N ASN F 87 -2.12 42.45 -52.21
CA ASN F 87 -2.09 43.32 -53.36
C ASN F 87 -1.69 44.75 -52.99
N GLU F 88 -0.47 45.14 -53.30
CA GLU F 88 -0.03 46.50 -52.98
C GLU F 88 -0.95 47.61 -53.53
N GLU F 89 -1.51 47.41 -54.71
CA GLU F 89 -2.35 48.45 -55.33
C GLU F 89 -3.65 48.66 -54.59
N HIS F 90 -4.23 47.59 -54.07
CA HIS F 90 -5.44 47.77 -53.24
C HIS F 90 -5.13 48.54 -51.97
N LEU F 91 -4.06 48.19 -51.31
CA LEU F 91 -3.64 48.90 -50.12
C LEU F 91 -3.33 50.37 -50.40
N ALA F 92 -2.63 50.65 -51.49
CA ALA F 92 -2.30 52.05 -51.85
C ALA F 92 -3.56 52.87 -52.12
N SER F 93 -4.58 52.24 -52.71
CA SER F 93 -5.79 52.96 -53.10
C SER F 93 -6.91 52.93 -52.07
N LEU F 94 -6.71 52.17 -50.99
CA LEU F 94 -7.79 51.88 -50.06
C LEU F 94 -8.33 53.12 -49.40
N ALA F 95 -7.41 53.89 -48.81
CA ALA F 95 -7.78 55.12 -48.10
C ALA F 95 -8.67 55.99 -48.99
N GLY F 96 -8.23 56.20 -50.24
CA GLY F 96 -9.00 56.99 -51.21
C GLY F 96 -10.40 56.46 -51.48
N ARG F 97 -10.50 55.15 -51.71
CA ARG F 97 -11.78 54.52 -52.01
C ARG F 97 -12.73 54.60 -50.81
N VAL F 98 -12.16 54.57 -49.61
CA VAL F 98 -12.96 54.66 -48.39
C VAL F 98 -13.47 56.08 -48.24
N THR F 99 -12.56 57.04 -48.39
CA THR F 99 -12.89 58.46 -48.35
C THR F 99 -14.08 58.75 -49.31
N GLU F 100 -14.06 58.12 -50.48
CA GLU F 100 -15.11 58.28 -51.47
C GLU F 100 -16.45 57.75 -50.96
N ALA F 101 -16.39 56.59 -50.31
CA ALA F 101 -17.59 55.92 -49.81
C ALA F 101 -18.27 56.65 -48.64
N ILE F 102 -17.46 57.25 -47.75
CA ILE F 102 -18.00 57.96 -46.57
C ILE F 102 -18.08 59.48 -46.75
N GLY F 103 -17.58 59.99 -47.88
CA GLY F 103 -17.66 61.42 -48.20
C GLY F 103 -16.43 62.19 -47.71
N ALA F 104 -15.95 63.13 -48.55
CA ALA F 104 -14.69 63.86 -48.28
C ALA F 104 -14.79 64.66 -46.98
N GLY F 105 -13.67 64.79 -46.28
CA GLY F 105 -13.65 65.46 -44.98
C GLY F 105 -14.33 64.67 -43.84
N ASN F 106 -14.67 63.40 -44.10
CA ASN F 106 -15.05 62.47 -43.03
C ASN F 106 -14.01 61.38 -42.84
N LYS F 107 -14.03 60.80 -41.65
CA LYS F 107 -13.03 59.81 -41.33
C LYS F 107 -13.61 58.66 -40.56
N LEU F 108 -12.79 57.62 -40.49
CA LEU F 108 -13.10 56.42 -39.74
C LEU F 108 -12.80 56.66 -38.27
N ASP F 109 -13.66 56.09 -37.43
CA ASP F 109 -13.41 55.95 -35.99
C ASP F 109 -13.02 54.52 -35.61
N GLY F 110 -13.32 53.55 -36.48
CA GLY F 110 -12.99 52.16 -36.18
C GLY F 110 -12.55 51.40 -37.42
N VAL F 111 -11.66 50.43 -37.22
CA VAL F 111 -11.21 49.49 -38.24
C VAL F 111 -11.14 48.09 -37.64
N VAL F 112 -11.71 47.11 -38.32
CA VAL F 112 -11.75 45.72 -37.85
C VAL F 112 -11.04 44.82 -38.84
N HIS F 113 -9.98 44.17 -38.36
CA HIS F 113 -9.23 43.19 -39.12
C HIS F 113 -9.73 41.83 -38.68
N SER F 114 -10.49 41.18 -39.53
CA SER F 114 -11.00 39.83 -39.30
C SER F 114 -10.58 38.95 -40.48
N ILE F 115 -9.29 38.77 -40.64
CA ILE F 115 -8.71 38.13 -41.79
C ILE F 115 -7.65 37.11 -41.42
N GLY F 116 -7.64 36.00 -42.16
CA GLY F 116 -6.67 34.95 -41.92
C GLY F 116 -6.64 33.93 -43.02
N PHE F 117 -5.49 33.29 -43.18
CA PHE F 117 -5.30 32.22 -44.15
C PHE F 117 -4.06 31.43 -43.83
N MET F 118 -4.12 30.12 -44.08
CA MET F 118 -2.95 29.26 -44.03
C MET F 118 -3.20 28.09 -44.97
N PRO F 119 -2.28 27.82 -45.91
CA PRO F 119 -2.40 26.65 -46.76
C PRO F 119 -2.56 25.35 -45.95
N GLN F 120 -3.28 24.40 -46.54
CA GLN F 120 -3.54 23.08 -45.91
C GLN F 120 -2.27 22.41 -45.35
N THR F 121 -1.11 22.68 -45.98
CA THR F 121 0.15 22.08 -45.55
C THR F 121 0.58 22.51 -44.16
N GLY F 122 0.11 23.68 -43.69
CA GLY F 122 0.48 24.18 -42.39
C GLY F 122 -0.50 23.92 -41.26
N MET F 123 -1.36 22.93 -41.45
CA MET F 123 -2.49 22.74 -40.56
C MET F 123 -2.82 21.28 -40.48
N GLY F 124 -3.53 20.89 -39.43
CA GLY F 124 -4.18 19.58 -39.32
C GLY F 124 -3.21 18.45 -39.11
N ILE F 125 -3.50 17.29 -39.70
CA ILE F 125 -2.61 16.13 -39.60
C ILE F 125 -1.35 16.23 -40.44
N ASN F 126 -1.26 17.18 -41.35
CA ASN F 126 -0.07 17.32 -42.21
C ASN F 126 1.12 17.65 -41.29
N PRO F 127 2.19 16.85 -41.34
CA PRO F 127 3.28 17.07 -40.39
C PRO F 127 3.77 18.50 -40.33
N PHE F 128 3.99 19.00 -39.13
CA PHE F 128 4.49 20.34 -38.89
C PHE F 128 5.74 20.65 -39.72
N PHE F 129 6.68 19.72 -39.74
CA PHE F 129 7.93 19.88 -40.44
C PHE F 129 7.85 19.84 -41.99
N ASP F 130 6.74 19.39 -42.55
CA ASP F 130 6.58 19.27 -44.00
C ASP F 130 5.93 20.46 -44.66
N ALA F 131 5.57 21.49 -43.92
CA ALA F 131 5.01 22.70 -44.55
C ALA F 131 6.16 23.54 -45.09
N PRO F 132 6.23 23.70 -46.42
CA PRO F 132 7.35 24.49 -46.98
C PRO F 132 7.19 25.99 -46.66
N TYR F 133 8.30 26.70 -46.55
CA TYR F 133 8.22 28.09 -46.14
C TYR F 133 7.39 28.96 -47.09
N ALA F 134 7.39 28.66 -48.36
CA ALA F 134 6.57 29.43 -49.29
C ALA F 134 5.12 29.47 -48.80
N ASP F 135 4.62 28.34 -48.31
CA ASP F 135 3.22 28.24 -47.78
C ASP F 135 3.06 28.99 -46.44
N VAL F 136 3.98 28.74 -45.50
CA VAL F 136 3.92 29.43 -44.21
C VAL F 136 3.95 30.92 -44.42
N SER F 137 4.82 31.37 -45.33
CA SER F 137 5.00 32.81 -45.62
C SER F 137 3.73 33.47 -46.11
N LYS F 138 3.00 32.78 -46.98
CA LYS F 138 1.76 33.31 -47.44
C LYS F 138 0.80 33.53 -46.28
N GLY F 139 0.78 32.59 -45.34
CA GLY F 139 -0.16 32.66 -44.20
C GLY F 139 0.17 33.76 -43.22
N ILE F 140 1.44 33.92 -42.93
CA ILE F 140 1.91 35.00 -42.08
C ILE F 140 1.65 36.35 -42.76
N HIS F 141 1.82 36.41 -44.08
CA HIS F 141 1.55 37.63 -44.84
C HIS F 141 0.11 38.08 -44.62
N ILE F 142 -0.82 37.17 -44.88
CA ILE F 142 -2.22 37.49 -44.79
C ILE F 142 -2.70 37.64 -43.34
N SER F 143 -2.23 36.77 -42.44
CA SER F 143 -2.74 36.69 -41.08
C SER F 143 -2.10 37.63 -40.10
N ALA F 144 -0.87 38.06 -40.36
CA ALA F 144 -0.07 38.86 -39.43
C ALA F 144 0.39 40.19 -39.98
N TYR F 145 1.16 40.15 -41.07
CA TYR F 145 1.66 41.39 -41.73
C TYR F 145 0.52 42.34 -42.13
N SER F 146 -0.59 41.78 -42.62
CA SER F 146 -1.69 42.57 -43.13
C SER F 146 -2.32 43.47 -42.09
N TYR F 147 -2.19 43.10 -40.81
CA TYR F 147 -2.66 43.96 -39.72
C TYR F 147 -1.93 45.28 -39.75
N ALA F 148 -0.61 45.22 -39.94
CA ALA F 148 0.21 46.42 -40.07
C ALA F 148 -0.10 47.19 -41.35
N SER F 149 -0.19 46.49 -42.49
CA SER F 149 -0.41 47.21 -43.75
C SER F 149 -1.80 47.83 -43.81
N MET F 150 -2.80 47.23 -43.18
CA MET F 150 -4.12 47.87 -43.08
C MET F 150 -4.05 49.11 -42.25
N ALA F 151 -3.40 48.99 -41.10
CA ALA F 151 -3.19 50.12 -40.21
C ALA F 151 -2.48 51.30 -40.94
N LYS F 152 -1.43 50.99 -41.68
CA LYS F 152 -0.63 51.98 -42.43
C LYS F 152 -1.47 52.74 -43.43
N ALA F 153 -2.32 52.01 -44.10
CA ALA F 153 -3.21 52.54 -45.11
C ALA F 153 -4.32 53.40 -44.55
N LEU F 154 -4.83 53.03 -43.38
CA LEU F 154 -6.06 53.64 -42.83
C LEU F 154 -5.89 54.68 -41.68
N LEU F 155 -4.86 54.56 -40.88
CA LEU F 155 -4.58 55.58 -39.88
C LEU F 155 -4.62 57.04 -40.44
N PRO F 156 -4.06 57.28 -41.64
CA PRO F 156 -4.14 58.66 -42.18
C PRO F 156 -5.56 59.18 -42.38
N ILE F 157 -6.56 58.32 -42.36
CA ILE F 157 -7.96 58.73 -42.39
C ILE F 157 -8.74 58.29 -41.14
N MET F 158 -8.07 58.30 -40.00
CA MET F 158 -8.71 57.94 -38.72
C MET F 158 -8.69 59.11 -37.73
N ASN F 159 -9.86 59.41 -37.23
CA ASN F 159 -10.05 60.37 -36.17
C ASN F 159 -9.32 60.02 -34.88
N PRO F 160 -8.93 61.05 -34.12
CA PRO F 160 -8.52 60.78 -32.75
C PRO F 160 -9.65 60.11 -31.97
N GLY F 161 -9.29 59.24 -31.02
CA GLY F 161 -10.26 58.48 -30.24
C GLY F 161 -10.68 57.19 -30.87
N GLY F 162 -10.13 56.90 -32.04
CA GLY F 162 -10.49 55.72 -32.83
C GLY F 162 -9.87 54.41 -32.37
N SER F 163 -10.38 53.32 -32.91
CA SER F 163 -9.98 51.99 -32.45
C SER F 163 -9.79 51.03 -33.62
N ILE F 164 -8.63 50.37 -33.66
CA ILE F 164 -8.35 49.28 -34.56
C ILE F 164 -8.44 47.99 -33.76
N VAL F 165 -9.08 46.98 -34.32
CA VAL F 165 -9.26 45.69 -33.68
C VAL F 165 -8.97 44.55 -34.61
N GLY F 166 -8.26 43.54 -34.13
CA GLY F 166 -7.93 42.33 -34.89
C GLY F 166 -8.35 41.06 -34.17
N MET F 167 -8.51 39.95 -34.87
CA MET F 167 -8.93 38.69 -34.24
C MET F 167 -7.74 37.75 -34.04
N ASP F 168 -7.70 37.16 -32.86
CA ASP F 168 -6.62 36.32 -32.37
C ASP F 168 -7.15 35.01 -31.85
N PHE F 169 -6.32 33.99 -31.84
CA PHE F 169 -6.63 32.72 -31.20
C PHE F 169 -5.42 32.38 -30.34
N ASP F 170 -5.62 32.25 -29.03
CA ASP F 170 -4.53 32.16 -28.07
C ASP F 170 -3.39 31.21 -28.47
N PRO F 171 -2.25 31.77 -28.91
CA PRO F 171 -1.13 30.99 -29.38
C PRO F 171 -0.02 30.83 -28.36
N SER F 172 -0.30 31.16 -27.11
CA SER F 172 0.72 31.15 -26.07
C SER F 172 1.18 29.78 -25.66
N ARG F 173 0.36 28.78 -25.91
CA ARG F 173 0.78 27.35 -25.80
C ARG F 173 0.52 26.65 -27.10
N ALA F 174 1.39 25.71 -27.46
CA ALA F 174 1.21 24.93 -28.70
C ALA F 174 0.04 23.96 -28.56
N MET F 175 -0.50 23.50 -29.67
CA MET F 175 -1.67 22.62 -29.64
C MET F 175 -1.79 21.77 -30.89
N PRO F 176 -2.60 20.72 -30.86
CA PRO F 176 -2.75 19.95 -32.10
C PRO F 176 -3.44 20.75 -33.20
N ALA F 177 -3.03 20.53 -34.43
CA ALA F 177 -3.76 20.98 -35.63
C ALA F 177 -3.63 22.46 -36.02
N TYR F 178 -3.67 23.37 -35.07
CA TYR F 178 -3.51 24.80 -35.39
C TYR F 178 -2.11 25.06 -35.99
N ASN F 179 -1.14 24.23 -35.60
CA ASN F 179 0.19 24.22 -36.22
C ASN F 179 0.74 25.59 -36.64
N TRP F 180 0.97 25.82 -37.93
CA TRP F 180 1.62 27.04 -38.38
C TRP F 180 0.74 28.25 -38.28
N MET F 181 -0.57 28.07 -38.09
CA MET F 181 -1.42 29.25 -37.84
C MET F 181 -1.16 29.78 -36.42
N THR F 182 -0.81 28.90 -35.50
CA THR F 182 -0.38 29.28 -34.15
C THR F 182 0.80 30.25 -34.24
N VAL F 183 1.74 29.93 -35.11
CA VAL F 183 2.91 30.77 -35.31
C VAL F 183 2.52 32.11 -35.90
N ALA F 184 1.62 32.11 -36.87
CA ALA F 184 1.10 33.34 -37.43
C ALA F 184 0.42 34.19 -36.36
N LYS F 185 -0.36 33.58 -35.45
CA LYS F 185 -1.01 34.33 -34.42
C LYS F 185 0.00 34.88 -33.39
N SER F 186 1.06 34.14 -33.10
CA SER F 186 2.10 34.64 -32.21
C SER F 186 2.74 35.87 -32.85
N ALA F 187 2.92 35.82 -34.16
CA ALA F 187 3.44 36.96 -34.89
C ALA F 187 2.45 38.11 -34.82
N LEU F 188 1.17 37.84 -35.01
CA LEU F 188 0.16 38.88 -34.96
C LEU F 188 0.13 39.65 -33.63
N GLU F 189 0.22 38.93 -32.52
CA GLU F 189 0.27 39.55 -31.22
C GLU F 189 1.45 40.55 -31.12
N SER F 190 2.58 40.19 -31.69
CA SER F 190 3.75 41.04 -31.69
C SER F 190 3.52 42.26 -32.61
N VAL F 191 2.94 42.05 -33.76
CA VAL F 191 2.63 43.13 -34.65
C VAL F 191 1.65 44.10 -34.02
N ASN F 192 0.64 43.58 -33.34
CA ASN F 192 -0.37 44.44 -32.70
C ASN F 192 0.27 45.44 -31.75
N ARG F 193 1.26 45.00 -30.98
CA ARG F 193 1.96 45.90 -30.06
C ARG F 193 2.73 47.03 -30.74
N PHE F 194 3.31 46.77 -31.91
CA PHE F 194 4.01 47.81 -32.73
C PHE F 194 3.03 48.73 -33.43
N VAL F 195 1.91 48.19 -33.85
CA VAL F 195 0.87 49.01 -34.46
C VAL F 195 0.32 49.99 -33.42
N ALA F 196 0.25 49.57 -32.17
CA ALA F 196 -0.23 50.42 -31.09
C ALA F 196 0.62 51.65 -30.95
N ARG F 197 1.93 51.51 -31.12
CA ARG F 197 2.87 52.64 -31.04
C ARG F 197 2.61 53.64 -32.13
N GLU F 198 2.37 53.15 -33.33
CA GLU F 198 2.14 54.02 -34.47
C GLU F 198 0.80 54.66 -34.31
N ALA F 199 -0.20 53.84 -33.98
CA ALA F 199 -1.58 54.31 -33.83
C ALA F 199 -1.70 55.35 -32.73
N GLY F 200 -0.91 55.18 -31.68
CA GLY F 200 -0.84 56.16 -30.58
C GLY F 200 -0.63 57.60 -31.01
N LYS F 201 0.21 57.81 -32.02
CA LYS F 201 0.50 59.16 -32.51
C LYS F 201 -0.71 59.80 -33.15
N TYR F 202 -1.70 59.02 -33.58
CA TYR F 202 -2.98 59.54 -34.11
C TYR F 202 -4.13 59.58 -33.07
N GLY F 203 -3.82 59.23 -31.81
CA GLY F 203 -4.82 59.08 -30.76
C GLY F 203 -5.71 57.86 -30.98
N VAL F 204 -5.09 56.80 -31.46
CA VAL F 204 -5.82 55.60 -31.87
C VAL F 204 -5.26 54.35 -31.16
N ARG F 205 -6.19 53.51 -30.74
CA ARG F 205 -5.91 52.31 -29.99
C ARG F 205 -5.86 51.15 -30.96
N SER F 206 -5.00 50.17 -30.66
CA SER F 206 -4.91 48.94 -31.44
C SER F 206 -4.94 47.75 -30.47
N ASN F 207 -5.90 46.84 -30.66
CA ASN F 207 -6.03 45.70 -29.78
C ASN F 207 -6.49 44.47 -30.53
N LEU F 208 -6.31 43.30 -29.91
CA LEU F 208 -6.79 42.04 -30.46
C LEU F 208 -7.83 41.45 -29.58
N VAL F 209 -8.75 40.69 -30.16
CA VAL F 209 -9.67 39.88 -29.39
C VAL F 209 -9.27 38.45 -29.62
N ALA F 210 -8.85 37.78 -28.55
CA ALA F 210 -8.61 36.37 -28.57
C ALA F 210 -9.95 35.68 -28.38
N ALA F 211 -10.57 35.23 -29.46
CA ALA F 211 -11.88 34.57 -29.36
C ALA F 211 -11.70 33.11 -29.12
N GLY F 212 -12.67 32.53 -28.45
CA GLY F 212 -12.82 31.06 -28.41
C GLY F 212 -13.23 30.57 -29.78
N PRO F 213 -13.36 29.25 -29.94
CA PRO F 213 -13.69 28.71 -31.25
C PRO F 213 -15.14 29.00 -31.68
N ILE F 214 -15.28 29.41 -32.93
CA ILE F 214 -16.56 29.74 -33.56
C ILE F 214 -16.63 28.99 -34.86
N ARG F 215 -17.78 28.35 -35.06
CA ARG F 215 -17.98 27.54 -36.25
C ARG F 215 -18.18 28.48 -37.47
N THR F 216 -17.08 28.65 -38.20
CA THR F 216 -17.02 29.47 -39.40
C THR F 216 -16.53 28.67 -40.57
N LEU F 217 -16.59 29.28 -41.77
CA LEU F 217 -16.07 28.61 -42.95
C LEU F 217 -14.62 28.11 -42.78
N ALA F 218 -13.75 29.03 -42.35
CA ALA F 218 -12.35 28.70 -42.14
C ALA F 218 -12.15 27.56 -41.15
N MET F 219 -12.93 27.56 -40.09
CA MET F 219 -12.77 26.55 -39.06
C MET F 219 -13.03 25.19 -39.60
N SER F 220 -14.09 25.08 -40.41
CA SER F 220 -14.57 23.77 -40.80
C SER F 220 -13.86 23.26 -42.05
N ALA F 221 -13.67 24.16 -43.00
CA ALA F 221 -13.12 23.76 -44.30
C ALA F 221 -11.63 23.85 -44.34
N ILE F 222 -11.06 24.95 -43.86
CA ILE F 222 -9.59 25.01 -43.78
C ILE F 222 -9.05 24.15 -42.66
N VAL F 223 -9.51 24.35 -41.42
CA VAL F 223 -8.86 23.67 -40.29
C VAL F 223 -9.26 22.20 -40.25
N GLY F 224 -10.57 21.95 -40.10
CA GLY F 224 -11.14 20.58 -40.18
C GLY F 224 -10.83 19.81 -41.46
N GLY F 225 -10.84 20.55 -42.57
CA GLY F 225 -10.34 20.02 -43.86
C GLY F 225 -8.96 19.41 -43.82
N ALA F 226 -8.05 20.04 -43.06
CA ALA F 226 -6.68 19.57 -42.93
C ALA F 226 -6.55 18.33 -42.06
N LEU F 227 -7.60 18.01 -41.29
CA LEU F 227 -7.65 16.70 -40.55
C LEU F 227 -8.30 15.55 -41.39
N GLY F 228 -8.87 15.93 -42.52
CA GLY F 228 -9.88 15.21 -43.27
C GLY F 228 -10.60 14.14 -42.49
N GLU F 229 -9.97 12.97 -42.47
CA GLU F 229 -10.61 11.83 -41.79
C GLU F 229 -10.68 12.00 -40.27
N GLU F 230 -9.66 12.63 -39.69
CA GLU F 230 -9.58 12.89 -38.27
C GLU F 230 -10.52 14.01 -37.69
N ALA F 231 -11.28 14.67 -38.58
CA ALA F 231 -12.12 15.82 -38.22
C ALA F 231 -13.02 15.74 -36.93
N GLY F 232 -13.43 14.55 -36.48
CA GLY F 232 -14.03 14.41 -35.13
C GLY F 232 -13.11 14.87 -33.99
N ALA F 233 -11.81 14.55 -34.12
CA ALA F 233 -10.79 14.92 -33.17
C ALA F 233 -10.83 16.42 -32.89
N GLN F 234 -10.90 17.23 -33.93
CA GLN F 234 -11.01 18.67 -33.78
C GLN F 234 -12.13 19.10 -32.85
N ILE F 235 -13.33 18.59 -33.09
CA ILE F 235 -14.47 18.99 -32.24
C ILE F 235 -14.27 18.57 -30.79
N GLN F 236 -13.61 17.47 -30.56
CA GLN F 236 -13.36 17.04 -29.20
C GLN F 236 -12.35 17.96 -28.49
N LEU F 237 -11.22 18.22 -29.14
CA LEU F 237 -10.23 19.15 -28.61
C LEU F 237 -10.85 20.50 -28.27
N LEU F 238 -11.71 21.01 -29.14
CA LEU F 238 -12.30 22.27 -28.85
C LEU F 238 -13.21 22.25 -27.67
N GLU F 239 -14.02 21.22 -27.52
CA GLU F 239 -14.91 21.12 -26.35
C GLU F 239 -14.09 20.99 -25.08
N GLU F 240 -12.97 20.28 -25.18
CA GLU F 240 -12.08 20.04 -24.06
C GLU F 240 -11.37 21.33 -23.63
N GLY F 241 -10.75 22.02 -24.60
CA GLY F 241 -9.99 23.24 -24.34
C GLY F 241 -10.79 24.49 -23.94
N TRP F 242 -12.06 24.57 -24.36
CA TRP F 242 -12.93 25.74 -24.13
C TRP F 242 -14.17 25.52 -23.24
N ASP F 243 -15.21 24.80 -23.65
CA ASP F 243 -16.45 24.76 -22.85
C ASP F 243 -16.21 24.11 -21.47
N GLN F 244 -15.43 23.05 -21.44
CA GLN F 244 -15.13 22.38 -20.19
C GLN F 244 -14.32 23.24 -19.22
N ARG F 245 -13.32 23.94 -19.75
CA ARG F 245 -12.51 24.86 -18.98
C ARG F 245 -13.19 26.20 -18.64
N ALA F 246 -14.06 26.70 -19.52
CA ALA F 246 -14.75 27.98 -19.33
C ALA F 246 -15.72 27.97 -18.14
N PRO F 247 -15.48 28.80 -17.12
CA PRO F 247 -16.42 28.91 -16.01
C PRO F 247 -17.83 29.32 -16.36
N ILE F 248 -18.01 30.01 -17.49
CA ILE F 248 -19.35 30.44 -17.96
C ILE F 248 -19.79 29.72 -19.22
N GLY F 249 -19.03 28.69 -19.60
CA GLY F 249 -19.34 27.88 -20.77
C GLY F 249 -18.90 28.51 -22.07
N TRP F 250 -18.92 27.73 -23.13
CA TRP F 250 -18.61 28.25 -24.44
C TRP F 250 -19.41 27.53 -25.49
N ASN F 251 -20.07 28.30 -26.33
CA ASN F 251 -20.90 27.81 -27.42
C ASN F 251 -20.37 28.22 -28.82
N MET F 252 -19.84 27.26 -29.55
CA MET F 252 -19.22 27.52 -30.84
C MET F 252 -20.18 28.04 -31.92
N LYS F 253 -21.47 27.87 -31.72
CA LYS F 253 -22.41 28.31 -32.70
C LYS F 253 -22.95 29.67 -32.41
N ASP F 254 -22.38 30.37 -31.46
CA ASP F 254 -22.81 31.71 -31.07
C ASP F 254 -21.68 32.70 -31.11
N ALA F 255 -21.58 33.45 -32.20
CA ALA F 255 -20.58 34.49 -32.36
C ALA F 255 -20.93 35.80 -31.66
N THR F 256 -22.16 35.95 -31.18
CA THR F 256 -22.55 37.22 -30.56
C THR F 256 -21.58 37.69 -29.44
N PRO F 257 -21.25 36.84 -28.45
CA PRO F 257 -20.31 37.28 -27.42
C PRO F 257 -18.97 37.80 -27.95
N VAL F 258 -18.48 37.21 -29.03
CA VAL F 258 -17.23 37.70 -29.63
C VAL F 258 -17.48 39.04 -30.30
N ALA F 259 -18.55 39.13 -31.08
CA ALA F 259 -18.90 40.36 -31.76
C ALA F 259 -19.09 41.54 -30.77
N LYS F 260 -19.71 41.27 -29.63
CA LYS F 260 -19.95 42.32 -28.64
C LYS F 260 -18.64 42.79 -28.02
N THR F 261 -17.76 41.84 -27.74
CA THR F 261 -16.44 42.14 -27.21
C THR F 261 -15.71 43.08 -28.17
N VAL F 262 -15.77 42.79 -29.48
CA VAL F 262 -15.15 43.66 -30.49
C VAL F 262 -15.79 45.05 -30.49
N CYS F 263 -17.11 45.11 -30.43
CA CYS F 263 -17.79 46.41 -30.38
C CYS F 263 -17.40 47.24 -29.12
N ALA F 264 -17.12 46.57 -28.00
CA ALA F 264 -16.70 47.24 -26.80
C ALA F 264 -15.39 47.96 -27.01
N LEU F 265 -14.49 47.34 -27.78
CA LEU F 265 -13.20 47.95 -28.08
C LEU F 265 -13.28 49.06 -29.13
N LEU F 266 -14.28 48.99 -30.01
CA LEU F 266 -14.55 50.06 -30.97
C LEU F 266 -15.22 51.28 -30.30
N SER F 267 -15.87 51.02 -29.17
CA SER F 267 -16.53 52.05 -28.41
C SER F 267 -15.54 52.87 -27.61
N ASP F 268 -16.11 53.87 -26.94
CA ASP F 268 -15.35 54.72 -25.99
C ASP F 268 -15.16 54.13 -24.57
N TRP F 269 -15.51 52.87 -24.37
CA TRP F 269 -15.62 52.30 -23.03
C TRP F 269 -14.45 51.45 -22.62
N LEU F 270 -13.44 51.37 -23.48
CA LEU F 270 -12.17 50.78 -23.12
C LEU F 270 -11.10 51.73 -23.65
N PRO F 271 -11.13 52.98 -23.14
CA PRO F 271 -10.25 54.03 -23.63
C PRO F 271 -8.81 53.98 -23.14
N ALA F 272 -8.50 53.05 -22.22
CA ALA F 272 -7.18 53.04 -21.64
C ALA F 272 -6.40 51.82 -22.04
N THR F 273 -6.93 51.07 -23.01
CA THR F 273 -6.42 49.78 -23.39
C THR F 273 -5.89 49.84 -24.81
N THR F 274 -4.61 49.51 -24.99
CA THR F 274 -3.97 49.46 -26.30
C THR F 274 -2.71 48.56 -26.30
N GLY F 275 -2.40 48.00 -27.46
CA GLY F 275 -1.33 47.03 -27.62
C GLY F 275 -1.65 45.70 -26.97
N ASP F 276 -2.93 45.47 -26.73
CA ASP F 276 -3.37 44.48 -25.76
C ASP F 276 -4.28 43.42 -26.40
N ILE F 277 -4.62 42.42 -25.61
CA ILE F 277 -5.42 41.29 -26.00
C ILE F 277 -6.54 41.12 -24.98
N ILE F 278 -7.77 41.23 -25.46
CA ILE F 278 -8.96 40.91 -24.68
C ILE F 278 -9.40 39.49 -25.02
N TYR F 279 -9.58 38.65 -24.00
CA TYR F 279 -10.00 37.29 -24.19
C TYR F 279 -11.51 37.21 -24.11
N ALA F 280 -12.11 36.86 -25.26
CA ALA F 280 -13.53 36.51 -25.34
C ALA F 280 -13.63 34.99 -25.57
N ASP F 281 -13.37 34.24 -24.51
CA ASP F 281 -13.26 32.78 -24.61
C ASP F 281 -13.99 32.05 -23.50
N GLY F 282 -14.96 32.70 -22.87
CA GLY F 282 -15.62 32.14 -21.70
C GLY F 282 -14.73 31.98 -20.46
N GLY F 283 -13.52 32.51 -20.53
CA GLY F 283 -12.58 32.42 -19.44
C GLY F 283 -11.75 31.19 -19.51
N ALA F 284 -11.84 30.47 -20.61
CA ALA F 284 -11.16 29.19 -20.70
C ALA F 284 -9.65 29.28 -20.46
N HIS F 285 -9.02 30.36 -20.90
CA HIS F 285 -7.59 30.51 -20.82
C HIS F 285 -7.05 30.75 -19.39
N THR F 286 -7.94 30.99 -18.44
CA THR F 286 -7.58 31.23 -17.04
C THR F 286 -7.71 29.98 -16.17
N GLN F 287 -8.23 28.91 -16.75
CA GLN F 287 -8.41 27.64 -16.05
C GLN F 287 -7.58 26.51 -16.74
N LEU F 288 -6.88 25.71 -15.96
CA LEU F 288 -6.00 24.68 -16.46
C LEU F 288 -6.77 23.44 -16.89
N LEU F 289 -7.78 23.04 -16.11
CA LEU F 289 -8.72 21.95 -16.43
C LEU F 289 -10.14 22.34 -16.00
PA NAD G . 13.62 -15.61 40.05
O1A NAD G . 12.95 -16.27 41.16
O2A NAD G . 14.22 -14.32 40.51
O5B NAD G . 14.71 -16.48 39.30
C5B NAD G . 14.79 -17.94 39.19
C4B NAD G . 13.92 -18.75 40.12
O4B NAD G . 13.93 -20.14 39.69
C3B NAD G . 14.39 -18.80 41.58
O3B NAD G . 13.31 -18.94 42.49
C2B NAD G . 15.23 -20.07 41.62
O2B NAD G . 15.30 -20.49 42.98
C1B NAD G . 14.38 -20.97 40.74
N9A NAD G . 15.06 -22.13 40.17
C8A NAD G . 16.05 -22.15 39.22
N7A NAD G . 16.51 -23.34 38.95
C5A NAD G . 15.78 -24.18 39.77
C6A NAD G . 15.78 -25.57 39.96
N6A NAD G . 16.66 -26.39 39.40
N1A NAD G . 14.87 -26.08 40.80
C2A NAD G . 14.03 -25.25 41.44
N3A NAD G . 13.97 -23.92 41.39
C4A NAD G . 14.87 -23.44 40.52
O3 NAD G . 12.68 -15.16 38.97
PN NAD G . 11.34 -14.54 38.34
O1N NAD G . 11.86 -13.53 37.40
O2N NAD G . 10.39 -14.14 39.40
O5D NAD G . 10.86 -15.76 37.42
C5D NAD G . 9.91 -16.77 37.83
C4D NAD G . 9.23 -17.44 36.64
O4D NAD G . 8.53 -16.44 35.87
C3D NAD G . 10.15 -18.12 35.63
O3D NAD G . 9.47 -19.20 34.99
C2D NAD G . 10.47 -16.97 34.67
O2D NAD G . 10.92 -17.42 33.41
C1D NAD G . 9.00 -16.43 34.58
N1N NAD G . 8.76 -14.97 34.14
C2N NAD G . 9.48 -13.90 34.66
C3N NAD G . 9.16 -12.61 34.29
C7N NAD G . 9.96 -11.39 34.72
O7N NAD G . 10.01 -10.39 33.98
N7N NAD G . 10.61 -11.43 35.87
C4N NAD G . 8.09 -12.42 33.40
C5N NAD G . 7.42 -13.52 32.89
C6N NAD G . 7.77 -14.77 33.25
CAK XT5 H . 15.09 -8.77 26.91
CAL XT5 H . 14.09 -9.59 26.31
CAW XT5 H . 14.75 -10.04 27.48
CAT XT5 H . 13.90 -10.06 28.70
CAJ XT5 H . 12.86 -10.82 28.97
NAN XT5 H . 14.07 -9.27 29.71
NAO XT5 H . 13.27 -9.52 30.48
NAX XT5 H . 12.49 -10.42 30.17
CAM XT5 H . 11.39 -10.78 31.11
CAR XT5 H . 11.78 -11.91 31.86
CAI XT5 H . 11.46 -13.21 31.43
CAS XT5 H . 11.85 -14.31 32.17
OAB XT5 H . 11.60 -15.57 31.78
CAG XT5 H . 12.49 -11.76 33.05
CAH XT5 H . 12.88 -12.87 33.80
CAV XT5 H . 12.57 -14.13 33.35
OAP XT5 H . 12.97 -15.23 34.03
CAU XT5 H . 14.12 -15.87 33.60
CAF XT5 H . 14.82 -15.53 32.44
CAD XT5 H . 15.95 -16.21 32.06
CAC XT5 H . 16.44 -17.28 32.82
CAE XT5 H . 15.75 -17.66 33.96
CAQ XT5 H . 14.59 -16.96 34.37
CAA XT5 H . 13.95 -17.37 35.55
CAK XT5 I . 22.24 -15.95 44.06
CAL XT5 I . 21.29 -16.87 44.61
CAW XT5 I . 22.15 -16.11 45.44
CAT XT5 I . 21.59 -14.90 46.24
CAJ XT5 I . 20.33 -14.52 46.40
NAN XT5 I . 22.38 -14.07 46.90
NAO XT5 I . 21.63 -13.25 47.44
NAX XT5 I . 20.44 -13.46 47.19
CAM XT5 I . 19.47 -12.62 47.72
CAR XT5 I . 19.39 -11.43 46.91
CAI XT5 I . 18.54 -10.43 47.40
CAS XT5 I . 18.35 -9.23 46.71
OAB XT5 I . 17.54 -8.23 47.22
CAG XT5 I . 20.04 -11.23 45.67
CAH XT5 I . 19.85 -10.02 44.98
CAV XT5 I . 19.01 -9.01 45.49
OAP XT5 I . 18.76 -7.77 44.89
CAU XT5 I . 18.68 -7.78 43.53
CAF XT5 I . 17.51 -8.22 42.91
CAD XT5 I . 17.47 -8.20 41.52
CAC XT5 I . 18.60 -7.78 40.77
CAE XT5 I . 19.78 -7.34 41.40
CAQ XT5 I . 19.81 -7.35 42.80
CAA XT5 I . 20.97 -6.90 43.38
CL CL J . 25.08 -11.03 27.71
CL CL K . 11.51 -0.07 35.91
CL CL L . 21.95 -20.77 51.79
PA NAD M . 11.22 -40.47 7.93
O1A NAD M . 10.96 -41.11 6.64
O2A NAD M . 11.58 -41.33 9.19
O5B NAD M . 12.42 -39.43 7.91
C5B NAD M . 12.87 -38.87 9.15
C4B NAD M . 14.34 -38.72 8.94
O4B NAD M . 14.97 -38.36 10.19
C3B NAD M . 15.08 -39.96 8.43
O3B NAD M . 15.51 -39.72 7.10
C2B NAD M . 16.27 -40.13 9.41
O2B NAD M . 17.48 -40.45 8.74
C1B NAD M . 16.32 -38.74 10.04
N9A NAD M . 17.00 -38.61 11.32
C8A NAD M . 16.62 -39.04 12.56
N7A NAD M . 17.50 -38.80 13.50
C5A NAD M . 18.54 -38.17 12.83
C6A NAD M . 19.82 -37.75 13.24
N6A NAD M . 20.30 -37.96 14.46
N1A NAD M . 20.61 -37.17 12.31
C2A NAD M . 20.16 -37.06 11.05
N3A NAD M . 19.01 -37.47 10.54
C4A NAD M . 18.24 -38.04 11.49
O3 NAD M . 10.07 -39.44 8.26
PN NAD M . 9.19 -38.18 7.81
O1N NAD M . 7.81 -38.45 8.27
O2N NAD M . 9.43 -37.90 6.38
O5D NAD M . 9.84 -37.07 8.73
C5D NAD M . 10.53 -36.00 8.07
C4D NAD M . 10.23 -34.74 8.82
O4D NAD M . 8.85 -34.42 8.58
C3D NAD M . 10.37 -34.82 10.34
O3D NAD M . 10.76 -33.57 10.88
C2D NAD M . 8.96 -35.21 10.77
O2D NAD M . 8.71 -34.84 12.13
C1D NAD M . 8.27 -34.19 9.80
N1N NAD M . 6.80 -34.33 9.54
C2N NAD M . 6.35 -35.55 9.15
C3N NAD M . 5.00 -35.75 8.91
C7N NAD M . 4.50 -37.16 8.54
O7N NAD M . 3.31 -37.38 8.55
N7N NAD M . 5.38 -38.08 8.18
C4N NAD M . 4.14 -34.68 9.06
C5N NAD M . 4.62 -33.45 9.45
C6N NAD M . 5.97 -33.30 9.70
CAK XT5 N . -0.37 -39.67 16.08
CAL XT5 N . -1.49 -38.88 15.92
CAW XT5 N . -0.15 -38.26 15.77
CAT XT5 N . 0.29 -38.11 14.36
CAJ XT5 N . 1.25 -37.34 13.88
NAN XT5 N . -0.23 -38.74 13.36
NAO XT5 N . 0.35 -38.35 12.33
NAX XT5 N . 1.25 -37.56 12.58
CAM XT5 N . 2.11 -36.93 11.59
CAR XT5 N . 3.50 -37.19 11.78
CAI XT5 N . 4.33 -36.20 12.37
CAS XT5 N . 5.70 -36.41 12.54
OAB XT5 N . 6.52 -35.46 13.13
CAG XT5 N . 4.07 -38.39 11.34
CAH XT5 N . 5.42 -38.61 11.47
CAV XT5 N . 6.22 -37.63 12.06
OAP XT5 N . 7.55 -37.85 12.18
CAU XT5 N . 8.11 -38.18 13.37
CAF XT5 N . 7.39 -38.34 14.57
CAD XT5 N . 8.04 -38.67 15.73
CAC XT5 N . 9.42 -38.84 15.73
CAE XT5 N . 10.12 -38.66 14.53
CAQ XT5 N . 9.50 -38.33 13.34
CAA XT5 N . 10.30 -38.18 12.18
CL CL O . 30.39 -37.61 3.51
NA NA P . -13.19 -32.55 3.27
PA NAD Q . -5.62 0.68 -4.32
O1A NAD Q . -4.69 0.86 -5.47
O2A NAD Q . -6.18 1.91 -3.64
O5B NAD Q . -6.82 -0.14 -4.76
C5B NAD Q . -8.06 -0.16 -4.06
C4B NAD Q . -8.98 -0.79 -5.05
O4B NAD Q . -10.29 -0.99 -4.47
C3B NAD Q . -9.18 0.05 -6.33
O3B NAD Q . -8.84 -0.69 -7.50
C2B NAD Q . -10.68 0.38 -6.32
O2B NAD Q . -11.13 0.51 -7.67
C1B NAD Q . -11.19 -0.84 -5.54
N9A NAD Q . -12.55 -0.76 -5.03
C8A NAD Q . -13.05 0.06 -4.06
N7A NAD Q . -14.35 -0.05 -3.90
C5A NAD Q . -14.72 -1.01 -4.82
C6A NAD Q . -15.96 -1.57 -5.16
N6A NAD Q . -17.11 -1.20 -4.61
N1A NAD Q . -15.98 -2.52 -6.12
C2A NAD Q . -14.83 -2.89 -6.69
N3A NAD Q . -13.60 -2.41 -6.46
C4A NAD Q . -13.61 -1.47 -5.52
O3 NAD Q . -5.09 -0.10 -3.17
PN NAD Q . -4.22 -1.34 -2.69
O1N NAD Q . -3.36 -0.83 -1.62
O2N NAD Q . -3.65 -1.97 -3.91
O5D NAD Q . -5.35 -2.28 -2.03
C5D NAD Q . -5.58 -3.63 -2.54
C4D NAD Q . -6.00 -4.59 -1.46
O4D NAD Q . -4.86 -4.92 -0.63
C3D NAD Q . -7.04 -4.06 -0.47
O3D NAD Q . -7.83 -5.09 0.06
C2D NAD Q . -6.16 -3.45 0.61
O2D NAD Q . -6.82 -3.50 1.87
C1D NAD Q . -5.11 -4.54 0.66
N1N NAD Q . -3.78 -4.15 1.34
C2N NAD Q . -3.13 -2.91 1.18
C3N NAD Q . -1.93 -2.66 1.84
C7N NAD Q . -1.09 -1.44 1.55
O7N NAD Q . -0.22 -1.11 2.35
N7N NAD Q . -1.29 -0.79 0.44
C4N NAD Q . -1.42 -3.63 2.68
C5N NAD Q . -2.08 -4.84 2.82
C6N NAD Q . -3.24 -5.09 2.14
CAK XT5 R . -1.32 3.43 9.44
CAL XT5 R . -1.20 2.19 10.08
CAW XT5 R . -2.12 2.35 9.01
CAT XT5 R . -1.78 1.78 7.66
CAJ XT5 R . -1.97 0.58 7.26
NAN XT5 R . -1.24 2.39 6.65
NAO XT5 R . -1.16 1.55 5.78
NAX XT5 R . -1.52 0.58 6.03
CAM XT5 R . -1.52 -0.54 5.21
CAR XT5 R . -2.64 -0.51 4.36
CAI XT5 R . -3.66 -1.47 4.46
CAS XT5 R . -4.77 -1.43 3.60
OAB XT5 R . -5.78 -2.37 3.72
CAG XT5 R . -2.75 0.47 3.35
CAH XT5 R . -3.83 0.50 2.47
CAV XT5 R . -4.85 -0.44 2.59
OAP XT5 R . -5.91 -0.43 1.76
CAU XT5 R . -6.98 0.33 2.13
CAF XT5 R . -7.07 1.01 3.35
CAD XT5 R . -8.20 1.76 3.67
CAC XT5 R . -9.24 1.83 2.76
CAE XT5 R . -9.14 1.17 1.55
CAQ XT5 R . -8.03 0.41 1.22
CAA XT5 R . -7.99 -0.22 -0.02
PA NAD S . -29.90 -15.13 24.59
O1A NAD S . -30.52 -15.73 25.79
O2A NAD S . -30.51 -15.27 23.18
O5B NAD S . -29.43 -13.63 24.75
C5B NAD S . -29.11 -12.87 23.58
C4B NAD S . -29.59 -11.48 23.91
O4B NAD S . -29.41 -10.60 22.79
C3B NAD S . -31.07 -11.39 24.30
O3B NAD S . -31.20 -10.99 25.66
C2B NAD S . -31.63 -10.33 23.35
O2B NAD S . -32.58 -9.46 23.97
C1B NAD S . -30.36 -9.59 22.99
N9A NAD S . -30.45 -8.74 21.82
C8A NAD S . -30.69 -9.08 20.52
N7A NAD S . -30.88 -8.07 19.72
C5A NAD S . -30.73 -6.97 20.54
C6A NAD S . -30.80 -5.58 20.30
N6A NAD S . -31.09 -5.07 19.10
N1A NAD S . -30.58 -4.75 21.34
C2A NAD S . -30.31 -5.28 22.54
N3A NAD S . -30.24 -6.56 22.90
C4A NAD S . -30.45 -7.36 21.84
O3 NAD S . -28.59 -15.76 24.35
PN NAD S . -27.16 -16.24 24.85
O1N NAD S . -26.90 -17.52 24.17
O2N NAD S . -27.17 -16.17 26.32
O5D NAD S . -26.32 -15.10 24.14
C5D NAD S . -25.63 -14.04 24.87
C4D NAD S . -24.29 -13.72 24.25
O4D NAD S . -23.43 -14.87 24.36
C3D NAD S . -24.32 -13.37 22.77
O3D NAD S . -23.27 -12.48 22.42
C2D NAD S . -24.09 -14.73 22.11
O2D NAD S . -23.49 -14.61 20.84
C1D NAD S . -23.00 -15.17 23.12
N1N NAD S . -22.62 -16.66 23.19
C2N NAD S . -23.58 -17.63 23.33
C3N NAD S . -23.18 -18.95 23.50
C7N NAD S . -24.13 -20.05 23.74
O7N NAD S . -23.75 -21.18 23.71
N7N NAD S . -25.37 -19.75 23.96
C4N NAD S . -21.82 -19.25 23.52
C5N NAD S . -20.89 -18.25 23.36
C6N NAD S . -21.32 -16.97 23.19
CAK XT5 T . -23.77 -24.87 15.44
CAL XT5 T . -22.52 -25.27 15.77
CAW XT5 T . -22.85 -23.83 16.05
CAT XT5 T . -23.24 -23.53 17.48
CAJ XT5 T . -22.74 -22.60 18.26
NAN XT5 T . -24.11 -24.16 18.20
NAO XT5 T . -24.14 -23.68 19.23
NAX XT5 T . -23.40 -22.76 19.37
CAM XT5 T . -23.21 -21.98 20.58
CAR XT5 T . -23.77 -20.67 20.48
CAI XT5 T . -23.01 -19.54 20.16
CAS XT5 T . -23.60 -18.28 20.12
OAB XT5 T . -22.86 -17.19 19.79
CAG XT5 T . -25.12 -20.48 20.80
CAH XT5 T . -25.72 -19.24 20.78
CAV XT5 T . -24.96 -18.17 20.43
OAP XT5 T . -25.55 -16.97 20.39
CAU XT5 T . -26.13 -16.53 19.26
CAF XT5 T . -25.84 -17.10 18.03
CAD XT5 T . -26.46 -16.58 16.91
CAC XT5 T . -27.33 -15.51 16.96
CAE XT5 T . -27.62 -14.95 18.19
CAQ XT5 T . -27.01 -15.42 19.35
CAA XT5 T . -27.39 -14.77 20.54
CL CL U . -18.58 -23.52 38.64
CL CL V . -8.66 -34.45 26.47
PA NAD W . 26.04 37.22 -35.12
O1A NAD W . 26.97 36.08 -34.96
O2A NAD W . 26.70 38.59 -34.98
O5B NAD W . 25.20 37.25 -36.50
C5B NAD W . 24.10 36.36 -36.78
C4B NAD W . 24.54 35.01 -37.28
O4B NAD W . 23.52 34.48 -38.15
C3B NAD W . 25.84 34.96 -38.10
O3B NAD W . 26.69 33.92 -37.64
C2B NAD W . 25.35 34.68 -39.50
O2B NAD W . 26.23 33.89 -40.28
C1B NAD W . 24.16 33.82 -39.20
N9A NAD W . 23.25 33.68 -40.31
C8A NAD W . 22.52 34.66 -40.92
N7A NAD W . 21.80 34.25 -41.93
C5A NAD W . 22.08 32.89 -42.00
C6A NAD W . 21.70 31.90 -42.91
N6A NAD W . 20.96 32.13 -44.01
N1A NAD W . 22.16 30.65 -42.70
C2A NAD W . 22.97 30.44 -41.65
N3A NAD W . 23.44 31.30 -40.76
C4A NAD W . 22.96 32.53 -40.99
O3 NAD W . 25.01 37.37 -33.99
PN NAD W . 24.59 37.08 -32.48
O1N NAD W . 24.46 38.41 -31.86
O2N NAD W . 25.60 36.14 -31.97
O5D NAD W . 23.14 36.44 -32.64
C5D NAD W . 22.99 35.00 -32.67
C4D NAD W . 21.60 34.62 -32.24
O4D NAD W . 21.36 35.22 -30.96
C3D NAD W . 20.50 35.16 -33.13
O3D NAD W . 19.43 34.22 -33.14
C2D NAD W . 20.15 36.48 -32.44
O2D NAD W . 18.79 36.86 -32.58
C1D NAD W . 20.22 35.97 -31.02
N1N NAD W . 20.34 37.02 -29.90
C2N NAD W . 21.27 38.05 -29.96
C3N NAD W . 21.41 38.92 -28.88
C7N NAD W . 22.45 40.03 -28.83
O7N NAD W . 22.33 40.91 -28.07
N7N NAD W . 23.47 39.96 -29.65
C4N NAD W . 20.60 38.74 -27.77
C5N NAD W . 19.67 37.71 -27.74
C6N NAD W . 19.56 36.86 -28.82
CAK XT5 X . 17.61 48.11 -30.26
CAL XT5 X . 17.12 47.90 -28.99
CAW XT5 X . 17.21 46.76 -29.92
CAT XT5 X . 18.41 45.81 -29.68
CAJ XT5 X . 18.37 44.52 -29.42
NAN XT5 X . 19.68 46.11 -29.62
NAO XT5 X . 20.30 45.14 -29.38
NAX XT5 X . 19.64 44.20 -29.28
CAM XT5 X . 20.13 42.91 -28.95
CAR XT5 X . 20.21 42.02 -30.08
CAI XT5 X . 19.21 41.08 -30.42
CAS XT5 X . 19.37 40.21 -31.54
OAB XT5 X . 18.41 39.30 -31.88
CAG XT5 X . 21.38 42.03 -30.84
CAH XT5 X . 21.57 41.17 -31.93
CAV XT5 X . 20.57 40.28 -32.30
OAP XT5 X . 20.78 39.48 -33.36
CAU XT5 X . 20.20 39.94 -34.52
CAF XT5 X . 19.38 41.05 -34.62
CAD XT5 X . 18.82 41.45 -35.81
CAC XT5 X . 19.08 40.72 -36.94
CAE XT5 X . 19.90 39.61 -36.84
CAQ XT5 X . 20.47 39.21 -35.65
CAA XT5 X . 21.30 38.10 -35.63
CL CL Y . 26.76 48.12 -31.13
CL CL Z . 30.37 21.40 -45.96
CL CL AA . 16.64 12.63 -15.01
PA NAD BA . -14.02 33.11 -42.20
O1A NAD BA . -15.50 33.02 -42.11
O2A NAD BA . -13.35 32.03 -43.13
O5B NAD BA . -13.25 34.46 -42.65
C5B NAD BA . -11.86 34.51 -43.02
C4B NAD BA . -11.80 35.77 -43.82
O4B NAD BA . -10.47 36.00 -44.30
C3B NAD BA . -12.72 35.78 -45.06
O3B NAD BA . -13.62 36.87 -45.01
C2B NAD BA . -11.74 35.91 -46.23
O2B NAD BA . -12.23 36.68 -47.34
C1B NAD BA . -10.60 36.64 -45.56
N9A NAD BA . -9.35 36.56 -46.29
C8A NAD BA . -8.59 35.46 -46.59
N7A NAD BA . -7.56 35.72 -47.36
C5A NAD BA . -7.65 37.09 -47.57
C6A NAD BA . -6.89 37.98 -48.34
N6A NAD BA . -5.82 37.62 -49.04
N1A NAD BA . -7.26 39.28 -48.35
C2A NAD BA . -8.33 39.65 -47.63
N3A NAD BA . -9.13 38.89 -46.89
C4A NAD BA . -8.74 37.62 -46.90
O3 NAD BA . -13.34 33.08 -40.83
PN NAD BA . -13.24 33.58 -39.33
O1N NAD BA . -13.39 32.39 -38.46
O2N NAD BA . -14.20 34.70 -39.22
O5D NAD BA . -11.76 34.15 -39.26
C5D NAD BA . -11.53 35.57 -39.19
C4D NAD BA . -10.49 35.88 -38.14
O4D NAD BA . -10.81 35.23 -36.88
C3D NAD BA . -9.08 35.38 -38.46
O3D NAD BA . -8.11 36.31 -38.01
C2D NAD BA . -9.04 34.08 -37.69
O2D NAD BA . -7.71 33.68 -37.47
C1D NAD BA . -9.67 34.69 -36.40
N1N NAD BA . -10.15 33.77 -35.34
C2N NAD BA . -11.03 32.77 -35.66
C3N NAD BA . -11.63 32.02 -34.67
C7N NAD BA . -12.62 30.91 -34.99
O7N NAD BA . -12.90 30.08 -34.15
N7N NAD BA . -13.19 30.90 -36.17
C4N NAD BA . -11.29 32.29 -33.35
C5N NAD BA . -10.37 33.29 -33.05
C6N NAD BA . -9.81 34.02 -34.06
CAK XT5 CA . -8.12 22.44 -33.67
CAL XT5 CA . -7.77 23.06 -32.51
CAW XT5 CA . -7.67 23.80 -33.74
CAT XT5 CA . -8.74 24.87 -34.02
CAJ XT5 CA . -8.66 26.13 -33.69
NAN XT5 CA . -9.91 24.74 -34.61
NAO XT5 CA . -10.43 25.79 -34.63
NAX XT5 CA . -9.81 26.62 -34.14
CAM XT5 CA . -10.22 27.97 -33.97
CAR XT5 CA . -9.94 28.73 -35.12
CAI XT5 CA . -8.91 29.68 -35.12
CAS XT5 CA . -8.70 30.41 -36.26
OAB XT5 CA . -7.69 31.30 -36.33
CAG XT5 CA . -10.75 28.57 -36.23
CAH XT5 CA . -10.53 29.31 -37.38
CAV XT5 CA . -9.50 30.22 -37.39
OAP XT5 CA . -9.25 30.96 -38.48
CAU XT5 CA . -8.50 30.50 -39.50
CAF XT5 CA . -7.67 29.42 -39.37
CAD XT5 CA . -6.93 29.05 -40.46
CAC XT5 CA . -7.02 29.75 -41.66
CAE XT5 CA . -7.84 30.85 -41.80
CAQ XT5 CA . -8.57 31.23 -40.71
CAA XT5 CA . -9.39 32.33 -40.91
CL CL DA . -8.31 32.34 -27.73
#